data_8EE6
#
_entry.id   8EE6
#
_cell.length_a   1.00
_cell.length_b   1.00
_cell.length_c   1.00
_cell.angle_alpha   90.00
_cell.angle_beta   90.00
_cell.angle_gamma   90.00
#
_symmetry.space_group_name_H-M   'P 1'
#
loop_
_entity.id
_entity.type
_entity.pdbx_description
1 polymer 'Phospholipid-transporting ATPase ABCA7'
2 branched beta-D-mannopyranose-(1-4)-2-acetamido-2-deoxy-beta-D-glucopyranose-(1-4)-2-acetamido-2-deoxy-beta-D-glucopyranose
3 branched beta-D-mannopyranose-(1-3)-beta-D-mannopyranose-(1-4)-2-acetamido-2-deoxy-beta-D-glucopyranose-(1-4)-2-acetamido-2-deoxy-beta-D-glucopyranose
4 non-polymer 2-acetamido-2-deoxy-beta-D-glucopyranose
5 non-polymer 'UNKNOWN LIGAND'
6 non-polymer 'PHOSPHOTHIOPHOSPHORIC ACID-ADENYLATE ESTER'
#
_entity_poly.entity_id   1
_entity_poly.type   'polypeptide(L)'
_entity_poly.pdbx_seq_one_letter_code
;MAFWTQLMLLLWKNFMYRRRQPVQLLVELLWPLFLFFILVAVRHSHPPLEHHECHFPNKPLPSAGTVPWLQGLICNVNNT
CFPQLTPGEEPGRLSNFNDSLVSRLLADARTVLGGASAHRTLAGLGKLIATLRAARSTAQPQPTKQSPLEPPMLDVAELL
TSLLRTESLGLALGQAQEPLHSLLEAAEDLAQELLALRSLVELRALLQRPRGTSGPLELLSEALCSVRGPSSTVGPSLNW
YEASDLMELVGQEPESALPDSSLSPACSELIGALDSHPLSRLLWRRLKPLILGKLLFAPDTPFTRKLMAQVNRTFEELTL
LRDVREVWEMLGPRIFTFMNDSSNVAMLQRLLQMQDEGRRQPRPGGRDHMEALRSFLDPGSGGYSWQDAHADVGHLVGTL
GRVTECLSLDKLEAAPSEAALVSRALQLLAEHRFWAGVVFLGPEDSSDPTEHPTPDLGPGHVRIKIRMDIDVVTRTNKIR
DRFWDPGPAADPLTDLRYVWGGFVYLQDLVERAAVRVLSGANPRAGLYLQQMPYPCYVDDVFLRVLSRSLPLFLTLAWIY
SVTLTVKAVVREKETRLRDTMRAMGLSRAVLWLGWFLSCLGPFLLSAALLVLVLKLGDILPYSHPGVVFLFLAAFAVATV
TQSFLLSAFFSRANLAAACGGLAYFSLYLPYVLCVAWRDRLPAGGRVAASLLSPVAFGFGCESLALLEEQGEGAQWHNVG
TRPTADVFSLAQVSGLLLLDAALYGLATWYLEAVCPGQYGIPEPWNFPFRRSYWCGPRPPKSPAPCPTPLDPKVLVEEAP
PGLSPGVSVRSLEKRFPGSPQPALRGLSLDFYQGHITAFLGHNGAGKTTTLSILSGLFPPSGGSAFILGHDVRSSMAAIR
PHLGVCPQYNVLFDMLTVDEHVWFYGRLKGLSAAVVGPEQDRLLQDVGLVSKQSVQTRHLSGGMQRKLSVAIAFVGGSQV
VILDEPTAGVDPASRRGIWELLLKYREGRTLILSTHHLDEAELLGDRVAVVAGGRLCCCGSPLFLRRHLGSGYYLTLVKA
RLPLTTNEKADTDMEGSVDTRQEKKNGSQGSRVGTPQLLALVQHWVPGARLVEELPHELVLVLPYTGAHDGSFATLFREL
DTRLAELRLTGYGISDTSLEEIFLKVVEECAADTDMEDGSCGQHLCTGIAGLDVTLRLKMPPQETALENGEPAGSAPETD
QGSGPDAVGRVQGWALTRQQLQALLLKRFLLARRSRRGLFAQIVLPALFVGLALVFSLIVPPFGHYPALRLSPTMYGAQV
SFFSEDAPGDPGRARLLEALLQEAGLEEPPVQHSSHRFSAPEVPAEVAKVLASGNWTPESPSPACQCSRPGARRLLPDCP
AAAGGPPPPQAVTGSGEVVQNLTGRNLSDFLVKTYPRLVRQGLKTKKWVNEVRYGGFSLGGRDPGLPSGQELGRSVEELW
ALLSPLPGGALDRVLKNLTAWAHSLDAQDSLKIWFNNKGWHSMVAFVNRASNAILRAHLPPGPARHAHSITTLNHPLNLT
KEQLSEGALMASSVDVLVSICVVFAMSFVPASFTLVLIEERVTRAKHLQLMGGLSPTLYWLGNFLWDMCNYLVPACIVVL
IFLAFQQRAYVAPANLPALLLLLLLYGWSITPLMYPASFFFSVPSTAYVVLTCINLFIGINGSMATFVLELFSDQKLQEV
SRILKQVFLIFPHFCLGRGLIDMVRNQAMADAFERLGDRQFQSPLRWEVVGKNLLAMVIQGPLFLLFTLLLQHRSQLLPQ
PRVRSLPLLGEEDEDVARERERVVQGATQGDVLVLRNLTKVYRGQRMPAVDRLCLGIPPGECFGLLGVNGAGKTSTFRMV
TGDTLASRGEAVLAGHSVAREPSAAHLSMGYCPQSDAIFELLTGREHLELLARLRGVPEAQVAQTAGSGLARLGLSWYAD
RPAGTYSGGNKRKLATALALVGDPAVVFLDEPTTGMDPSARRFLWNSLLAVVREGRSVMLTSHSMEECEALCSRLAIMVN
GRFRCLGSPQHLKGRFAAGHTLTLRVPAARSQPAAAFVAAEFPGAELREAHGGRLRFQLPPGGRCALARVFGELAVHGAE
HGVEDFSVSQTMLEEVFLYFSKDQGKDEDTEEQKEAGVGVDPAPGLQHPKRVSQFLDDPSTAETVL
;
_entity_poly.pdbx_strand_id   A
#
# COMPACT_ATOMS: atom_id res chain seq x y z
N PHE A 3 -41.64 0.18 14.92
CA PHE A 3 -40.24 0.56 15.00
C PHE A 3 -39.36 -0.65 15.23
N TRP A 4 -39.84 -1.58 16.06
CA TRP A 4 -39.08 -2.80 16.34
C TRP A 4 -39.16 -3.78 15.18
N THR A 5 -40.29 -3.85 14.49
CA THR A 5 -40.43 -4.79 13.39
C THR A 5 -39.53 -4.41 12.21
N GLN A 6 -39.37 -3.11 11.95
CA GLN A 6 -38.46 -2.67 10.90
C GLN A 6 -37.02 -3.09 11.21
N LEU A 7 -36.59 -2.90 12.46
CA LEU A 7 -35.25 -3.31 12.85
C LEU A 7 -35.09 -4.83 12.74
N MET A 8 -36.12 -5.57 13.14
CA MET A 8 -36.05 -7.03 13.03
C MET A 8 -35.91 -7.46 11.58
N LEU A 9 -36.67 -6.84 10.68
CA LEU A 9 -36.60 -7.19 9.26
C LEU A 9 -35.23 -6.83 8.68
N LEU A 10 -34.71 -5.65 9.03
CA LEU A 10 -33.40 -5.26 8.54
C LEU A 10 -32.32 -6.23 9.00
N LEU A 11 -32.35 -6.61 10.28
CA LEU A 11 -31.36 -7.55 10.79
C LEU A 11 -31.51 -8.91 10.11
N TRP A 12 -32.74 -9.35 9.87
CA TRP A 12 -32.95 -10.63 9.21
C TRP A 12 -32.39 -10.61 7.80
N LYS A 13 -32.60 -9.51 7.07
CA LYS A 13 -32.04 -9.40 5.73
C LYS A 13 -30.50 -9.41 5.76
N ASN A 14 -29.91 -8.66 6.68
CA ASN A 14 -28.45 -8.59 6.75
C ASN A 14 -27.85 -9.93 7.12
N PHE A 15 -28.53 -10.72 7.96
CA PHE A 15 -28.05 -12.05 8.27
C PHE A 15 -28.32 -13.03 7.14
N MET A 16 -29.40 -12.84 6.39
CA MET A 16 -29.71 -13.71 5.26
C MET A 16 -28.68 -13.57 4.16
N TYR A 17 -28.15 -12.36 3.95
CA TYR A 17 -27.03 -12.21 3.02
C TYR A 17 -25.87 -13.13 3.40
N ARG A 18 -25.48 -13.12 4.68
CA ARG A 18 -24.29 -13.86 5.09
C ARG A 18 -24.54 -15.35 5.18
N ARG A 19 -25.78 -15.79 5.43
CA ARG A 19 -26.04 -17.22 5.54
C ARG A 19 -25.77 -17.95 4.22
N ARG A 20 -25.91 -17.27 3.09
CA ARG A 20 -25.88 -17.94 1.80
C ARG A 20 -24.45 -18.30 1.38
N GLN A 21 -23.47 -17.46 1.72
CA GLN A 21 -22.09 -17.69 1.28
C GLN A 21 -21.33 -18.39 2.39
N PRO A 22 -20.97 -19.66 2.23
CA PRO A 22 -20.17 -20.37 3.25
C PRO A 22 -18.67 -20.27 3.08
N VAL A 23 -18.17 -19.35 2.25
CA VAL A 23 -16.74 -19.21 2.00
C VAL A 23 -16.19 -17.90 2.54
N GLN A 24 -16.89 -16.79 2.34
CA GLN A 24 -16.42 -15.52 2.89
C GLN A 24 -16.48 -15.53 4.41
N LEU A 25 -17.50 -16.17 4.99
CA LEU A 25 -17.56 -16.31 6.44
C LEU A 25 -16.35 -17.09 6.97
N LEU A 26 -16.03 -18.19 6.31
CA LEU A 26 -14.87 -18.99 6.74
C LEU A 26 -13.58 -18.21 6.60
N VAL A 27 -13.43 -17.46 5.50
CA VAL A 27 -12.20 -16.68 5.31
C VAL A 27 -12.09 -15.58 6.37
N GLU A 28 -13.19 -14.87 6.61
CA GLU A 28 -13.15 -13.80 7.61
C GLU A 28 -12.99 -14.35 9.02
N LEU A 29 -13.37 -15.61 9.26
CA LEU A 29 -13.17 -16.21 10.57
C LEU A 29 -11.75 -16.70 10.76
N LEU A 30 -11.13 -17.23 9.71
CA LEU A 30 -9.82 -17.87 9.84
C LEU A 30 -8.63 -16.98 9.55
N TRP A 31 -8.76 -16.01 8.64
CA TRP A 31 -7.62 -15.18 8.26
C TRP A 31 -7.05 -14.37 9.43
N PRO A 32 -7.84 -13.69 10.27
CA PRO A 32 -7.24 -12.96 11.40
C PRO A 32 -6.49 -13.86 12.37
N LEU A 33 -6.88 -15.12 12.51
CA LEU A 33 -6.22 -16.01 13.45
C LEU A 33 -4.86 -16.51 12.98
N PHE A 34 -4.62 -16.51 11.66
CA PHE A 34 -3.34 -17.01 11.15
C PHE A 34 -2.18 -16.14 11.60
N LEU A 35 -2.37 -14.82 11.58
CA LEU A 35 -1.32 -13.90 12.03
C LEU A 35 -0.96 -14.14 13.49
N PHE A 36 -1.97 -14.35 14.33
CA PHE A 36 -1.69 -14.56 15.75
C PHE A 36 -1.16 -15.95 16.04
N PHE A 37 -1.50 -16.94 15.23
CA PHE A 37 -0.81 -18.23 15.34
C PHE A 37 0.67 -18.09 14.99
N ILE A 38 0.98 -17.29 13.96
CA ILE A 38 2.38 -17.02 13.64
C ILE A 38 3.06 -16.31 14.80
N LEU A 39 2.38 -15.36 15.43
CA LEU A 39 2.95 -14.64 16.57
C LEU A 39 3.18 -15.60 17.75
N VAL A 40 2.26 -16.53 17.97
CA VAL A 40 2.45 -17.53 19.03
C VAL A 40 3.66 -18.40 18.74
N ALA A 41 3.84 -18.79 17.48
CA ALA A 41 5.02 -19.56 17.11
C ALA A 41 6.30 -18.76 17.36
N VAL A 42 6.29 -17.47 17.02
CA VAL A 42 7.47 -16.63 17.24
C VAL A 42 7.77 -16.52 18.73
N ARG A 43 6.73 -16.34 19.56
CA ARG A 43 6.94 -16.31 21.00
C ARG A 43 7.50 -17.63 21.51
N HIS A 44 6.99 -18.75 20.98
CA HIS A 44 7.52 -20.06 21.37
C HIS A 44 8.97 -20.23 20.94
N SER A 45 9.40 -19.50 19.91
CA SER A 45 10.80 -19.60 19.48
C SER A 45 11.75 -19.02 20.53
N HIS A 46 11.47 -17.82 21.04
CA HIS A 46 12.38 -17.10 21.92
C HIS A 46 11.77 -16.88 23.30
N PRO A 47 12.04 -17.75 24.26
CA PRO A 47 11.53 -17.53 25.62
C PRO A 47 12.45 -16.61 26.39
N PRO A 48 11.94 -15.94 27.43
CA PRO A 48 12.81 -15.07 28.23
C PRO A 48 13.79 -15.86 29.07
N LEU A 49 14.90 -15.22 29.40
CA LEU A 49 15.93 -15.82 30.24
C LEU A 49 16.09 -15.00 31.52
N GLU A 50 16.34 -15.68 32.63
CA GLU A 50 16.52 -15.02 33.92
C GLU A 50 17.99 -15.03 34.32
N HIS A 51 18.46 -13.92 34.88
CA HIS A 51 19.85 -13.82 35.32
C HIS A 51 19.87 -13.18 36.70
N HIS A 52 20.75 -13.69 37.55
CA HIS A 52 20.84 -13.26 38.94
C HIS A 52 21.91 -12.19 39.11
N GLU A 53 22.06 -11.73 40.34
CA GLU A 53 23.11 -10.78 40.68
C GLU A 53 24.49 -11.38 40.45
N CYS A 54 25.44 -10.55 40.05
CA CYS A 54 26.83 -11.00 40.00
C CYS A 54 27.76 -9.82 40.20
N HIS A 55 28.92 -10.11 40.81
CA HIS A 55 29.95 -9.12 41.08
C HIS A 55 31.19 -9.45 40.26
N PHE A 56 31.89 -8.41 39.79
CA PHE A 56 33.01 -8.64 38.90
C PHE A 56 34.33 -8.44 39.65
N PRO A 57 35.38 -9.14 39.25
CA PRO A 57 36.68 -9.04 39.94
C PRO A 57 37.39 -7.74 39.58
N ASN A 58 38.61 -7.60 40.10
CA ASN A 58 39.40 -6.39 39.99
C ASN A 58 40.43 -6.52 38.86
N LYS A 59 40.71 -5.39 38.21
CA LYS A 59 41.71 -5.33 37.15
C LYS A 59 42.74 -4.26 37.48
N PRO A 60 44.00 -4.61 37.71
CA PRO A 60 45.01 -3.62 38.08
C PRO A 60 45.76 -3.06 36.88
N LEU A 61 46.17 -1.81 37.02
CA LEU A 61 46.95 -1.12 36.00
C LEU A 61 48.44 -1.34 36.23
N PRO A 62 49.27 -1.17 35.19
CA PRO A 62 50.72 -1.39 35.37
C PRO A 62 51.37 -0.44 36.35
N SER A 63 50.81 0.76 36.56
CA SER A 63 51.40 1.70 37.50
C SER A 63 51.40 1.15 38.91
N ALA A 64 50.45 0.26 39.24
CA ALA A 64 50.44 -0.36 40.57
C ALA A 64 51.63 -1.29 40.76
N GLY A 65 51.92 -2.11 39.77
CA GLY A 65 53.02 -3.07 39.90
C GLY A 65 53.14 -3.90 38.66
N THR A 66 53.99 -4.92 38.73
CA THR A 66 54.22 -5.84 37.63
C THR A 66 53.69 -7.24 37.90
N VAL A 67 53.99 -7.82 39.06
CA VAL A 67 53.43 -9.12 39.40
C VAL A 67 51.90 -9.08 39.51
N PRO A 68 51.29 -8.15 40.24
CA PRO A 68 49.82 -8.08 40.23
C PRO A 68 49.25 -7.78 38.85
N TRP A 69 49.97 -7.00 38.04
CA TRP A 69 49.51 -6.69 36.70
C TRP A 69 49.48 -7.91 35.79
N LEU A 70 50.52 -8.75 35.87
CA LEU A 70 50.47 -10.02 35.16
C LEU A 70 49.39 -10.93 35.72
N GLN A 71 49.20 -10.93 37.04
CA GLN A 71 48.17 -11.76 37.63
C GLN A 71 46.80 -11.35 37.12
N GLY A 72 46.57 -10.04 36.98
CA GLY A 72 45.33 -9.56 36.39
C GLY A 72 45.21 -9.90 34.92
N LEU A 73 46.33 -9.86 34.19
CA LEU A 73 46.29 -10.18 32.77
C LEU A 73 45.85 -11.62 32.52
N ILE A 74 46.42 -12.57 33.26
CA ILE A 74 46.07 -13.97 33.03
C ILE A 74 44.80 -14.39 33.76
N CYS A 75 44.67 -14.04 35.05
CA CYS A 75 43.58 -14.57 35.86
C CYS A 75 42.22 -14.00 35.44
N ASN A 76 42.17 -12.70 35.12
CA ASN A 76 40.90 -12.01 34.90
C ASN A 76 40.48 -11.98 33.44
N VAL A 77 40.87 -12.98 32.65
CA VAL A 77 40.45 -13.00 31.24
C VAL A 77 38.96 -13.31 31.12
N ASN A 78 38.47 -14.28 31.89
CA ASN A 78 37.15 -14.84 31.64
C ASN A 78 36.03 -13.93 32.14
N ASN A 79 36.31 -13.03 33.07
CA ASN A 79 35.35 -12.05 33.59
C ASN A 79 34.09 -12.74 34.10
N THR A 80 34.26 -13.85 34.81
CA THR A 80 33.13 -14.60 35.32
C THR A 80 32.45 -13.84 36.45
N CYS A 81 31.12 -13.76 36.40
CA CYS A 81 30.36 -13.20 37.51
C CYS A 81 30.52 -14.03 38.78
N PHE A 82 30.49 -13.33 39.91
CA PHE A 82 30.46 -13.96 41.23
C PHE A 82 29.24 -13.46 41.98
N PRO A 83 28.25 -14.30 42.27
CA PRO A 83 27.07 -13.82 43.00
C PRO A 83 27.39 -13.26 44.38
N GLN A 84 28.38 -13.81 45.07
CA GLN A 84 28.77 -13.32 46.37
C GLN A 84 29.69 -12.10 46.21
N LEU A 85 29.89 -11.39 47.32
CA LEU A 85 30.78 -10.25 47.32
C LEU A 85 32.22 -10.68 47.10
N THR A 86 32.98 -9.84 46.38
CA THR A 86 34.38 -10.19 46.20
C THR A 86 35.25 -9.40 47.18
N PRO A 87 36.40 -9.96 47.57
CA PRO A 87 37.27 -9.24 48.52
C PRO A 87 37.74 -7.88 48.03
N GLY A 88 37.88 -7.69 46.72
CA GLY A 88 38.38 -6.42 46.22
C GLY A 88 37.44 -5.26 46.45
N GLU A 89 36.13 -5.54 46.58
CA GLU A 89 35.17 -4.48 46.80
C GLU A 89 35.19 -3.93 48.21
N GLU A 90 35.71 -4.70 49.17
CA GLU A 90 35.76 -4.23 50.54
C GLU A 90 36.65 -3.01 50.65
N PRO A 91 36.28 -2.00 51.44
CA PRO A 91 37.06 -0.75 51.47
C PRO A 91 38.49 -0.93 51.94
N GLY A 92 38.80 -1.98 52.67
CA GLY A 92 40.16 -2.19 53.14
C GLY A 92 41.02 -2.95 52.15
N ARG A 93 40.56 -4.13 51.73
CA ARG A 93 41.35 -4.97 50.84
C ARG A 93 41.46 -4.33 49.46
N LEU A 94 42.64 -4.45 48.86
CA LEU A 94 42.87 -3.98 47.49
C LEU A 94 43.33 -5.09 46.55
N SER A 95 43.54 -6.30 47.05
CA SER A 95 43.97 -7.42 46.23
C SER A 95 43.07 -8.62 46.49
N ASN A 96 42.72 -9.33 45.42
CA ASN A 96 41.80 -10.45 45.54
C ASN A 96 42.52 -11.73 45.98
N PHE A 97 43.58 -12.10 45.27
CA PHE A 97 44.26 -13.37 45.52
C PHE A 97 45.10 -13.28 46.78
N ASN A 98 44.62 -13.93 47.85
CA ASN A 98 45.38 -14.06 49.09
C ASN A 98 45.92 -15.47 49.28
N ASP A 99 45.25 -16.49 48.77
CA ASP A 99 45.70 -17.87 48.85
C ASP A 99 46.62 -18.24 47.69
N SER A 100 46.97 -17.29 46.82
CA SER A 100 47.83 -17.57 45.70
C SER A 100 49.21 -18.01 46.17
N LEU A 101 49.82 -18.95 45.44
CA LEU A 101 51.13 -19.46 45.83
C LEU A 101 52.19 -18.37 45.73
N VAL A 102 52.09 -17.50 44.73
CA VAL A 102 53.08 -16.43 44.56
C VAL A 102 53.07 -15.49 45.76
N SER A 103 51.88 -15.08 46.20
CA SER A 103 51.78 -14.19 47.35
C SER A 103 52.32 -14.84 48.61
N ARG A 104 52.02 -16.12 48.80
CA ARG A 104 52.56 -16.84 49.96
C ARG A 104 54.08 -16.92 49.92
N LEU A 105 54.64 -17.20 48.74
CA LEU A 105 56.09 -17.21 48.60
C LEU A 105 56.69 -15.85 48.92
N LEU A 106 56.09 -14.78 48.41
CA LEU A 106 56.62 -13.44 48.66
C LEU A 106 56.57 -13.09 50.15
N ALA A 107 55.44 -13.39 50.80
CA ALA A 107 55.33 -13.08 52.22
C ALA A 107 56.31 -13.90 53.05
N ASP A 108 56.44 -15.20 52.74
CA ASP A 108 57.37 -16.04 53.47
C ASP A 108 58.80 -15.59 53.27
N ALA A 109 59.17 -15.21 52.04
CA ALA A 109 60.52 -14.70 51.79
C ALA A 109 60.77 -13.42 52.56
N ARG A 110 59.81 -12.50 52.55
CA ARG A 110 60.00 -11.23 53.26
C ARG A 110 60.17 -11.45 54.75
N THR A 111 59.35 -12.32 55.34
CA THR A 111 59.48 -12.56 56.78
C THR A 111 60.76 -13.34 57.11
N VAL A 112 61.21 -14.21 56.19
CA VAL A 112 62.45 -14.94 56.43
C VAL A 112 63.65 -14.01 56.40
N LEU A 113 63.71 -13.11 55.41
CA LEU A 113 64.79 -12.12 55.40
C LEU A 113 64.70 -11.18 56.59
N GLY A 114 63.49 -10.82 57.01
CA GLY A 114 63.36 -10.01 58.22
C GLY A 114 63.92 -10.70 59.44
N GLY A 115 63.58 -11.98 59.62
CA GLY A 115 64.11 -12.73 60.74
C GLY A 115 65.61 -12.91 60.67
N ALA A 116 66.14 -13.14 59.47
CA ALA A 116 67.58 -13.28 59.30
C ALA A 116 68.31 -11.97 59.61
N SER A 117 67.76 -10.84 59.18
CA SER A 117 68.36 -9.56 59.51
C SER A 117 68.30 -9.29 61.00
N ALA A 118 67.20 -9.69 61.66
CA ALA A 118 67.14 -9.57 63.11
C ALA A 118 68.18 -10.45 63.78
N HIS A 119 68.37 -11.67 63.27
CA HIS A 119 69.37 -12.56 63.85
C HIS A 119 70.79 -12.02 63.67
N ARG A 120 71.10 -11.51 62.49
CA ARG A 120 72.43 -11.01 62.20
C ARG A 120 72.39 -9.54 61.75
N ASP A 189 68.23 -21.60 63.96
CA ASP A 189 66.96 -20.88 64.01
C ASP A 189 66.44 -20.59 62.61
N LEU A 190 67.32 -20.18 61.70
CA LEU A 190 66.91 -19.94 60.33
C LEU A 190 66.41 -21.22 59.67
N ALA A 191 67.09 -22.33 59.91
CA ALA A 191 66.65 -23.62 59.36
C ALA A 191 65.29 -24.02 59.92
N GLN A 192 65.07 -23.80 61.22
CA GLN A 192 63.76 -24.10 61.81
C GLN A 192 62.68 -23.24 61.20
N GLU A 193 62.96 -21.96 60.97
CA GLU A 193 61.98 -21.08 60.34
C GLU A 193 61.68 -21.53 58.91
N LEU A 194 62.70 -21.93 58.16
CA LEU A 194 62.52 -22.27 56.76
C LEU A 194 61.87 -23.64 56.56
N LEU A 195 62.15 -24.59 57.44
CA LEU A 195 61.65 -25.95 57.25
C LEU A 195 60.13 -26.02 57.29
N ALA A 196 59.52 -25.30 58.24
CA ALA A 196 58.06 -25.32 58.40
C ALA A 196 57.44 -24.30 57.44
N LEU A 197 57.54 -24.60 56.15
CA LEU A 197 57.01 -23.74 55.09
C LEU A 197 56.37 -24.61 54.03
N ARG A 198 55.04 -24.52 53.92
CA ARG A 198 54.34 -25.23 52.86
C ARG A 198 54.63 -24.64 51.49
N SER A 199 54.93 -23.33 51.44
CA SER A 199 55.16 -22.67 50.15
C SER A 199 56.39 -23.24 49.46
N LEU A 200 57.46 -23.52 50.21
CA LEU A 200 58.65 -24.11 49.61
C LEU A 200 58.36 -25.49 49.04
N VAL A 201 57.59 -26.30 49.77
CA VAL A 201 57.24 -27.63 49.28
C VAL A 201 56.41 -27.52 48.01
N GLU A 202 55.46 -26.58 47.98
CA GLU A 202 54.65 -26.40 46.77
C GLU A 202 55.51 -25.95 45.60
N LEU A 203 56.46 -25.05 45.85
CA LEU A 203 57.36 -24.60 44.78
C LEU A 203 58.21 -25.74 44.25
N ARG A 204 58.71 -26.59 45.15
CA ARG A 204 59.50 -27.74 44.71
C ARG A 204 58.66 -28.71 43.89
N ALA A 205 57.41 -28.93 44.32
CA ALA A 205 56.52 -29.81 43.56
C ALA A 205 56.23 -29.24 42.18
N LEU A 206 56.00 -27.93 42.10
CA LEU A 206 55.76 -27.29 40.81
C LEU A 206 56.99 -27.38 39.91
N LEU A 207 58.19 -27.22 40.48
CA LEU A 207 59.41 -27.36 39.71
C LEU A 207 59.57 -28.79 39.19
N GLN A 208 59.25 -29.78 40.02
CA GLN A 208 59.38 -31.19 39.64
C GLN A 208 58.07 -31.63 39.00
N ARG A 209 57.88 -31.21 37.75
CA ARG A 209 56.70 -31.58 36.97
C ARG A 209 57.16 -32.14 35.63
N PRO A 210 56.80 -33.38 35.29
CA PRO A 210 57.17 -33.95 33.98
C PRO A 210 56.20 -33.53 32.88
N ARG A 211 56.24 -32.24 32.56
CA ARG A 211 55.36 -31.60 31.57
C ARG A 211 53.92 -31.82 32.02
N GLY A 212 53.04 -32.41 31.21
CA GLY A 212 51.65 -32.58 31.58
C GLY A 212 50.77 -31.39 31.26
N THR A 213 51.32 -30.32 30.71
CA THR A 213 50.56 -29.13 30.36
C THR A 213 50.63 -28.90 28.86
N SER A 214 49.53 -28.40 28.29
CA SER A 214 49.50 -28.12 26.86
C SER A 214 50.51 -27.04 26.49
N GLY A 215 50.62 -26.01 27.31
CA GLY A 215 51.57 -24.94 27.06
C GLY A 215 52.10 -24.33 28.35
N PRO A 216 53.17 -23.55 28.25
CA PRO A 216 53.71 -22.88 29.45
C PRO A 216 52.73 -21.92 30.10
N LEU A 217 51.75 -21.40 29.35
CA LEU A 217 50.75 -20.53 29.96
C LEU A 217 49.90 -21.27 30.97
N GLU A 218 49.65 -22.56 30.76
CA GLU A 218 48.95 -23.35 31.77
C GLU A 218 49.74 -23.43 33.06
N LEU A 219 51.06 -23.65 32.95
CA LEU A 219 51.90 -23.67 34.14
C LEU A 219 51.93 -22.31 34.83
N LEU A 220 52.00 -21.24 34.05
CA LEU A 220 51.96 -19.90 34.63
C LEU A 220 50.64 -19.67 35.37
N SER A 221 49.52 -20.08 34.77
CA SER A 221 48.23 -19.91 35.42
C SER A 221 48.17 -20.72 36.72
N GLU A 222 48.67 -21.95 36.69
CA GLU A 222 48.69 -22.77 37.90
C GLU A 222 49.55 -22.12 38.99
N ALA A 223 50.68 -21.55 38.61
CA ALA A 223 51.54 -20.88 39.58
C ALA A 223 50.85 -19.64 40.17
N LEU A 224 50.18 -18.86 39.34
CA LEU A 224 49.54 -17.64 39.82
C LEU A 224 48.14 -17.88 40.37
N CYS A 225 47.28 -18.56 39.62
CA CYS A 225 45.90 -18.77 40.06
C CYS A 225 45.26 -20.02 39.44
N SER A 264 62.05 -15.63 16.33
CA SER A 264 62.95 -16.75 16.53
C SER A 264 62.22 -18.08 16.39
N PRO A 265 62.90 -19.09 15.84
CA PRO A 265 62.26 -20.40 15.68
C PRO A 265 61.79 -21.01 16.98
N ALA A 266 62.51 -20.80 18.09
CA ALA A 266 62.07 -21.30 19.37
C ALA A 266 60.76 -20.65 19.81
N CYS A 267 60.64 -19.34 19.60
CA CYS A 267 59.41 -18.65 19.94
C CYS A 267 58.24 -19.13 19.09
N SER A 268 58.48 -19.37 17.80
CA SER A 268 57.44 -19.90 16.93
C SER A 268 57.03 -21.31 17.38
N GLU A 269 58.00 -22.12 17.79
CA GLU A 269 57.69 -23.44 18.30
C GLU A 269 56.84 -23.35 19.58
N LEU A 270 57.17 -22.41 20.46
CA LEU A 270 56.37 -22.22 21.67
C LEU A 270 54.96 -21.78 21.33
N ILE A 271 54.81 -20.90 20.33
CA ILE A 271 53.48 -20.49 19.90
C ILE A 271 52.70 -21.68 19.34
N GLY A 272 53.37 -22.51 18.54
CA GLY A 272 52.71 -23.70 18.01
C GLY A 272 52.29 -24.67 19.11
N ALA A 273 53.12 -24.80 20.15
CA ALA A 273 52.73 -25.61 21.30
C ALA A 273 51.52 -25.01 22.00
N LEU A 274 51.48 -23.68 22.12
CA LEU A 274 50.32 -22.99 22.68
C LEU A 274 49.08 -23.17 21.82
N ASP A 275 49.25 -23.44 20.52
CA ASP A 275 48.11 -23.64 19.63
C ASP A 275 47.32 -24.90 19.98
N SER A 276 47.89 -25.80 20.79
CA SER A 276 47.19 -27.03 21.14
C SER A 276 45.91 -26.76 21.92
N HIS A 277 45.95 -25.80 22.85
CA HIS A 277 44.79 -25.50 23.69
C HIS A 277 44.10 -24.24 23.18
N PRO A 278 42.86 -24.35 22.71
CA PRO A 278 42.16 -23.14 22.21
C PRO A 278 41.95 -22.07 23.27
N LEU A 279 41.74 -22.46 24.53
CA LEU A 279 41.57 -21.46 25.58
C LEU A 279 42.87 -20.67 25.79
N SER A 280 44.00 -21.36 25.83
CA SER A 280 45.29 -20.67 25.87
C SER A 280 45.59 -19.95 24.56
N ARG A 281 44.96 -20.38 23.46
CA ARG A 281 45.13 -19.68 22.19
C ARG A 281 44.57 -18.26 22.28
N LEU A 282 43.45 -18.08 22.98
CA LEU A 282 42.93 -16.74 23.22
C LEU A 282 43.91 -15.93 24.06
N LEU A 283 44.51 -16.55 25.08
CA LEU A 283 45.51 -15.85 25.89
C LEU A 283 46.68 -15.38 25.02
N TRP A 284 47.15 -16.23 24.12
CA TRP A 284 48.24 -15.80 23.24
C TRP A 284 47.75 -14.78 22.22
N ARG A 285 46.48 -14.83 21.83
CA ARG A 285 45.93 -13.77 20.99
C ARG A 285 46.00 -12.43 21.69
N ARG A 286 45.77 -12.43 23.00
CA ARG A 286 45.88 -11.18 23.76
C ARG A 286 47.33 -10.78 23.99
N LEU A 287 48.24 -11.75 24.12
CA LEU A 287 49.62 -11.45 24.50
C LEU A 287 50.52 -11.13 23.31
N LYS A 288 50.35 -11.80 22.17
CA LYS A 288 51.29 -11.66 21.06
C LYS A 288 51.41 -10.24 20.54
N PRO A 289 50.33 -9.50 20.27
CA PRO A 289 50.51 -8.13 19.76
C PRO A 289 51.31 -7.23 20.70
N LEU A 290 51.12 -7.36 22.01
CA LEU A 290 51.89 -6.53 22.93
C LEU A 290 53.32 -6.99 23.09
N ILE A 291 53.57 -8.30 23.03
CA ILE A 291 54.94 -8.80 23.16
C ILE A 291 55.76 -8.42 21.93
N LEU A 292 55.22 -8.64 20.73
CA LEU A 292 55.95 -8.47 19.49
C LEU A 292 55.57 -7.18 18.76
N GLY A 293 55.04 -6.19 19.46
CA GLY A 293 54.62 -4.97 18.82
C GLY A 293 55.75 -4.00 18.55
N LYS A 294 55.42 -2.95 17.81
CA LYS A 294 56.37 -1.91 17.44
C LYS A 294 55.75 -0.55 17.78
N LEU A 295 55.99 -0.07 18.99
CA LEU A 295 55.51 1.25 19.37
C LEU A 295 56.23 2.32 18.56
N LEU A 296 55.48 3.36 18.18
CA LEU A 296 56.00 4.41 17.32
C LEU A 296 55.53 5.75 17.83
N PHE A 297 56.28 6.80 17.52
CA PHE A 297 55.89 8.17 17.86
C PHE A 297 56.27 9.08 16.70
N ALA A 298 55.27 9.70 16.08
CA ALA A 298 55.53 10.53 14.90
C ALA A 298 56.40 11.74 15.20
N PRO A 299 56.17 12.53 16.25
CA PRO A 299 57.10 13.63 16.55
C PRO A 299 58.41 13.08 17.11
N ASP A 300 59.53 13.58 16.58
CA ASP A 300 60.85 13.19 17.01
C ASP A 300 61.62 14.35 17.63
N THR A 301 60.92 15.36 18.14
CA THR A 301 61.57 16.45 18.83
C THR A 301 62.14 15.97 20.16
N PRO A 302 63.16 16.66 20.70
CA PRO A 302 63.82 16.15 21.92
C PRO A 302 62.89 15.98 23.10
N PHE A 303 61.84 16.79 23.23
CA PHE A 303 60.89 16.60 24.32
C PHE A 303 60.20 15.25 24.23
N THR A 304 59.75 14.88 23.03
CA THR A 304 59.18 13.55 22.85
C THR A 304 60.21 12.46 23.06
N ARG A 305 61.49 12.74 22.75
CA ARG A 305 62.54 11.77 23.03
C ARG A 305 62.68 11.54 24.53
N LYS A 306 62.61 12.62 25.32
CA LYS A 306 62.62 12.47 26.77
C LYS A 306 61.42 11.67 27.25
N LEU A 307 60.24 11.95 26.68
CA LEU A 307 59.04 11.22 27.08
C LEU A 307 59.17 9.73 26.79
N MET A 308 59.66 9.39 25.59
CA MET A 308 59.79 7.99 25.24
C MET A 308 60.93 7.32 25.98
N ALA A 309 61.96 8.08 26.39
CA ALA A 309 62.96 7.52 27.30
C ALA A 309 62.35 7.18 28.64
N GLN A 310 61.48 8.04 29.15
CA GLN A 310 60.77 7.75 30.40
C GLN A 310 59.93 6.48 30.26
N VAL A 311 59.22 6.35 29.13
CA VAL A 311 58.42 5.14 28.90
C VAL A 311 59.32 3.92 28.79
N ASN A 312 60.41 4.04 28.04
CA ASN A 312 61.35 2.95 27.80
C ASN A 312 62.03 2.49 29.09
N ARG A 313 62.12 3.37 30.08
CA ARG A 313 62.68 2.98 31.38
C ARG A 313 61.91 1.82 32.00
N THR A 314 60.60 1.75 31.74
CA THR A 314 59.81 0.61 32.25
C THR A 314 60.33 -0.70 31.68
N PHE A 315 60.49 -0.77 30.36
CA PHE A 315 60.98 -1.99 29.74
C PHE A 315 62.43 -2.27 30.12
N GLU A 316 63.24 -1.22 30.30
CA GLU A 316 64.60 -1.42 30.76
C GLU A 316 64.64 -2.03 32.15
N GLU A 317 63.77 -1.57 33.05
CA GLU A 317 63.65 -2.20 34.35
C GLU A 317 63.14 -3.63 34.24
N LEU A 318 62.28 -3.90 33.26
CA LEU A 318 61.84 -5.27 33.01
C LEU A 318 62.97 -6.16 32.53
N THR A 319 64.02 -5.58 31.93
CA THR A 319 65.15 -6.36 31.43
C THR A 319 66.28 -6.34 32.45
N LEU A 320 66.04 -7.02 33.57
CA LEU A 320 67.04 -7.18 34.63
C LEU A 320 67.24 -8.62 35.05
N LEU A 321 66.53 -9.57 34.43
CA LEU A 321 66.68 -10.97 34.82
C LEU A 321 67.98 -11.58 34.30
N ARG A 322 68.50 -11.05 33.20
CA ARG A 322 69.73 -11.61 32.62
C ARG A 322 70.93 -11.38 33.53
N ASP A 323 70.95 -10.27 34.26
CA ASP A 323 72.05 -10.02 35.19
C ASP A 323 72.04 -11.04 36.33
N VAL A 324 70.87 -11.31 36.90
CA VAL A 324 70.75 -12.35 37.92
C VAL A 324 71.12 -13.71 37.33
N ARG A 325 70.74 -13.94 36.08
CA ARG A 325 71.15 -15.16 35.40
C ARG A 325 72.68 -15.30 35.40
N GLU A 326 73.38 -14.27 34.89
CA GLU A 326 74.82 -14.38 34.74
C GLU A 326 75.53 -14.46 36.07
N VAL A 327 75.01 -13.79 37.11
CA VAL A 327 75.59 -14.01 38.43
C VAL A 327 75.38 -15.45 38.87
N TRP A 328 74.24 -16.06 38.50
CA TRP A 328 74.05 -17.46 38.81
C TRP A 328 75.09 -18.34 38.12
N GLU A 329 75.33 -18.11 36.82
CA GLU A 329 76.30 -18.97 36.15
C GLU A 329 77.73 -18.71 36.62
N MET A 330 78.05 -17.52 37.13
CA MET A 330 79.43 -17.39 37.60
C MET A 330 79.61 -17.79 39.07
N LEU A 331 78.53 -17.83 39.87
CA LEU A 331 78.66 -18.34 41.24
C LEU A 331 78.33 -19.83 41.37
N GLY A 332 77.75 -20.46 40.35
CA GLY A 332 77.43 -21.87 40.41
C GLY A 332 78.64 -22.79 40.52
N PRO A 333 79.48 -22.80 39.47
CA PRO A 333 80.64 -23.70 39.47
C PRO A 333 81.58 -23.50 40.64
N ARG A 334 81.68 -22.27 41.17
CA ARG A 334 82.52 -22.04 42.34
C ARG A 334 82.07 -22.92 43.51
N ILE A 335 80.79 -22.87 43.85
CA ILE A 335 80.28 -23.69 44.94
C ILE A 335 80.33 -25.17 44.57
N PHE A 336 80.04 -25.49 43.31
CA PHE A 336 80.05 -26.88 42.86
C PHE A 336 81.43 -27.51 43.07
N THR A 337 82.49 -26.81 42.71
CA THR A 337 83.84 -27.30 42.95
C THR A 337 84.24 -27.19 44.42
N PHE A 338 83.66 -26.24 45.16
CA PHE A 338 84.02 -26.07 46.56
C PHE A 338 83.55 -27.24 47.39
N MET A 339 82.29 -27.65 47.24
CA MET A 339 81.79 -28.71 48.10
C MET A 339 82.12 -30.11 47.59
N ASN A 340 82.10 -30.30 46.27
CA ASN A 340 82.41 -31.62 45.71
C ASN A 340 83.90 -31.91 45.81
N TYR A 384 69.75 -35.75 49.20
CA TYR A 384 68.69 -35.24 48.34
C TYR A 384 68.78 -33.76 48.05
N SER A 385 69.23 -32.95 49.02
CA SER A 385 69.11 -31.51 48.91
C SER A 385 70.02 -30.95 47.82
N TRP A 386 71.30 -31.33 47.82
CA TRP A 386 72.27 -30.73 46.91
C TRP A 386 71.95 -31.07 45.46
N GLN A 387 71.78 -32.37 45.16
CA GLN A 387 71.60 -32.81 43.78
C GLN A 387 70.30 -32.26 43.20
N ASP A 388 69.22 -32.25 43.97
CA ASP A 388 67.97 -31.70 43.48
C ASP A 388 68.06 -30.19 43.35
N ALA A 389 68.68 -29.51 44.32
CA ALA A 389 68.70 -28.05 44.32
C ALA A 389 69.49 -27.51 43.14
N HIS A 390 70.69 -28.06 42.89
CA HIS A 390 71.49 -27.55 41.78
C HIS A 390 70.77 -27.74 40.45
N ALA A 391 70.20 -28.93 40.23
CA ALA A 391 69.52 -29.21 38.97
C ALA A 391 68.28 -28.34 38.82
N ASP A 392 67.51 -28.14 39.88
CA ASP A 392 66.29 -27.34 39.79
C ASP A 392 66.61 -25.88 39.53
N VAL A 393 67.62 -25.34 40.21
CA VAL A 393 67.99 -23.94 39.97
C VAL A 393 68.49 -23.76 38.54
N GLY A 394 69.32 -24.69 38.06
CA GLY A 394 69.78 -24.60 36.69
C GLY A 394 68.66 -24.68 35.68
N HIS A 395 67.71 -25.61 35.90
CA HIS A 395 66.59 -25.76 34.98
C HIS A 395 65.70 -24.52 34.98
N LEU A 396 65.42 -23.96 36.15
CA LEU A 396 64.61 -22.75 36.21
C LEU A 396 65.30 -21.57 35.53
N VAL A 397 66.62 -21.45 35.72
CA VAL A 397 67.36 -20.38 35.07
C VAL A 397 67.33 -20.56 33.55
N GLY A 398 67.51 -21.79 33.09
CA GLY A 398 67.44 -22.04 31.65
C GLY A 398 66.07 -21.76 31.07
N THR A 399 65.01 -22.13 31.79
CA THR A 399 63.66 -21.85 31.31
C THR A 399 63.40 -20.35 31.26
N LEU A 400 63.85 -19.61 32.27
CA LEU A 400 63.69 -18.16 32.27
C LEU A 400 64.46 -17.54 31.10
N GLY A 401 65.68 -18.01 30.86
CA GLY A 401 66.44 -17.51 29.72
C GLY A 401 65.76 -17.80 28.40
N ARG A 402 65.19 -19.00 28.27
CA ARG A 402 64.45 -19.34 27.05
C ARG A 402 63.24 -18.43 26.88
N VAL A 403 62.58 -18.07 27.98
CA VAL A 403 61.48 -17.11 27.92
C VAL A 403 61.99 -15.77 27.43
N THR A 404 63.15 -15.32 27.94
CA THR A 404 63.72 -14.06 27.51
C THR A 404 64.25 -14.10 26.07
N GLU A 405 64.38 -15.30 25.48
CA GLU A 405 64.84 -15.38 24.09
C GLU A 405 63.86 -14.72 23.14
N CYS A 406 62.57 -14.93 23.34
CA CYS A 406 61.54 -14.26 22.55
C CYS A 406 61.23 -12.94 23.22
N LEU A 407 62.03 -11.93 22.89
CA LEU A 407 61.85 -10.58 23.42
C LEU A 407 62.18 -9.58 22.33
N SER A 408 61.23 -8.69 22.05
CA SER A 408 61.49 -7.60 21.11
C SER A 408 62.51 -6.62 21.66
N LEU A 409 62.65 -6.58 22.99
CA LEU A 409 63.59 -5.69 23.66
C LEU A 409 63.32 -4.24 23.26
N ASP A 410 64.02 -3.78 22.22
CA ASP A 410 63.85 -2.42 21.73
C ASP A 410 62.66 -2.28 20.78
N LYS A 411 61.46 -2.67 21.25
CA LYS A 411 60.26 -2.48 20.44
C LYS A 411 60.05 -1.02 20.07
N LEU A 412 60.55 -0.10 20.89
CA LEU A 412 60.34 1.32 20.66
C LEU A 412 61.09 1.76 19.41
N GLU A 413 60.40 2.45 18.51
CA GLU A 413 60.96 2.95 17.27
C GLU A 413 60.38 4.32 16.99
N ALA A 414 61.00 5.03 16.06
CA ALA A 414 60.60 6.39 15.73
C ALA A 414 60.35 6.52 14.24
N ALA A 415 59.54 7.52 13.89
CA ALA A 415 59.24 7.86 12.51
C ALA A 415 59.26 9.37 12.38
N PRO A 416 59.64 9.89 11.21
CA PRO A 416 59.78 11.35 11.06
C PRO A 416 58.45 12.08 10.85
N SER A 417 57.53 11.45 10.13
CA SER A 417 56.29 12.11 9.74
C SER A 417 55.11 11.18 9.95
N GLU A 418 53.93 11.79 10.02
CA GLU A 418 52.70 11.02 10.19
C GLU A 418 52.42 10.12 9.00
N ALA A 419 52.71 10.59 7.78
CA ALA A 419 52.48 9.78 6.60
C ALA A 419 53.39 8.55 6.60
N ALA A 420 54.68 8.76 6.89
CA ALA A 420 55.59 7.63 7.02
C ALA A 420 55.19 6.72 8.17
N LEU A 421 54.68 7.32 9.25
CA LEU A 421 54.16 6.54 10.37
C LEU A 421 53.06 5.60 9.91
N VAL A 422 52.08 6.13 9.17
CA VAL A 422 50.97 5.32 8.70
C VAL A 422 51.45 4.23 7.74
N SER A 423 52.36 4.59 6.84
CA SER A 423 52.86 3.62 5.87
C SER A 423 53.60 2.48 6.56
N ARG A 424 54.48 2.80 7.50
CA ARG A 424 55.21 1.78 8.23
C ARG A 424 54.27 0.92 9.06
N ALA A 425 53.27 1.55 9.68
CA ALA A 425 52.29 0.78 10.45
C ALA A 425 51.51 -0.18 9.56
N LEU A 426 51.13 0.27 8.37
CA LEU A 426 50.43 -0.60 7.44
C LEU A 426 51.32 -1.76 7.00
N GLN A 427 52.60 -1.50 6.75
CA GLN A 427 53.52 -2.57 6.38
C GLN A 427 53.67 -3.57 7.52
N LEU A 428 53.79 -3.09 8.76
CA LEU A 428 53.90 -3.99 9.90
C LEU A 428 52.63 -4.80 10.10
N LEU A 429 51.47 -4.18 9.87
CA LEU A 429 50.21 -4.90 9.94
C LEU A 429 50.14 -5.99 8.89
N ALA A 430 50.65 -5.70 7.68
CA ALA A 430 50.78 -6.73 6.66
C ALA A 430 51.69 -7.85 7.15
N GLU A 431 52.74 -7.50 7.88
CA GLU A 431 53.60 -8.48 8.54
C GLU A 431 53.04 -8.94 9.89
N HIS A 432 51.93 -8.35 10.33
CA HIS A 432 51.29 -8.70 11.60
C HIS A 432 52.22 -8.50 12.79
N ARG A 433 53.02 -7.43 12.74
CA ARG A 433 53.96 -7.11 13.80
C ARG A 433 53.66 -5.77 14.47
N PHE A 434 52.47 -5.23 14.26
CA PHE A 434 52.11 -3.92 14.78
C PHE A 434 51.23 -4.03 16.02
N TRP A 435 51.49 -3.17 17.00
CA TRP A 435 50.68 -3.11 18.21
C TRP A 435 49.96 -1.78 18.35
N ALA A 436 50.68 -0.66 18.33
CA ALA A 436 50.06 0.64 18.54
C ALA A 436 50.96 1.74 18.01
N GLY A 437 50.37 2.91 17.83
CA GLY A 437 51.12 4.07 17.39
C GLY A 437 50.70 5.29 18.17
N VAL A 438 51.66 6.17 18.41
CA VAL A 438 51.46 7.35 19.25
C VAL A 438 51.84 8.59 18.45
N VAL A 439 51.14 9.69 18.71
CA VAL A 439 51.45 10.99 18.12
C VAL A 439 51.44 12.02 19.23
N PHE A 440 52.57 12.70 19.41
CA PHE A 440 52.70 13.76 20.41
C PHE A 440 52.52 15.12 19.75
N LEU A 441 51.30 15.34 19.25
CA LEU A 441 50.97 16.60 18.60
C LEU A 441 51.13 17.76 19.59
N GLY A 442 51.65 18.87 19.09
CA GLY A 442 51.86 20.04 19.92
C GLY A 442 50.75 21.06 19.78
N PRO A 443 50.25 21.56 20.90
CA PRO A 443 49.21 22.59 20.85
C PRO A 443 49.67 23.86 20.15
N GLU A 444 50.96 24.19 20.22
CA GLU A 444 51.49 25.34 19.50
C GLU A 444 51.43 25.15 17.99
N ASP A 445 51.35 23.91 17.51
CA ASP A 445 51.24 23.67 16.08
C ASP A 445 49.88 24.13 15.55
N SER A 446 48.82 23.94 16.35
CA SER A 446 47.47 24.42 16.05
C SER A 446 46.89 23.80 14.79
N SER A 447 47.44 22.68 14.33
CA SER A 447 46.90 21.98 13.16
C SER A 447 46.00 20.83 13.58
N ASP A 448 44.92 21.17 14.27
CA ASP A 448 44.02 20.18 14.85
C ASP A 448 42.70 20.17 14.09
N PRO A 449 42.36 19.08 13.40
CA PRO A 449 41.10 19.04 12.65
C PRO A 449 39.90 18.94 13.59
N THR A 450 38.88 19.76 13.32
CA THR A 450 37.61 19.71 14.04
C THR A 450 37.79 19.84 15.55
N GLU A 451 38.72 20.70 15.96
CA GLU A 451 38.96 20.90 17.39
C GLU A 451 39.66 22.24 17.58
N HIS A 452 39.56 22.77 18.80
CA HIS A 452 40.20 24.03 19.12
C HIS A 452 41.73 23.90 19.05
N PRO A 453 42.43 24.93 18.60
CA PRO A 453 43.90 24.82 18.48
C PRO A 453 44.61 24.57 19.80
N THR A 454 44.38 25.44 20.80
CA THR A 454 45.04 25.27 22.08
C THR A 454 44.22 25.97 23.16
N PRO A 455 44.14 25.41 24.37
CA PRO A 455 43.41 26.12 25.43
C PRO A 455 44.15 27.32 25.97
N ASP A 456 45.47 27.20 26.16
CA ASP A 456 46.29 28.30 26.66
C ASP A 456 47.51 28.46 25.76
N LEU A 457 47.95 29.71 25.61
CA LEU A 457 49.11 30.00 24.79
C LEU A 457 50.40 29.56 25.48
N GLY A 458 51.36 29.13 24.68
CA GLY A 458 52.66 28.73 25.18
C GLY A 458 52.74 27.25 25.51
N PRO A 459 53.92 26.81 25.95
CA PRO A 459 54.09 25.38 26.27
C PRO A 459 53.49 25.01 27.61
N GLY A 460 53.70 23.76 28.04
CA GLY A 460 53.15 23.25 29.27
C GLY A 460 51.92 22.38 29.10
N HIS A 461 51.41 22.26 27.88
CA HIS A 461 50.25 21.42 27.59
C HIS A 461 50.65 20.34 26.62
N VAL A 462 50.26 19.10 26.92
CA VAL A 462 50.63 17.93 26.14
C VAL A 462 49.37 17.33 25.55
N ARG A 463 49.34 17.20 24.23
CA ARG A 463 48.19 16.65 23.51
C ARG A 463 48.64 15.40 22.77
N ILE A 464 47.94 14.30 22.97
CA ILE A 464 48.41 12.98 22.57
C ILE A 464 47.31 12.28 21.79
N LYS A 465 47.69 11.54 20.75
CA LYS A 465 46.76 10.73 19.97
C LYS A 465 47.30 9.31 19.89
N ILE A 466 46.47 8.33 20.27
CA ILE A 466 46.87 6.94 20.26
C ILE A 466 46.07 6.24 19.17
N ARG A 467 46.72 5.96 18.04
CA ARG A 467 46.09 5.28 16.91
C ARG A 467 46.43 3.80 16.96
N MET A 468 45.43 2.95 16.75
CA MET A 468 45.61 1.51 16.73
C MET A 468 44.76 0.91 15.62
N ASP A 469 44.78 -0.41 15.53
CA ASP A 469 43.99 -1.12 14.53
C ASP A 469 42.51 -0.98 14.83
N ILE A 470 41.71 -0.79 13.77
CA ILE A 470 40.28 -0.56 13.95
C ILE A 470 39.60 -1.79 14.52
N ASP A 471 40.03 -2.98 14.10
CA ASP A 471 39.41 -4.22 14.56
C ASP A 471 39.58 -4.43 16.06
N VAL A 472 40.53 -3.76 16.68
CA VAL A 472 40.84 -3.97 18.09
C VAL A 472 40.32 -2.86 19.00
N VAL A 473 40.22 -1.63 18.49
CA VAL A 473 39.74 -0.49 19.28
C VAL A 473 38.27 -0.24 18.94
N THR A 474 37.48 0.11 19.96
CA THR A 474 36.06 0.34 19.76
C THR A 474 35.81 1.46 18.78
N ARG A 475 34.74 1.31 17.99
CA ARG A 475 34.33 2.34 17.05
C ARG A 475 34.01 3.63 17.80
N THR A 476 34.46 4.76 17.25
CA THR A 476 34.46 6.00 18.01
C THR A 476 33.57 7.04 17.31
N ASN A 477 32.38 6.62 16.88
CA ASN A 477 31.44 7.55 16.25
C ASN A 477 30.35 7.99 17.21
N LYS A 478 29.73 7.04 17.92
CA LYS A 478 28.64 7.34 18.84
C LYS A 478 29.01 6.89 20.24
N ILE A 479 28.36 7.51 21.22
CA ILE A 479 28.72 7.34 22.63
C ILE A 479 27.93 6.21 23.28
N ARG A 480 26.62 6.21 23.14
CA ARG A 480 25.74 5.25 23.80
C ARG A 480 25.01 4.41 22.77
N ASP A 481 24.71 3.17 23.15
CA ASP A 481 24.02 2.25 22.26
C ASP A 481 22.63 2.77 21.91
N ARG A 482 22.19 2.48 20.69
CA ARG A 482 20.91 2.98 20.21
C ARG A 482 19.72 2.25 20.79
N PHE A 483 19.89 1.01 21.24
CA PHE A 483 18.82 0.24 21.88
C PHE A 483 19.30 -0.20 23.25
N TRP A 484 18.65 0.32 24.30
CA TRP A 484 19.00 -0.05 25.66
C TRP A 484 18.81 -1.54 25.87
N ASP A 485 19.71 -2.13 26.65
CA ASP A 485 19.66 -3.56 26.89
C ASP A 485 19.69 -3.83 28.39
N PRO A 486 18.94 -4.83 28.86
CA PRO A 486 18.93 -5.17 30.30
C PRO A 486 20.07 -6.11 30.69
N GLY A 487 21.28 -5.56 30.76
CA GLY A 487 22.43 -6.36 31.10
C GLY A 487 23.56 -5.53 31.66
N PRO A 488 24.54 -6.19 32.28
CA PRO A 488 25.71 -5.48 32.80
C PRO A 488 26.58 -4.90 31.71
N ALA A 489 26.39 -5.30 30.45
CA ALA A 489 27.20 -4.85 29.33
C ALA A 489 28.68 -5.15 29.55
N ALA A 490 28.97 -6.33 30.10
CA ALA A 490 30.33 -6.75 30.41
C ALA A 490 30.57 -8.14 29.81
N ASP A 491 30.97 -8.16 28.55
CA ASP A 491 31.47 -9.36 27.90
C ASP A 491 32.82 -8.99 27.29
N PRO A 492 33.92 -9.60 27.73
CA PRO A 492 35.23 -9.14 27.27
C PRO A 492 35.43 -9.22 25.77
N LEU A 493 34.85 -10.22 25.12
CA LEU A 493 35.08 -10.40 23.68
C LEU A 493 34.38 -9.33 22.85
N THR A 494 33.22 -8.87 23.27
CA THR A 494 32.38 -8.02 22.43
C THR A 494 32.33 -6.57 22.84
N ASP A 495 32.36 -6.25 24.13
CA ASP A 495 32.20 -4.87 24.56
C ASP A 495 33.38 -4.32 25.33
N LEU A 496 34.02 -5.13 26.18
CA LEU A 496 35.24 -4.72 26.88
C LEU A 496 36.42 -4.92 25.94
N ARG A 497 36.65 -3.91 25.09
CA ARG A 497 37.75 -3.99 24.13
C ARG A 497 39.03 -3.34 24.65
N TYR A 498 38.92 -2.31 25.49
CA TYR A 498 40.11 -1.60 25.93
C TYR A 498 41.00 -2.46 26.83
N VAL A 499 40.43 -3.46 27.51
CA VAL A 499 41.22 -4.26 28.43
C VAL A 499 42.22 -5.14 27.68
N TRP A 500 41.78 -5.80 26.61
CA TRP A 500 42.68 -6.60 25.80
C TRP A 500 43.25 -5.84 24.61
N GLY A 501 42.63 -4.74 24.21
CA GLY A 501 43.21 -3.90 23.19
C GLY A 501 44.51 -3.26 23.64
N GLY A 502 44.56 -2.83 24.89
CA GLY A 502 45.73 -2.18 25.44
C GLY A 502 45.70 -0.67 25.41
N PHE A 503 44.58 -0.06 25.04
CA PHE A 503 44.51 1.40 25.00
C PHE A 503 44.75 1.99 26.39
N VAL A 504 44.12 1.41 27.41
CA VAL A 504 44.25 1.95 28.77
C VAL A 504 45.66 1.76 29.30
N TYR A 505 46.30 0.63 28.97
CA TYR A 505 47.67 0.39 29.43
C TYR A 505 48.60 1.48 28.92
N LEU A 506 48.57 1.73 27.61
CA LEU A 506 49.45 2.73 27.04
C LEU A 506 49.05 4.13 27.48
N GLN A 507 47.76 4.39 27.67
CA GLN A 507 47.35 5.69 28.19
C GLN A 507 47.93 5.93 29.56
N ASP A 508 47.88 4.91 30.44
CA ASP A 508 48.45 5.05 31.77
C ASP A 508 49.96 5.29 31.70
N LEU A 509 50.65 4.51 30.85
CA LEU A 509 52.10 4.67 30.74
C LEU A 509 52.47 6.06 30.25
N VAL A 510 51.80 6.53 29.21
CA VAL A 510 52.12 7.84 28.65
C VAL A 510 51.78 8.95 29.64
N GLU A 511 50.65 8.84 30.34
CA GLU A 511 50.29 9.87 31.32
C GLU A 511 51.29 9.89 32.47
N ARG A 512 51.72 8.72 32.94
CA ARG A 512 52.71 8.67 34.01
C ARG A 512 54.03 9.29 33.56
N ALA A 513 54.47 8.99 32.34
CA ALA A 513 55.68 9.62 31.83
C ALA A 513 55.52 11.12 31.74
N ALA A 514 54.37 11.60 31.25
CA ALA A 514 54.15 13.03 31.10
C ALA A 514 54.15 13.74 32.44
N VAL A 515 53.50 13.16 33.45
CA VAL A 515 53.47 13.81 34.76
C VAL A 515 54.85 13.78 35.41
N ARG A 516 55.60 12.68 35.22
CA ARG A 516 56.95 12.62 35.76
C ARG A 516 57.84 13.68 35.12
N VAL A 517 57.70 13.89 33.81
CA VAL A 517 58.51 14.90 33.14
C VAL A 517 58.11 16.30 33.57
N LEU A 518 56.81 16.59 33.56
CA LEU A 518 56.37 17.97 33.79
C LEU A 518 56.51 18.38 35.25
N SER A 519 56.11 17.51 36.17
CA SER A 519 56.10 17.89 37.58
C SER A 519 57.51 18.08 38.12
N GLY A 520 58.44 17.23 37.70
CA GLY A 520 59.78 17.25 38.25
C GLY A 520 59.95 16.46 39.52
N ALA A 521 58.94 15.70 39.93
CA ALA A 521 59.00 14.85 41.11
C ALA A 521 58.63 13.42 40.70
N ASN A 522 58.59 12.52 41.68
CA ASN A 522 58.30 11.11 41.45
C ASN A 522 57.03 10.74 42.20
N PRO A 523 55.86 10.85 41.58
CA PRO A 523 54.62 10.44 42.25
C PRO A 523 54.50 8.93 42.32
N ARG A 524 53.65 8.50 43.26
CA ARG A 524 53.32 7.07 43.41
C ARG A 524 51.82 6.95 43.61
N ALA A 525 51.17 6.17 42.74
CA ALA A 525 49.73 5.95 42.85
C ALA A 525 49.37 4.67 42.12
N GLY A 526 49.01 3.62 42.87
CA GLY A 526 48.58 2.39 42.26
C GLY A 526 47.14 2.47 41.77
N LEU A 527 46.94 2.36 40.46
CA LEU A 527 45.63 2.52 39.85
C LEU A 527 45.00 1.15 39.62
N TYR A 528 43.73 1.01 40.02
CA TYR A 528 42.98 -0.22 39.82
C TYR A 528 41.67 0.10 39.11
N LEU A 529 41.12 -0.92 38.46
CA LEU A 529 39.88 -0.81 37.71
C LEU A 529 38.88 -1.82 38.25
N GLN A 530 37.72 -1.34 38.72
CA GLN A 530 36.71 -2.18 39.31
C GLN A 530 35.36 -1.92 38.65
N GLN A 531 34.61 -2.99 38.42
CA GLN A 531 33.33 -2.91 37.72
C GLN A 531 32.19 -2.87 38.73
N MET A 532 31.28 -1.93 38.55
CA MET A 532 30.14 -1.81 39.45
C MET A 532 29.27 -3.06 39.36
N PRO A 533 28.67 -3.48 40.47
CA PRO A 533 27.78 -4.65 40.43
C PRO A 533 26.42 -4.29 39.86
N TYR A 534 25.64 -5.33 39.54
CA TYR A 534 24.39 -5.11 38.84
C TYR A 534 23.30 -5.96 39.47
N PRO A 535 22.06 -5.46 39.50
CA PRO A 535 20.96 -6.24 40.07
C PRO A 535 20.64 -7.47 39.22
N CYS A 536 19.73 -8.29 39.73
CA CYS A 536 19.18 -9.40 38.96
C CYS A 536 18.15 -8.89 37.98
N TYR A 537 18.06 -9.56 36.83
CA TYR A 537 17.18 -9.09 35.76
C TYR A 537 16.67 -10.28 34.96
N VAL A 538 15.87 -9.99 33.94
CA VAL A 538 15.41 -10.95 32.96
C VAL A 538 15.58 -10.36 31.58
N ASP A 539 16.29 -11.08 30.71
CA ASP A 539 16.50 -10.67 29.33
C ASP A 539 15.36 -11.21 28.48
N ASP A 540 14.67 -10.31 27.79
CA ASP A 540 13.57 -10.67 26.90
C ASP A 540 13.38 -9.56 25.88
N VAL A 541 13.60 -9.87 24.61
CA VAL A 541 13.43 -8.89 23.54
C VAL A 541 11.97 -8.82 23.09
N PHE A 542 11.15 -9.79 23.49
CA PHE A 542 9.81 -9.95 22.94
C PHE A 542 8.88 -8.82 23.37
N LEU A 543 9.06 -8.29 24.59
CA LEU A 543 8.14 -7.27 25.10
C LEU A 543 8.27 -5.96 24.33
N ARG A 544 9.49 -5.57 23.97
CA ARG A 544 9.64 -4.41 23.10
C ARG A 544 9.04 -4.67 21.72
N VAL A 545 9.07 -5.92 21.26
CA VAL A 545 8.43 -6.27 20.00
C VAL A 545 6.93 -6.03 20.08
N LEU A 546 6.29 -6.39 21.21
CA LEU A 546 4.88 -6.04 21.38
C LEU A 546 4.68 -4.53 21.49
N SER A 547 5.59 -3.83 22.18
CA SER A 547 5.44 -2.40 22.32
C SER A 547 5.44 -1.70 20.95
N ARG A 548 6.19 -2.24 20.00
CA ARG A 548 6.35 -1.59 18.70
C ARG A 548 5.61 -2.27 17.55
N SER A 549 4.97 -3.42 17.76
CA SER A 549 4.46 -4.21 16.65
C SER A 549 3.03 -4.69 16.78
N LEU A 550 2.44 -4.68 17.98
CA LEU A 550 1.09 -5.21 18.13
C LEU A 550 0.03 -4.48 17.30
N PRO A 551 0.00 -3.14 17.23
CA PRO A 551 -1.02 -2.49 16.39
C PRO A 551 -0.98 -2.93 14.94
N LEU A 552 0.22 -3.15 14.40
CA LEU A 552 0.36 -3.51 12.99
C LEU A 552 -0.36 -4.82 12.68
N PHE A 553 -0.17 -5.83 13.53
CA PHE A 553 -0.82 -7.11 13.28
C PHE A 553 -2.34 -7.00 13.37
N LEU A 554 -2.84 -6.21 14.32
CA LEU A 554 -4.29 -6.06 14.44
C LEU A 554 -4.87 -5.37 13.21
N THR A 555 -4.22 -4.31 12.72
CA THR A 555 -4.73 -3.65 11.52
C THR A 555 -4.65 -4.57 10.30
N LEU A 556 -3.57 -5.33 10.18
CA LEU A 556 -3.48 -6.28 9.07
C LEU A 556 -4.54 -7.35 9.16
N ALA A 557 -4.97 -7.70 10.38
CA ALA A 557 -6.03 -8.68 10.54
C ALA A 557 -7.41 -8.09 10.23
N TRP A 558 -7.63 -6.81 10.55
CA TRP A 558 -8.96 -6.22 10.43
C TRP A 558 -9.12 -5.34 9.20
N ILE A 559 -8.16 -5.37 8.25
CA ILE A 559 -8.39 -4.72 6.96
C ILE A 559 -9.53 -5.38 6.20
N TYR A 560 -9.63 -6.72 6.30
CA TYR A 560 -10.56 -7.47 5.46
C TYR A 560 -12.02 -7.15 5.77
N SER A 561 -12.36 -7.07 7.05
CA SER A 561 -13.74 -6.77 7.41
C SER A 561 -14.11 -5.34 7.03
N VAL A 562 -13.18 -4.40 7.12
CA VAL A 562 -13.44 -3.05 6.66
C VAL A 562 -13.72 -3.04 5.17
N THR A 563 -12.94 -3.80 4.40
CA THR A 563 -13.20 -3.90 2.96
C THR A 563 -14.60 -4.45 2.69
N LEU A 564 -14.98 -5.53 3.36
CA LEU A 564 -16.30 -6.11 3.15
C LEU A 564 -17.41 -5.12 3.49
N THR A 565 -17.28 -4.44 4.63
CA THR A 565 -18.30 -3.50 5.06
C THR A 565 -18.45 -2.35 4.07
N VAL A 566 -17.32 -1.76 3.65
CA VAL A 566 -17.42 -0.62 2.74
C VAL A 566 -18.02 -1.06 1.41
N LYS A 567 -17.64 -2.25 0.91
CA LYS A 567 -18.19 -2.71 -0.36
C LYS A 567 -19.68 -2.97 -0.26
N ALA A 568 -20.15 -3.52 0.87
CA ALA A 568 -21.58 -3.77 1.00
C ALA A 568 -22.38 -2.48 1.09
N VAL A 569 -21.88 -1.50 1.86
CA VAL A 569 -22.59 -0.24 1.98
C VAL A 569 -22.64 0.48 0.64
N VAL A 570 -21.52 0.50 -0.09
CA VAL A 570 -21.54 1.22 -1.36
C VAL A 570 -22.36 0.46 -2.40
N ARG A 571 -22.44 -0.87 -2.29
CA ARG A 571 -23.29 -1.64 -3.20
C ARG A 571 -24.76 -1.31 -2.98
N GLU A 572 -25.21 -1.32 -1.71
CA GLU A 572 -26.59 -0.92 -1.45
C GLU A 572 -26.83 0.57 -1.65
N LYS A 573 -25.77 1.36 -1.81
CA LYS A 573 -25.92 2.78 -2.13
C LYS A 573 -26.05 3.04 -3.62
N GLU A 574 -25.30 2.29 -4.45
CA GLU A 574 -25.26 2.60 -5.88
C GLU A 574 -26.52 2.15 -6.61
N THR A 575 -27.09 1.01 -6.23
CA THR A 575 -28.21 0.44 -6.94
C THR A 575 -29.56 0.99 -6.49
N ARG A 576 -29.57 1.93 -5.55
CA ARG A 576 -30.76 2.64 -5.09
C ARG A 576 -31.77 1.75 -4.39
N LEU A 577 -31.41 0.50 -4.10
CA LEU A 577 -32.31 -0.36 -3.32
C LEU A 577 -32.57 0.21 -1.93
N ARG A 578 -31.61 0.97 -1.39
CA ARG A 578 -31.84 1.70 -0.15
C ARG A 578 -32.70 2.93 -0.38
N ASP A 579 -32.57 3.57 -1.54
CA ASP A 579 -33.30 4.81 -1.80
C ASP A 579 -34.81 4.58 -1.88
N THR A 580 -35.23 3.37 -2.23
CA THR A 580 -36.66 3.08 -2.27
C THR A 580 -37.23 2.87 -0.88
N MET A 581 -36.41 2.39 0.07
CA MET A 581 -36.90 2.12 1.41
C MET A 581 -37.34 3.39 2.13
N ARG A 582 -36.84 4.56 1.74
CA ARG A 582 -37.32 5.80 2.34
C ARG A 582 -38.77 6.07 1.95
N ALA A 583 -39.15 5.74 0.71
CA ALA A 583 -40.51 5.98 0.26
C ALA A 583 -41.51 5.10 1.00
N MET A 584 -41.12 3.88 1.36
CA MET A 584 -42.04 2.99 2.07
C MET A 584 -42.26 3.40 3.51
N GLY A 585 -41.51 4.36 4.03
CA GLY A 585 -41.73 4.85 5.38
C GLY A 585 -40.50 4.80 6.28
N LEU A 586 -39.61 3.83 6.03
CA LEU A 586 -38.42 3.71 6.86
C LEU A 586 -37.57 4.97 6.79
N SER A 587 -37.07 5.39 7.94
CA SER A 587 -36.24 6.58 8.02
C SER A 587 -34.76 6.20 8.06
N ARG A 588 -33.91 7.20 7.83
CA ARG A 588 -32.47 6.95 7.79
C ARG A 588 -31.95 6.39 9.11
N ALA A 589 -32.57 6.78 10.23
CA ALA A 589 -32.10 6.33 11.53
C ALA A 589 -32.17 4.81 11.66
N VAL A 590 -33.29 4.23 11.22
CA VAL A 590 -33.46 2.78 11.34
C VAL A 590 -32.42 2.06 10.48
N LEU A 591 -32.20 2.55 9.26
CA LEU A 591 -31.22 1.93 8.37
C LEU A 591 -29.82 2.01 8.96
N TRP A 592 -29.45 3.17 9.50
CA TRP A 592 -28.10 3.30 10.04
C TRP A 592 -27.92 2.48 11.31
N LEU A 593 -28.96 2.36 12.14
CA LEU A 593 -28.85 1.50 13.32
C LEU A 593 -28.76 0.03 12.91
N GLY A 594 -29.48 -0.36 11.85
CA GLY A 594 -29.30 -1.70 11.32
C GLY A 594 -27.89 -1.94 10.84
N TRP A 595 -27.32 -0.96 10.14
CA TRP A 595 -25.92 -1.06 9.71
C TRP A 595 -24.98 -1.22 10.90
N PHE A 596 -25.18 -0.40 11.93
CA PHE A 596 -24.40 -0.51 13.15
C PHE A 596 -24.44 -1.92 13.70
N LEU A 597 -25.64 -2.39 14.06
CA LEU A 597 -25.75 -3.66 14.77
C LEU A 597 -25.50 -4.87 13.87
N SER A 598 -25.44 -4.70 12.55
CA SER A 598 -25.17 -5.82 11.66
C SER A 598 -23.70 -5.93 11.26
N CYS A 599 -23.05 -4.80 10.96
CA CYS A 599 -21.64 -4.85 10.58
C CYS A 599 -20.76 -5.16 11.78
N LEU A 600 -21.12 -4.63 12.96
CA LEU A 600 -20.38 -4.78 14.19
C LEU A 600 -20.39 -6.21 14.73
N GLY A 601 -21.15 -7.12 14.12
CA GLY A 601 -21.26 -8.48 14.58
C GLY A 601 -19.95 -9.24 14.55
N PRO A 602 -19.39 -9.45 13.36
CA PRO A 602 -18.14 -10.22 13.27
C PRO A 602 -16.98 -9.62 14.03
N PHE A 603 -16.94 -8.30 14.21
CA PHE A 603 -15.83 -7.69 14.95
C PHE A 603 -15.80 -8.17 16.39
N LEU A 604 -16.95 -8.22 17.06
CA LEU A 604 -17.01 -8.66 18.44
C LEU A 604 -17.06 -10.18 18.57
N LEU A 605 -17.03 -10.91 17.45
CA LEU A 605 -16.79 -12.34 17.48
C LEU A 605 -15.34 -12.69 17.18
N SER A 606 -14.60 -11.80 16.51
CA SER A 606 -13.16 -11.97 16.32
C SER A 606 -12.36 -11.43 17.50
N ALA A 607 -12.84 -10.37 18.16
CA ALA A 607 -12.11 -9.82 19.29
C ALA A 607 -12.02 -10.82 20.44
N ALA A 608 -13.10 -11.55 20.70
CA ALA A 608 -13.07 -12.55 21.76
C ALA A 608 -12.07 -13.66 21.45
N LEU A 609 -12.04 -14.13 20.20
CA LEU A 609 -11.07 -15.15 19.83
C LEU A 609 -9.64 -14.64 19.92
N LEU A 610 -9.40 -13.39 19.52
CA LEU A 610 -8.07 -12.82 19.66
C LEU A 610 -7.65 -12.73 21.13
N VAL A 611 -8.57 -12.32 22.01
CA VAL A 611 -8.25 -12.24 23.43
C VAL A 611 -7.93 -13.63 23.98
N LEU A 612 -8.72 -14.62 23.60
CA LEU A 612 -8.45 -15.99 24.04
C LEU A 612 -7.07 -16.46 23.56
N VAL A 613 -6.74 -16.17 22.29
CA VAL A 613 -5.43 -16.57 21.77
C VAL A 613 -4.31 -15.86 22.50
N LEU A 614 -4.49 -14.56 22.79
CA LEU A 614 -3.47 -13.82 23.52
C LEU A 614 -3.24 -14.40 24.90
N LYS A 615 -4.30 -14.78 25.60
CA LYS A 615 -4.12 -15.32 26.94
C LYS A 615 -3.56 -16.73 26.91
N LEU A 616 -3.98 -17.55 25.94
CA LEU A 616 -3.55 -18.95 25.91
C LEU A 616 -2.12 -19.09 25.42
N GLY A 617 -1.72 -18.27 24.44
CA GLY A 617 -0.41 -18.38 23.85
C GLY A 617 0.72 -17.76 24.64
N ASP A 618 0.45 -17.32 25.87
CA ASP A 618 1.42 -16.73 26.78
C ASP A 618 2.00 -15.42 26.26
N ILE A 619 1.40 -14.84 25.23
CA ILE A 619 1.86 -13.54 24.74
C ILE A 619 1.63 -12.46 25.79
N LEU A 620 0.47 -12.48 26.43
CA LEU A 620 0.12 -11.53 27.49
C LEU A 620 -0.43 -12.29 28.69
N PRO A 621 0.45 -12.93 29.48
CA PRO A 621 -0.02 -13.63 30.67
C PRO A 621 -0.11 -12.70 31.88
N TYR A 622 -0.62 -13.22 33.00
CA TYR A 622 -0.79 -12.44 34.23
C TYR A 622 -1.62 -11.19 33.99
N SER A 623 -2.71 -11.34 33.24
CA SER A 623 -3.65 -10.26 33.00
C SER A 623 -5.05 -10.84 32.89
N HIS A 624 -6.06 -9.99 33.11
CA HIS A 624 -7.43 -10.46 33.08
C HIS A 624 -8.09 -10.09 31.76
N PRO A 625 -8.73 -11.04 31.08
CA PRO A 625 -9.25 -10.77 29.73
C PRO A 625 -10.26 -9.64 29.65
N GLY A 626 -10.97 -9.34 30.74
CA GLY A 626 -12.03 -8.35 30.66
C GLY A 626 -11.53 -6.96 30.33
N VAL A 627 -10.39 -6.57 30.90
CA VAL A 627 -9.87 -5.23 30.69
C VAL A 627 -9.39 -5.08 29.25
N VAL A 628 -8.73 -6.10 28.71
CA VAL A 628 -8.30 -6.05 27.31
C VAL A 628 -9.50 -6.07 26.37
N PHE A 629 -10.56 -6.81 26.73
CA PHE A 629 -11.75 -6.82 25.90
C PHE A 629 -12.41 -5.46 25.87
N LEU A 630 -12.47 -4.78 27.01
CA LEU A 630 -13.07 -3.44 27.07
C LEU A 630 -12.27 -2.41 26.31
N PHE A 631 -11.13 -2.80 25.74
CA PHE A 631 -10.32 -1.97 24.86
C PHE A 631 -10.44 -2.39 23.40
N LEU A 632 -10.39 -3.69 23.15
CA LEU A 632 -10.57 -4.20 21.78
C LEU A 632 -11.96 -3.87 21.25
N ALA A 633 -12.99 -3.95 22.10
CA ALA A 633 -14.33 -3.60 21.65
C ALA A 633 -14.43 -2.11 21.30
N ALA A 634 -13.79 -1.25 22.09
CA ALA A 634 -13.77 0.17 21.76
C ALA A 634 -13.08 0.41 20.43
N PHE A 635 -11.97 -0.29 20.18
CA PHE A 635 -11.32 -0.16 18.89
C PHE A 635 -12.22 -0.63 17.76
N ALA A 636 -12.96 -1.71 17.98
CA ALA A 636 -13.86 -2.22 16.94
C ALA A 636 -14.96 -1.21 16.62
N VAL A 637 -15.53 -0.58 17.66
CA VAL A 637 -16.54 0.45 17.42
C VAL A 637 -15.94 1.61 16.63
N ALA A 638 -14.75 2.05 17.02
CA ALA A 638 -14.11 3.16 16.32
C ALA A 638 -13.85 2.82 14.84
N THR A 639 -13.38 1.60 14.57
CA THR A 639 -13.07 1.24 13.19
C THR A 639 -14.33 1.03 12.37
N VAL A 640 -15.43 0.57 12.98
CA VAL A 640 -16.69 0.47 12.25
C VAL A 640 -17.19 1.85 11.85
N THR A 641 -17.17 2.81 12.78
CA THR A 641 -17.59 4.16 12.41
C THR A 641 -16.67 4.76 11.37
N GLN A 642 -15.36 4.48 11.46
CA GLN A 642 -14.43 4.95 10.43
C GLN A 642 -14.76 4.35 9.07
N SER A 643 -15.10 3.06 9.03
CA SER A 643 -15.44 2.43 7.76
C SER A 643 -16.69 3.04 7.16
N PHE A 644 -17.70 3.34 7.98
CA PHE A 644 -18.88 4.04 7.46
C PHE A 644 -18.52 5.42 6.94
N LEU A 645 -17.65 6.13 7.65
CA LEU A 645 -17.23 7.45 7.18
C LEU A 645 -16.53 7.36 5.82
N LEU A 646 -15.69 6.34 5.64
CA LEU A 646 -15.07 6.15 4.33
C LEU A 646 -16.11 5.80 3.28
N SER A 647 -17.10 4.97 3.65
CA SER A 647 -18.14 4.59 2.70
C SER A 647 -18.96 5.79 2.25
N ALA A 648 -19.07 6.81 3.09
CA ALA A 648 -19.86 8.00 2.74
C ALA A 648 -19.16 8.93 1.75
N PHE A 649 -18.00 8.53 1.21
CA PHE A 649 -17.24 9.42 0.33
C PHE A 649 -17.51 9.15 -1.15
N PHE A 650 -17.44 7.89 -1.58
CA PHE A 650 -17.50 7.54 -2.99
C PHE A 650 -18.87 7.00 -3.36
N SER A 651 -19.18 7.07 -4.66
CA SER A 651 -20.47 6.64 -5.20
C SER A 651 -20.33 5.47 -6.17
N ARG A 652 -19.19 4.79 -6.18
CA ARG A 652 -18.99 3.62 -7.03
C ARG A 652 -18.53 2.44 -6.18
N ALA A 653 -18.97 1.24 -6.57
CA ALA A 653 -18.77 0.07 -5.72
C ALA A 653 -17.32 -0.36 -5.66
N ASN A 654 -16.75 -0.74 -6.81
CA ASN A 654 -15.40 -1.29 -6.81
C ASN A 654 -14.36 -0.25 -6.40
N LEU A 655 -14.52 0.98 -6.87
CA LEU A 655 -13.55 2.03 -6.52
C LEU A 655 -13.54 2.29 -5.02
N ALA A 656 -14.72 2.42 -4.41
CA ALA A 656 -14.77 2.65 -2.97
C ALA A 656 -14.26 1.43 -2.20
N ALA A 657 -14.59 0.22 -2.66
CA ALA A 657 -14.12 -0.97 -1.98
C ALA A 657 -12.61 -1.07 -1.99
N ALA A 658 -11.98 -0.70 -3.11
CA ALA A 658 -10.52 -0.75 -3.19
C ALA A 658 -9.85 0.44 -2.51
N CYS A 659 -10.54 1.58 -2.39
CA CYS A 659 -9.90 2.77 -1.85
C CYS A 659 -10.09 2.95 -0.35
N GLY A 660 -11.18 2.43 0.23
CA GLY A 660 -11.36 2.57 1.67
C GLY A 660 -10.33 1.79 2.46
N GLY A 661 -9.93 0.62 1.97
CA GLY A 661 -8.87 -0.13 2.61
C GLY A 661 -7.52 0.57 2.56
N LEU A 662 -7.35 1.58 1.71
CA LEU A 662 -6.12 2.34 1.66
C LEU A 662 -6.09 3.39 2.77
N ALA A 663 -7.18 4.12 2.93
CA ALA A 663 -7.26 5.09 4.03
C ALA A 663 -7.38 4.42 5.38
N TYR A 664 -7.78 3.14 5.42
CA TYR A 664 -7.72 2.41 6.69
C TYR A 664 -6.28 2.22 7.14
N PHE A 665 -5.37 1.95 6.21
CA PHE A 665 -3.97 1.73 6.57
C PHE A 665 -3.18 3.02 6.65
N SER A 666 -3.54 4.03 5.85
CA SER A 666 -2.73 5.25 5.79
C SER A 666 -2.73 6.03 7.09
N LEU A 667 -3.72 5.83 7.95
CA LEU A 667 -3.75 6.52 9.23
C LEU A 667 -2.90 5.84 10.30
N TYR A 668 -2.39 4.63 10.03
CA TYR A 668 -1.46 3.97 10.94
C TYR A 668 -0.06 4.56 10.87
N LEU A 669 0.27 5.25 9.79
CA LEU A 669 1.62 5.79 9.62
C LEU A 669 2.01 6.81 10.69
N PRO A 670 1.16 7.77 11.11
CA PRO A 670 1.59 8.74 12.12
C PRO A 670 2.09 8.10 13.41
N TYR A 671 1.54 6.95 13.82
CA TYR A 671 2.05 6.27 14.99
C TYR A 671 3.50 5.85 14.81
N VAL A 672 3.83 5.30 13.64
CA VAL A 672 5.21 4.89 13.37
C VAL A 672 6.11 6.11 13.27
N LEU A 673 5.61 7.19 12.67
CA LEU A 673 6.43 8.39 12.51
C LEU A 673 6.65 9.12 13.83
N CYS A 674 5.77 8.92 14.81
CA CYS A 674 5.88 9.62 16.08
C CYS A 674 6.49 8.77 17.19
N VAL A 675 6.50 7.44 17.06
CA VAL A 675 7.13 6.62 18.10
C VAL A 675 8.64 6.83 18.10
N ALA A 676 9.24 6.98 16.92
CA ALA A 676 10.67 7.23 16.84
C ALA A 676 11.04 8.58 17.44
N TRP A 677 10.23 9.60 17.16
CA TRP A 677 10.42 10.93 17.74
C TRP A 677 9.64 11.08 19.05
N ARG A 678 9.85 10.13 19.95
CA ARG A 678 9.05 10.08 21.19
C ARG A 678 9.31 11.30 22.06
N ASP A 679 10.57 11.70 22.22
CA ASP A 679 10.90 12.82 23.09
C ASP A 679 10.57 14.16 22.44
N ARG A 680 10.69 14.27 21.12
CA ARG A 680 10.49 15.55 20.46
C ARG A 680 9.06 16.06 20.63
N LEU A 681 8.08 15.17 20.52
CA LEU A 681 6.69 15.59 20.62
C LEU A 681 6.37 16.04 22.05
N PRO A 682 5.65 17.15 22.20
CA PRO A 682 5.19 17.55 23.53
C PRO A 682 4.08 16.64 24.02
N ALA A 683 3.84 16.68 25.33
CA ALA A 683 2.82 15.83 25.93
C ALA A 683 1.43 16.14 25.37
N GLY A 684 1.12 17.43 25.19
CA GLY A 684 -0.20 17.80 24.73
C GLY A 684 -0.50 17.35 23.31
N GLY A 685 0.50 17.40 22.43
CA GLY A 685 0.29 17.01 21.06
C GLY A 685 -0.02 15.54 20.88
N ARG A 686 0.31 14.72 21.88
CA ARG A 686 0.03 13.29 21.79
C ARG A 686 -1.47 13.01 21.74
N VAL A 687 -2.25 13.75 22.53
CA VAL A 687 -3.69 13.57 22.48
C VAL A 687 -4.25 14.01 21.13
N ALA A 688 -3.71 15.11 20.58
CA ALA A 688 -4.14 15.55 19.26
C ALA A 688 -3.84 14.50 18.21
N ALA A 689 -2.66 13.89 18.26
CA ALA A 689 -2.34 12.83 17.31
C ALA A 689 -3.14 11.56 17.59
N SER A 690 -3.68 11.42 18.80
CA SER A 690 -4.47 10.25 19.15
C SER A 690 -5.88 10.27 18.57
N LEU A 691 -6.23 11.30 17.80
CA LEU A 691 -7.56 11.34 17.18
C LEU A 691 -7.75 10.17 16.21
N LEU A 692 -6.71 9.84 15.44
CA LEU A 692 -6.78 8.69 14.56
C LEU A 692 -6.82 7.41 15.39
N SER A 693 -7.76 6.53 15.08
CA SER A 693 -8.02 5.38 15.94
C SER A 693 -6.84 4.45 16.13
N PRO A 694 -6.13 4.01 15.08
CA PRO A 694 -4.97 3.13 15.32
C PRO A 694 -3.88 3.79 16.14
N VAL A 695 -3.71 5.11 16.03
CA VAL A 695 -2.73 5.82 16.86
C VAL A 695 -3.11 5.71 18.33
N ALA A 696 -4.38 5.92 18.64
CA ALA A 696 -4.84 5.77 20.03
C ALA A 696 -4.65 4.34 20.50
N PHE A 697 -4.93 3.36 19.63
CA PHE A 697 -4.74 1.97 20.02
C PHE A 697 -3.29 1.68 20.34
N GLY A 698 -2.37 2.19 19.52
CA GLY A 698 -0.96 1.99 19.80
C GLY A 698 -0.51 2.67 21.08
N PHE A 699 -0.99 3.90 21.31
CA PHE A 699 -0.62 4.61 22.53
C PHE A 699 -1.21 3.97 23.78
N GLY A 700 -2.27 3.19 23.64
CA GLY A 700 -2.74 2.41 24.77
C GLY A 700 -2.00 1.09 24.89
N CYS A 701 -1.52 0.59 23.75
CA CYS A 701 -0.82 -0.69 23.76
C CYS A 701 0.57 -0.57 24.37
N GLU A 702 1.21 0.59 24.21
CA GLU A 702 2.49 0.80 24.89
C GLU A 702 2.31 0.78 26.40
N SER A 703 1.24 1.39 26.90
CA SER A 703 0.95 1.35 28.33
C SER A 703 0.61 -0.07 28.78
N LEU A 704 -0.12 -0.81 27.95
CA LEU A 704 -0.41 -2.22 28.28
C LEU A 704 0.89 -3.01 28.43
N ALA A 705 1.82 -2.85 27.48
CA ALA A 705 3.08 -3.58 27.56
C ALA A 705 3.90 -3.14 28.75
N LEU A 706 3.95 -1.83 29.01
CA LEU A 706 4.72 -1.32 30.13
C LEU A 706 4.20 -1.88 31.46
N LEU A 707 2.87 -1.94 31.61
CA LEU A 707 2.31 -2.57 32.80
C LEU A 707 2.56 -4.08 32.79
N GLU A 708 2.66 -4.68 31.61
CA GLU A 708 2.94 -6.11 31.55
C GLU A 708 4.33 -6.44 32.04
N GLU A 709 5.30 -5.54 31.83
CA GLU A 709 6.66 -5.80 32.30
C GLU A 709 6.72 -5.94 33.82
N GLN A 710 5.98 -5.10 34.54
CA GLN A 710 6.04 -5.03 36.00
C GLN A 710 5.42 -6.21 36.72
N GLY A 711 5.01 -7.29 36.04
CA GLY A 711 4.47 -8.46 36.71
C GLY A 711 2.98 -8.43 36.93
N GLU A 712 2.36 -7.26 36.88
CA GLU A 712 0.90 -7.12 36.99
C GLU A 712 0.39 -6.53 35.69
N GLY A 713 -0.17 -7.38 34.83
CA GLY A 713 -0.76 -6.92 33.59
C GLY A 713 -1.98 -6.07 33.83
N ALA A 714 -2.76 -5.90 32.76
CA ALA A 714 -4.01 -5.17 32.87
C ALA A 714 -4.95 -5.91 33.82
N GLN A 715 -5.20 -5.33 34.99
CA GLN A 715 -6.03 -5.97 36.00
C GLN A 715 -6.83 -4.90 36.73
N TRP A 716 -7.87 -5.36 37.44
CA TRP A 716 -8.79 -4.45 38.10
C TRP A 716 -8.11 -3.55 39.12
N HIS A 717 -6.96 -3.96 39.66
CA HIS A 717 -6.26 -3.14 40.64
C HIS A 717 -5.75 -1.84 40.02
N ASN A 718 -5.26 -1.91 38.78
CA ASN A 718 -4.50 -0.82 38.19
C ASN A 718 -5.08 -0.34 36.85
N VAL A 719 -6.41 -0.39 36.71
CA VAL A 719 -7.02 0.10 35.47
C VAL A 719 -6.91 1.61 35.38
N GLY A 720 -7.04 2.32 36.50
CA GLY A 720 -7.02 3.76 36.47
C GLY A 720 -5.71 4.38 36.93
N THR A 721 -4.64 3.59 36.95
CA THR A 721 -3.35 4.03 37.46
C THR A 721 -2.37 4.17 36.32
N ARG A 722 -1.71 5.32 36.25
CA ARG A 722 -0.71 5.57 35.22
C ARG A 722 0.59 4.87 35.59
N PRO A 723 1.09 3.94 34.77
CA PRO A 723 2.35 3.27 35.11
C PRO A 723 3.56 4.19 35.14
N THR A 724 3.49 5.36 34.52
CA THR A 724 4.62 6.28 34.46
C THR A 724 4.04 7.68 34.26
N ALA A 725 4.87 8.69 34.54
CA ALA A 725 4.39 10.07 34.61
C ALA A 725 3.73 10.52 33.30
N ASP A 726 4.26 10.07 32.16
CA ASP A 726 3.74 10.57 30.89
C ASP A 726 3.29 9.45 29.95
N VAL A 727 2.52 8.49 30.46
CA VAL A 727 1.88 7.48 29.63
C VAL A 727 0.41 7.42 30.03
N PHE A 728 -0.46 7.35 29.02
CA PHE A 728 -1.90 7.32 29.29
C PHE A 728 -2.28 6.07 30.05
N SER A 729 -3.15 6.23 31.04
CA SER A 729 -3.73 5.07 31.71
C SER A 729 -4.64 4.32 30.75
N LEU A 730 -4.75 3.01 30.96
CA LEU A 730 -5.54 2.19 30.06
C LEU A 730 -7.00 2.63 30.03
N ALA A 731 -7.48 3.27 31.09
CA ALA A 731 -8.86 3.73 31.13
C ALA A 731 -9.09 4.90 30.19
N GLN A 732 -8.20 5.89 30.23
CA GLN A 732 -8.42 7.12 29.47
C GLN A 732 -8.26 6.92 27.97
N VAL A 733 -7.68 5.81 27.51
CA VAL A 733 -7.59 5.56 26.08
C VAL A 733 -8.97 5.24 25.52
N SER A 734 -9.76 4.46 26.25
CA SER A 734 -11.08 4.06 25.76
C SER A 734 -11.97 5.28 25.60
N GLY A 735 -11.86 6.26 26.50
CA GLY A 735 -12.63 7.49 26.34
C GLY A 735 -12.30 8.21 25.05
N LEU A 736 -11.01 8.28 24.71
CA LEU A 736 -10.61 8.92 23.45
C LEU A 736 -11.10 8.11 22.25
N LEU A 737 -11.05 6.78 22.34
CA LEU A 737 -11.55 5.96 21.23
C LEU A 737 -13.05 6.19 21.00
N LEU A 738 -13.84 6.23 22.07
CA LEU A 738 -15.27 6.45 21.93
C LEU A 738 -15.58 7.87 21.45
N LEU A 739 -14.83 8.87 21.93
CA LEU A 739 -15.02 10.22 21.43
C LEU A 739 -14.71 10.30 19.95
N ASP A 740 -13.66 9.60 19.51
CA ASP A 740 -13.32 9.61 18.09
C ASP A 740 -14.37 8.88 17.26
N ALA A 741 -14.94 7.80 17.80
CA ALA A 741 -16.04 7.13 17.10
C ALA A 741 -17.25 8.05 16.96
N ALA A 742 -17.58 8.79 18.02
CA ALA A 742 -18.67 9.75 17.93
C ALA A 742 -18.37 10.85 16.92
N LEU A 743 -17.11 11.30 16.87
CA LEU A 743 -16.72 12.31 15.89
C LEU A 743 -16.85 11.77 14.47
N TYR A 744 -16.48 10.51 14.25
CA TYR A 744 -16.67 9.90 12.93
C TYR A 744 -18.15 9.83 12.57
N GLY A 745 -19.00 9.46 13.54
CA GLY A 745 -20.43 9.44 13.28
C GLY A 745 -20.98 10.80 12.90
N LEU A 746 -20.58 11.84 13.63
CA LEU A 746 -21.02 13.18 13.28
C LEU A 746 -20.48 13.62 11.93
N ALA A 747 -19.25 13.22 11.59
CA ALA A 747 -18.70 13.55 10.29
C ALA A 747 -19.52 12.91 9.17
N THR A 748 -19.91 11.65 9.34
CA THR A 748 -20.80 11.01 8.36
C THR A 748 -22.14 11.73 8.28
N TRP A 749 -22.69 12.10 9.44
CA TRP A 749 -23.98 12.80 9.48
C TRP A 749 -23.92 14.11 8.70
N TYR A 750 -22.82 14.85 8.85
CA TYR A 750 -22.69 16.10 8.10
C TYR A 750 -22.41 15.83 6.62
N LEU A 751 -21.57 14.83 6.32
CA LEU A 751 -21.17 14.61 4.94
C LEU A 751 -22.32 14.11 4.08
N GLU A 752 -23.29 13.42 4.68
CA GLU A 752 -24.45 13.00 3.88
C GLU A 752 -25.32 14.17 3.43
N ALA A 753 -25.10 15.37 3.95
CA ALA A 753 -25.90 16.54 3.61
C ALA A 753 -25.27 17.41 2.53
N VAL A 754 -24.05 17.09 2.07
CA VAL A 754 -23.40 17.95 1.08
C VAL A 754 -24.09 17.83 -0.28
N CYS A 755 -24.52 16.62 -0.65
CA CYS A 755 -25.09 16.36 -1.97
C CYS A 755 -26.41 15.60 -1.80
N PRO A 756 -27.47 16.29 -1.39
CA PRO A 756 -28.77 15.63 -1.24
C PRO A 756 -29.63 15.78 -2.49
N GLY A 757 -30.69 14.99 -2.55
CA GLY A 757 -31.66 15.08 -3.62
C GLY A 757 -31.22 14.44 -4.92
N GLN A 758 -30.10 14.90 -5.47
CA GLN A 758 -29.63 14.40 -6.76
C GLN A 758 -29.29 12.93 -6.66
N TYR A 759 -29.68 12.17 -7.68
CA TYR A 759 -29.41 10.73 -7.75
C TYR A 759 -28.05 10.44 -8.37
N GLY A 760 -27.01 11.07 -7.83
CA GLY A 760 -25.66 10.90 -8.33
C GLY A 760 -25.11 9.50 -8.12
N LYS A 793 -54.99 25.12 -24.62
CA LYS A 793 -54.39 24.14 -23.71
C LYS A 793 -55.31 23.88 -22.53
N VAL A 794 -56.30 24.76 -22.33
CA VAL A 794 -57.27 24.59 -21.27
C VAL A 794 -58.33 23.55 -21.60
N LEU A 795 -58.24 22.92 -22.76
CA LEU A 795 -59.21 21.90 -23.16
C LEU A 795 -59.05 20.67 -22.26
N VAL A 796 -59.99 20.48 -21.35
CA VAL A 796 -59.97 19.36 -20.42
C VAL A 796 -61.38 18.77 -20.33
N GLU A 797 -61.44 17.45 -20.23
CA GLU A 797 -62.70 16.74 -20.05
C GLU A 797 -62.71 16.10 -18.67
N GLU A 798 -63.69 16.48 -17.85
CA GLU A 798 -63.85 15.95 -16.49
C GLU A 798 -65.33 15.59 -16.31
N ALA A 799 -65.70 14.38 -16.71
CA ALA A 799 -67.09 13.94 -16.59
C ALA A 799 -67.21 12.43 -16.69
N PRO A 800 -66.87 11.68 -15.65
CA PRO A 800 -67.16 10.25 -15.64
C PRO A 800 -68.55 9.99 -15.11
N PRO A 801 -69.10 8.79 -15.33
CA PRO A 801 -70.41 8.48 -14.73
C PRO A 801 -70.43 8.60 -13.22
N GLY A 802 -69.34 8.22 -12.55
CA GLY A 802 -69.20 8.44 -11.12
C GLY A 802 -68.05 9.36 -10.80
N LEU A 803 -68.36 10.56 -10.33
CA LEU A 803 -67.34 11.58 -10.06
C LEU A 803 -66.88 11.46 -8.62
N SER A 804 -65.64 11.05 -8.42
CA SER A 804 -65.05 10.92 -7.09
C SER A 804 -63.53 11.03 -7.20
N PRO A 805 -62.96 12.21 -6.99
CA PRO A 805 -61.51 12.37 -7.16
C PRO A 805 -60.71 11.70 -6.05
N GLY A 806 -60.49 10.38 -6.19
CA GLY A 806 -59.68 9.68 -5.21
C GLY A 806 -58.28 10.23 -5.10
N VAL A 807 -57.67 10.57 -6.24
CA VAL A 807 -56.38 11.24 -6.28
C VAL A 807 -56.60 12.64 -6.85
N SER A 808 -55.81 13.59 -6.37
CA SER A 808 -55.93 14.96 -6.86
C SER A 808 -54.57 15.64 -6.76
N VAL A 809 -54.24 16.43 -7.78
CA VAL A 809 -53.06 17.28 -7.77
C VAL A 809 -53.46 18.66 -8.26
N ARG A 810 -53.20 19.68 -7.44
CA ARG A 810 -53.70 21.03 -7.67
C ARG A 810 -52.52 22.00 -7.66
N SER A 811 -52.21 22.55 -8.84
CA SER A 811 -51.23 23.63 -8.99
C SER A 811 -49.85 23.25 -8.44
N LEU A 812 -49.48 21.98 -8.55
CA LEU A 812 -48.20 21.52 -8.03
C LEU A 812 -47.05 22.06 -8.87
N GLU A 813 -46.00 22.51 -8.20
CA GLU A 813 -44.86 23.11 -8.87
C GLU A 813 -43.60 22.79 -8.10
N LYS A 814 -42.49 22.59 -8.82
CA LYS A 814 -41.21 22.30 -8.20
C LYS A 814 -40.10 22.92 -9.04
N ARG A 815 -39.12 23.53 -8.37
CA ARG A 815 -38.02 24.23 -9.03
C ARG A 815 -36.69 23.70 -8.53
N PHE A 816 -35.84 23.23 -9.45
CA PHE A 816 -34.47 22.90 -9.10
C PHE A 816 -33.62 24.17 -9.11
N PRO A 817 -32.75 24.37 -8.12
CA PRO A 817 -31.93 25.60 -8.11
C PRO A 817 -31.03 25.72 -9.32
N GLY A 818 -30.65 24.60 -9.93
CA GLY A 818 -29.74 24.67 -11.07
C GLY A 818 -30.35 25.38 -12.27
N SER A 819 -31.61 25.06 -12.59
CA SER A 819 -32.29 25.70 -13.71
C SER A 819 -33.17 26.82 -13.21
N PRO A 820 -32.96 28.07 -13.65
CA PRO A 820 -33.86 29.15 -13.21
C PRO A 820 -35.32 28.91 -13.57
N GLN A 821 -35.57 28.33 -14.74
CA GLN A 821 -36.93 27.94 -15.09
C GLN A 821 -37.35 26.70 -14.30
N PRO A 822 -38.60 26.65 -13.84
CA PRO A 822 -39.02 25.49 -13.04
C PRO A 822 -39.05 24.21 -13.87
N ALA A 823 -38.71 23.10 -13.20
CA ALA A 823 -38.74 21.81 -13.87
C ALA A 823 -40.16 21.39 -14.21
N LEU A 824 -41.08 21.57 -13.27
CA LEU A 824 -42.49 21.23 -13.45
C LEU A 824 -43.35 22.46 -13.20
N ARG A 825 -44.17 22.82 -14.18
CA ARG A 825 -45.05 23.97 -14.08
C ARG A 825 -46.40 23.53 -13.51
N GLY A 826 -47.39 24.41 -13.59
CA GLY A 826 -48.71 24.14 -13.04
C GLY A 826 -49.39 22.92 -13.62
N LEU A 827 -49.86 22.04 -12.74
CA LEU A 827 -50.54 20.79 -13.14
C LEU A 827 -51.87 20.73 -12.41
N SER A 828 -52.95 21.11 -13.09
CA SER A 828 -54.28 21.12 -12.50
C SER A 828 -55.08 19.88 -12.87
N LEU A 829 -54.41 18.84 -13.39
CA LEU A 829 -55.11 17.64 -13.82
C LEU A 829 -55.73 16.89 -12.65
N ASP A 830 -56.94 16.41 -12.85
CA ASP A 830 -57.67 15.67 -11.83
C ASP A 830 -57.72 14.19 -12.20
N PHE A 831 -58.01 13.36 -11.19
CA PHE A 831 -58.05 11.92 -11.36
C PHE A 831 -59.34 11.37 -10.76
N TYR A 832 -59.76 10.21 -11.25
CA TYR A 832 -60.96 9.55 -10.77
C TYR A 832 -60.69 8.07 -10.59
N GLN A 833 -61.38 7.47 -9.62
CA GLN A 833 -61.13 6.08 -9.29
C GLN A 833 -61.63 5.16 -10.39
N GLY A 834 -60.86 4.09 -10.65
CA GLY A 834 -61.19 3.12 -11.67
C GLY A 834 -60.60 3.41 -13.03
N HIS A 835 -60.12 4.62 -13.28
CA HIS A 835 -59.56 5.00 -14.56
C HIS A 835 -58.05 4.84 -14.55
N ILE A 836 -57.52 4.12 -15.53
CA ILE A 836 -56.07 3.92 -15.65
C ILE A 836 -55.55 5.10 -16.44
N THR A 837 -55.35 6.23 -15.74
CA THR A 837 -54.86 7.43 -16.39
C THR A 837 -53.38 7.26 -16.73
N ALA A 838 -53.03 7.58 -17.98
CA ALA A 838 -51.68 7.37 -18.47
C ALA A 838 -51.05 8.69 -18.86
N PHE A 839 -49.79 8.87 -18.47
CA PHE A 839 -49.02 10.04 -18.87
C PHE A 839 -48.38 9.79 -20.22
N LEU A 840 -48.50 10.76 -21.12
CA LEU A 840 -47.98 10.65 -22.48
C LEU A 840 -47.03 11.82 -22.74
N GLY A 841 -45.79 11.52 -23.09
CA GLY A 841 -44.83 12.55 -23.40
C GLY A 841 -43.49 11.94 -23.75
N HIS A 842 -42.70 12.74 -24.47
CA HIS A 842 -41.34 12.33 -24.81
C HIS A 842 -40.44 12.43 -23.59
N ASN A 843 -39.28 11.78 -23.68
CA ASN A 843 -38.35 11.76 -22.56
C ASN A 843 -37.89 13.18 -22.21
N GLY A 844 -37.90 13.50 -20.93
CA GLY A 844 -37.52 14.81 -20.46
C GLY A 844 -38.65 15.78 -20.21
N ALA A 845 -39.87 15.30 -20.01
CA ALA A 845 -41.03 16.16 -19.79
C ALA A 845 -41.41 16.28 -18.32
N GLY A 846 -40.59 15.76 -17.41
CA GLY A 846 -40.93 15.82 -16.00
C GLY A 846 -41.89 14.76 -15.53
N LYS A 847 -42.03 13.67 -16.27
CA LYS A 847 -43.00 12.63 -15.91
C LYS A 847 -42.57 11.90 -14.65
N THR A 848 -41.30 11.46 -14.60
CA THR A 848 -40.81 10.75 -13.42
C THR A 848 -40.78 11.67 -12.20
N THR A 849 -40.40 12.94 -12.38
CA THR A 849 -40.40 13.87 -11.26
C THR A 849 -41.82 14.08 -10.73
N THR A 850 -42.79 14.25 -11.63
CA THR A 850 -44.16 14.45 -11.20
C THR A 850 -44.69 13.22 -10.46
N LEU A 851 -44.38 12.02 -10.95
CA LEU A 851 -44.80 10.82 -10.25
C LEU A 851 -44.12 10.70 -8.89
N SER A 852 -42.86 11.10 -8.79
CA SER A 852 -42.13 10.95 -7.53
C SER A 852 -42.57 11.97 -6.49
N ILE A 853 -43.05 13.14 -6.93
CA ILE A 853 -43.51 14.15 -5.96
C ILE A 853 -44.67 13.61 -5.13
N LEU A 854 -45.60 12.92 -5.77
CA LEU A 854 -46.74 12.36 -5.03
C LEU A 854 -46.27 11.35 -3.99
N SER A 855 -45.28 10.53 -4.34
CA SER A 855 -44.69 9.65 -3.34
C SER A 855 -43.80 10.45 -2.39
N GLY A 856 -43.41 9.80 -1.29
CA GLY A 856 -42.61 10.47 -0.29
C GLY A 856 -41.11 10.38 -0.53
N LEU A 857 -40.61 11.09 -1.53
CA LEU A 857 -39.18 11.10 -1.81
C LEU A 857 -38.64 12.52 -1.96
N PHE A 858 -39.49 13.44 -2.39
CA PHE A 858 -39.10 14.84 -2.55
C PHE A 858 -40.17 15.72 -1.92
N PRO A 859 -39.82 16.93 -1.50
CA PRO A 859 -40.81 17.86 -0.96
C PRO A 859 -41.46 18.67 -2.07
N PRO A 860 -42.79 18.74 -2.10
CA PRO A 860 -43.47 19.61 -3.07
C PRO A 860 -43.22 21.07 -2.73
N SER A 861 -42.68 21.82 -3.70
CA SER A 861 -42.34 23.22 -3.45
C SER A 861 -43.59 24.05 -3.17
N GLY A 862 -44.68 23.79 -3.89
CA GLY A 862 -45.89 24.55 -3.72
C GLY A 862 -47.11 23.74 -4.10
N GLY A 863 -48.28 24.33 -3.89
CA GLY A 863 -49.52 23.67 -4.23
C GLY A 863 -49.88 22.56 -3.25
N SER A 864 -50.87 21.77 -3.64
CA SER A 864 -51.38 20.68 -2.81
C SER A 864 -51.42 19.40 -3.63
N ALA A 865 -51.28 18.28 -2.94
CA ALA A 865 -51.27 16.95 -3.54
C ALA A 865 -52.15 16.01 -2.74
N PHE A 866 -53.37 16.45 -2.45
CA PHE A 866 -54.29 15.68 -1.62
C PHE A 866 -54.57 14.32 -2.24
N ILE A 867 -54.22 13.26 -1.53
CA ILE A 867 -54.51 11.88 -1.92
C ILE A 867 -55.48 11.31 -0.91
N LEU A 868 -56.61 10.80 -1.39
CA LEU A 868 -57.63 10.12 -0.58
C LEU A 868 -58.20 11.02 0.50
N GLY A 869 -57.99 12.34 0.42
CA GLY A 869 -58.54 13.27 1.37
C GLY A 869 -57.56 13.81 2.40
N HIS A 870 -56.42 13.15 2.58
CA HIS A 870 -55.40 13.58 3.53
C HIS A 870 -54.05 13.66 2.83
N ASP A 871 -53.39 14.81 2.94
CA ASP A 871 -52.11 15.00 2.27
C ASP A 871 -51.08 14.01 2.79
N VAL A 872 -50.21 13.55 1.89
CA VAL A 872 -49.25 12.50 2.22
C VAL A 872 -48.28 12.99 3.30
N ARG A 873 -47.85 14.26 3.22
CA ARG A 873 -46.96 14.80 4.23
C ARG A 873 -47.62 14.82 5.61
N SER A 874 -48.87 15.27 5.67
CA SER A 874 -49.56 15.33 6.95
C SER A 874 -50.01 13.95 7.41
N SER A 875 -50.51 13.13 6.50
CA SER A 875 -51.00 11.81 6.88
C SER A 875 -49.87 10.91 7.39
N MET A 876 -48.67 11.07 6.85
CA MET A 876 -47.47 10.34 7.30
C MET A 876 -47.73 8.85 7.06
N ALA A 877 -47.60 8.00 8.08
CA ALA A 877 -47.71 6.55 7.90
C ALA A 877 -49.15 6.07 7.87
N ALA A 878 -50.13 6.95 8.00
CA ALA A 878 -51.52 6.53 7.89
C ALA A 878 -51.92 6.23 6.45
N ILE A 879 -51.28 6.89 5.49
CA ILE A 879 -51.61 6.71 4.08
C ILE A 879 -50.84 5.57 3.44
N ARG A 880 -49.70 5.17 4.01
CA ARG A 880 -48.87 4.14 3.39
C ARG A 880 -49.58 2.81 3.17
N PRO A 881 -50.37 2.27 4.12
CA PRO A 881 -51.04 0.99 3.85
C PRO A 881 -52.01 1.03 2.68
N HIS A 882 -52.41 2.21 2.21
CA HIS A 882 -53.32 2.34 1.08
C HIS A 882 -52.65 2.93 -0.15
N LEU A 883 -51.33 2.80 -0.26
CA LEU A 883 -50.61 3.31 -1.42
C LEU A 883 -49.44 2.37 -1.71
N GLY A 884 -49.28 2.01 -2.99
CA GLY A 884 -48.19 1.13 -3.40
C GLY A 884 -47.53 1.61 -4.68
N VAL A 885 -46.22 1.81 -4.65
CA VAL A 885 -45.50 2.43 -5.75
C VAL A 885 -44.37 1.51 -6.19
N CYS A 886 -44.23 1.32 -7.50
CA CYS A 886 -43.11 0.62 -8.10
C CYS A 886 -42.43 1.52 -9.12
N PRO A 887 -41.15 1.86 -8.95
CA PRO A 887 -40.53 2.82 -9.87
C PRO A 887 -39.96 2.17 -11.12
N GLN A 888 -39.31 2.97 -11.97
CA GLN A 888 -38.80 2.46 -13.24
C GLN A 888 -37.67 1.47 -13.02
N TYR A 889 -36.68 1.81 -12.20
CA TYR A 889 -35.56 0.93 -11.95
C TYR A 889 -35.99 -0.27 -11.13
N ASN A 890 -35.45 -1.43 -11.47
CA ASN A 890 -35.88 -2.69 -10.86
C ASN A 890 -35.47 -2.72 -9.39
N VAL A 891 -36.38 -3.13 -8.52
CA VAL A 891 -36.16 -3.13 -7.08
C VAL A 891 -36.28 -4.58 -6.59
N LEU A 892 -35.16 -5.30 -6.61
CA LEU A 892 -35.11 -6.67 -6.11
C LEU A 892 -33.78 -6.91 -5.43
N PHE A 893 -33.79 -7.74 -4.39
CA PHE A 893 -32.58 -8.12 -3.66
C PHE A 893 -32.11 -9.47 -4.18
N ASP A 894 -30.84 -9.53 -4.59
CA ASP A 894 -30.36 -10.64 -5.39
C ASP A 894 -30.38 -11.95 -4.61
N MET A 895 -29.82 -11.96 -3.40
CA MET A 895 -29.66 -13.23 -2.69
C MET A 895 -30.98 -13.75 -2.14
N LEU A 896 -31.93 -12.86 -1.87
CA LEU A 896 -33.21 -13.28 -1.31
C LEU A 896 -33.96 -14.15 -2.31
N THR A 897 -34.70 -15.14 -1.78
CA THR A 897 -35.36 -16.13 -2.62
C THR A 897 -36.67 -15.56 -3.16
N VAL A 898 -37.45 -16.40 -3.83
CA VAL A 898 -38.69 -15.95 -4.49
C VAL A 898 -39.70 -15.46 -3.46
N ASP A 899 -39.97 -16.28 -2.44
CA ASP A 899 -41.01 -15.93 -1.48
C ASP A 899 -40.56 -14.88 -0.48
N GLU A 900 -39.25 -14.81 -0.21
CA GLU A 900 -38.75 -13.89 0.80
C GLU A 900 -39.01 -12.43 0.42
N HIS A 901 -39.02 -12.12 -0.88
CA HIS A 901 -39.27 -10.74 -1.29
C HIS A 901 -40.68 -10.30 -0.91
N VAL A 902 -41.68 -11.15 -1.21
CA VAL A 902 -43.05 -10.81 -0.84
C VAL A 902 -43.20 -10.82 0.68
N TRP A 903 -42.52 -11.73 1.36
CA TRP A 903 -42.56 -11.76 2.82
C TRP A 903 -42.08 -10.43 3.39
N PHE A 904 -40.91 -9.97 2.95
CA PHE A 904 -40.35 -8.71 3.44
C PHE A 904 -41.23 -7.53 3.05
N TYR A 905 -41.72 -7.51 1.82
CA TYR A 905 -42.46 -6.34 1.35
C TYR A 905 -43.90 -6.31 1.83
N GLY A 906 -44.40 -7.40 2.40
CA GLY A 906 -45.69 -7.39 3.05
C GLY A 906 -45.57 -7.08 4.53
N ARG A 907 -44.53 -7.62 5.18
CA ARG A 907 -44.34 -7.35 6.60
C ARG A 907 -44.08 -5.87 6.86
N LEU A 908 -43.36 -5.22 5.94
CA LEU A 908 -43.00 -3.82 6.16
C LEU A 908 -44.21 -2.91 6.11
N LYS A 909 -45.21 -3.26 5.28
CA LYS A 909 -46.40 -2.42 5.14
C LYS A 909 -47.34 -2.51 6.33
N GLY A 910 -47.08 -3.41 7.27
CA GLY A 910 -47.94 -3.58 8.42
C GLY A 910 -48.88 -4.76 8.35
N LEU A 911 -48.77 -5.60 7.33
CA LEU A 911 -49.65 -6.75 7.19
C LEU A 911 -49.40 -7.76 8.32
N SER A 912 -50.48 -8.40 8.75
CA SER A 912 -50.39 -9.33 9.87
C SER A 912 -49.72 -10.63 9.44
N ALA A 913 -49.39 -11.45 10.43
CA ALA A 913 -48.63 -12.68 10.17
C ALA A 913 -49.49 -13.76 9.53
N ALA A 914 -50.77 -13.84 9.91
CA ALA A 914 -51.59 -14.96 9.46
C ALA A 914 -51.99 -14.81 7.99
N VAL A 915 -52.19 -13.57 7.51
CA VAL A 915 -52.69 -13.35 6.11
C VAL A 915 -51.56 -13.08 5.10
N VAL A 916 -50.34 -12.82 5.57
CA VAL A 916 -49.23 -12.64 4.58
C VAL A 916 -49.14 -13.91 3.73
N GLY A 917 -49.28 -15.11 4.31
CA GLY A 917 -49.31 -16.34 3.49
C GLY A 917 -50.28 -16.19 2.32
N PRO A 918 -51.60 -16.03 2.56
CA PRO A 918 -52.56 -15.75 1.46
C PRO A 918 -52.21 -14.63 0.47
N GLU A 919 -51.79 -13.44 0.92
CA GLU A 919 -51.49 -12.40 -0.12
C GLU A 919 -50.38 -12.94 -1.01
N GLN A 920 -49.38 -13.53 -0.37
CA GLN A 920 -48.27 -14.13 -1.14
C GLN A 920 -48.87 -15.09 -2.17
N ASP A 921 -49.65 -16.10 -1.75
CA ASP A 921 -50.18 -17.11 -2.71
C ASP A 921 -50.95 -16.42 -3.84
N ARG A 922 -51.78 -15.43 -3.52
CA ARG A 922 -52.52 -14.67 -4.56
C ARG A 922 -51.55 -14.14 -5.59
N LEU A 923 -50.62 -13.26 -5.20
CA LEU A 923 -49.76 -12.68 -6.26
C LEU A 923 -49.00 -13.81 -6.98
N LEU A 924 -48.58 -14.83 -6.25
CA LEU A 924 -47.82 -15.95 -6.84
C LEU A 924 -48.60 -16.53 -8.02
N GLN A 925 -49.84 -16.99 -7.82
CA GLN A 925 -50.53 -17.63 -8.97
C GLN A 925 -50.98 -16.58 -9.99
N ASP A 926 -51.28 -15.34 -9.57
CA ASP A 926 -51.64 -14.31 -10.56
C ASP A 926 -50.47 -14.16 -11.55
N VAL A 927 -49.23 -14.37 -11.09
CA VAL A 927 -48.14 -14.34 -12.11
C VAL A 927 -47.81 -15.79 -12.52
N GLY A 928 -48.23 -16.78 -11.72
CA GLY A 928 -48.00 -18.16 -12.08
C GLY A 928 -46.57 -18.64 -11.93
N LEU A 929 -45.95 -18.32 -10.79
CA LEU A 929 -44.57 -18.72 -10.52
C LEU A 929 -44.48 -19.67 -9.33
N VAL A 930 -45.50 -20.52 -9.15
CA VAL A 930 -45.55 -21.39 -7.98
C VAL A 930 -44.39 -22.39 -8.01
N SER A 931 -44.23 -23.10 -9.14
CA SER A 931 -43.15 -24.06 -9.25
C SER A 931 -41.79 -23.40 -9.15
N LYS A 932 -41.65 -22.22 -9.78
CA LYS A 932 -40.40 -21.48 -9.68
C LYS A 932 -40.11 -21.02 -8.26
N GLN A 933 -41.12 -21.03 -7.38
CA GLN A 933 -40.86 -20.71 -5.98
C GLN A 933 -40.04 -21.80 -5.29
N SER A 934 -40.03 -23.02 -5.84
CA SER A 934 -39.29 -24.10 -5.19
C SER A 934 -37.79 -23.90 -5.31
N VAL A 935 -37.30 -23.46 -6.48
CA VAL A 935 -35.86 -23.32 -6.67
C VAL A 935 -35.31 -22.23 -5.76
N GLN A 936 -36.13 -21.25 -5.40
CA GLN A 936 -35.77 -20.20 -4.44
C GLN A 936 -34.52 -19.43 -4.91
N THR A 937 -34.62 -18.88 -6.11
CA THR A 937 -33.55 -18.06 -6.69
C THR A 937 -34.15 -16.80 -7.27
N ARG A 938 -33.34 -15.73 -7.27
CA ARG A 938 -33.78 -14.46 -7.82
C ARG A 938 -32.91 -13.92 -8.94
N HIS A 939 -31.61 -14.24 -8.95
CA HIS A 939 -30.74 -13.82 -10.04
C HIS A 939 -30.54 -14.90 -11.08
N LEU A 940 -31.13 -16.08 -10.90
CA LEU A 940 -31.06 -17.11 -11.92
C LEU A 940 -31.97 -16.77 -13.10
N SER A 941 -33.19 -16.32 -12.83
CA SER A 941 -34.12 -15.96 -13.89
C SER A 941 -33.90 -14.51 -14.31
N GLY A 942 -33.95 -14.27 -15.62
CA GLY A 942 -33.68 -12.96 -16.16
C GLY A 942 -34.82 -12.47 -17.02
N GLY A 943 -34.96 -11.15 -17.08
CA GLY A 943 -36.02 -10.52 -17.87
C GLY A 943 -37.40 -10.59 -17.27
N MET A 944 -37.81 -11.77 -16.81
CA MET A 944 -39.11 -11.98 -16.20
C MET A 944 -39.24 -11.29 -14.84
N GLN A 945 -38.14 -10.81 -14.25
CA GLN A 945 -38.20 -10.22 -12.93
C GLN A 945 -39.02 -8.93 -12.91
N ARG A 946 -39.14 -8.26 -14.05
CA ARG A 946 -39.93 -7.04 -14.10
C ARG A 946 -41.39 -7.31 -13.79
N LYS A 947 -41.89 -8.48 -14.17
CA LYS A 947 -43.25 -8.85 -13.82
C LYS A 947 -43.43 -8.93 -12.31
N LEU A 948 -42.48 -9.56 -11.62
CA LEU A 948 -42.55 -9.66 -10.17
C LEU A 948 -42.44 -8.28 -9.53
N SER A 949 -41.57 -7.42 -10.06
CA SER A 949 -41.46 -6.07 -9.52
C SER A 949 -42.76 -5.30 -9.68
N VAL A 950 -43.43 -5.44 -10.83
CA VAL A 950 -44.71 -4.78 -11.02
C VAL A 950 -45.75 -5.34 -10.06
N ALA A 951 -45.78 -6.67 -9.90
CA ALA A 951 -46.76 -7.29 -9.02
C ALA A 951 -46.60 -6.84 -7.57
N ILE A 952 -45.35 -6.67 -7.12
CA ILE A 952 -45.09 -6.31 -5.73
C ILE A 952 -45.81 -5.02 -5.33
N ALA A 953 -46.03 -4.11 -6.28
CA ALA A 953 -46.69 -2.85 -5.98
C ALA A 953 -48.13 -3.03 -5.51
N PHE A 954 -48.73 -4.20 -5.68
CA PHE A 954 -50.10 -4.47 -5.28
C PHE A 954 -50.17 -5.35 -4.04
N VAL A 955 -49.09 -5.46 -3.28
CA VAL A 955 -49.07 -6.39 -2.13
C VAL A 955 -49.97 -5.89 -1.01
N GLY A 956 -50.11 -4.58 -0.86
CA GLY A 956 -50.88 -4.01 0.23
C GLY A 956 -52.36 -3.78 -0.05
N GLY A 957 -52.86 -4.23 -1.20
CA GLY A 957 -54.24 -3.93 -1.56
C GLY A 957 -54.50 -2.44 -1.65
N SER A 958 -53.53 -1.69 -2.15
CA SER A 958 -53.61 -0.24 -2.12
C SER A 958 -54.72 0.27 -3.02
N GLN A 959 -55.46 1.26 -2.52
CA GLN A 959 -56.51 1.88 -3.33
C GLN A 959 -55.93 2.72 -4.45
N VAL A 960 -54.77 3.34 -4.24
CA VAL A 960 -54.12 4.18 -5.24
C VAL A 960 -52.75 3.59 -5.54
N VAL A 961 -52.42 3.50 -6.82
CA VAL A 961 -51.14 2.95 -7.27
C VAL A 961 -50.55 3.91 -8.30
N ILE A 962 -49.26 4.20 -8.15
CA ILE A 962 -48.55 5.10 -9.06
C ILE A 962 -47.37 4.32 -9.61
N LEU A 963 -47.54 3.75 -10.80
CA LEU A 963 -46.47 3.03 -11.46
C LEU A 963 -45.70 3.96 -12.39
N ASP A 964 -44.44 3.61 -12.65
CA ASP A 964 -43.58 4.39 -13.53
C ASP A 964 -42.99 3.45 -14.58
N GLU A 965 -43.44 3.61 -15.82
CA GLU A 965 -42.97 2.84 -16.98
C GLU A 965 -42.97 1.34 -16.68
N PRO A 966 -44.14 0.71 -16.61
CA PRO A 966 -44.17 -0.76 -16.40
C PRO A 966 -43.54 -1.53 -17.55
N THR A 967 -43.41 -0.92 -18.72
CA THR A 967 -42.81 -1.55 -19.90
C THR A 967 -41.59 -0.77 -20.36
N ALA A 968 -40.72 -0.42 -19.43
CA ALA A 968 -39.58 0.44 -19.76
C ALA A 968 -38.57 -0.28 -20.64
N GLY A 969 -38.18 -1.50 -20.27
CA GLY A 969 -37.10 -2.16 -20.98
C GLY A 969 -37.29 -3.64 -21.21
N VAL A 970 -38.52 -4.12 -21.18
CA VAL A 970 -38.81 -5.53 -21.40
C VAL A 970 -39.04 -5.78 -22.88
N ASP A 971 -38.79 -7.02 -23.31
CA ASP A 971 -38.95 -7.38 -24.71
C ASP A 971 -40.43 -7.38 -25.10
N PRO A 972 -40.73 -7.18 -26.37
CA PRO A 972 -42.14 -7.20 -26.80
C PRO A 972 -42.82 -8.54 -26.59
N ALA A 973 -42.07 -9.63 -26.46
CA ALA A 973 -42.68 -10.94 -26.25
C ALA A 973 -43.28 -11.08 -24.85
N SER A 974 -42.91 -10.21 -23.91
CA SER A 974 -43.36 -10.33 -22.53
C SER A 974 -44.33 -9.24 -22.10
N ARG A 975 -44.52 -8.18 -22.89
CA ARG A 975 -45.40 -7.09 -22.49
C ARG A 975 -46.86 -7.53 -22.38
N ARG A 976 -47.21 -8.68 -22.98
CA ARG A 976 -48.58 -9.16 -22.88
C ARG A 976 -48.96 -9.48 -21.44
N GLY A 977 -48.05 -10.08 -20.68
CA GLY A 977 -48.34 -10.39 -19.29
C GLY A 977 -48.53 -9.15 -18.44
N ILE A 978 -47.67 -8.15 -18.64
CA ILE A 978 -47.81 -6.89 -17.90
C ILE A 978 -49.14 -6.24 -18.24
N TRP A 979 -49.49 -6.22 -19.53
CA TRP A 979 -50.79 -5.65 -19.92
C TRP A 979 -51.94 -6.40 -19.28
N GLU A 980 -51.87 -7.74 -19.27
CA GLU A 980 -52.97 -8.54 -18.76
C GLU A 980 -53.15 -8.33 -17.27
N LEU A 981 -52.06 -8.32 -16.50
CA LEU A 981 -52.20 -8.08 -15.06
C LEU A 981 -52.65 -6.65 -14.77
N LEU A 982 -52.08 -5.66 -15.47
CA LEU A 982 -52.47 -4.29 -15.19
C LEU A 982 -53.91 -4.00 -15.59
N LEU A 983 -54.48 -4.82 -16.48
CA LEU A 983 -55.92 -4.74 -16.73
C LEU A 983 -56.73 -5.64 -15.79
N LYS A 984 -56.11 -6.66 -15.21
CA LYS A 984 -56.80 -7.50 -14.24
C LYS A 984 -56.99 -6.79 -12.91
N TYR A 985 -56.09 -5.86 -12.58
CA TYR A 985 -56.23 -5.05 -11.36
C TYR A 985 -56.76 -3.65 -11.68
N ARG A 986 -57.67 -3.54 -12.65
CA ARG A 986 -58.11 -2.23 -13.13
C ARG A 986 -59.35 -1.70 -12.44
N GLU A 987 -60.12 -2.56 -11.77
CA GLU A 987 -61.41 -2.17 -11.22
C GLU A 987 -61.28 -1.95 -9.71
N GLY A 988 -61.67 -0.76 -9.26
CA GLY A 988 -61.67 -0.42 -7.86
C GLY A 988 -60.36 0.18 -7.36
N ARG A 989 -59.27 0.02 -8.10
CA ARG A 989 -57.97 0.55 -7.72
C ARG A 989 -57.54 1.59 -8.75
N THR A 990 -57.43 2.84 -8.31
CA THR A 990 -56.89 3.87 -9.19
C THR A 990 -55.44 3.54 -9.53
N LEU A 991 -55.13 3.53 -10.83
CA LEU A 991 -53.79 3.26 -11.31
C LEU A 991 -53.35 4.40 -12.20
N ILE A 992 -52.18 4.97 -11.93
CA ILE A 992 -51.62 6.04 -12.75
C ILE A 992 -50.25 5.58 -13.23
N LEU A 993 -50.08 5.47 -14.54
CA LEU A 993 -48.85 5.01 -15.14
C LEU A 993 -48.31 6.04 -16.12
N SER A 994 -47.04 5.88 -16.47
CA SER A 994 -46.34 6.77 -17.39
C SER A 994 -45.64 5.95 -18.45
N THR A 995 -45.97 6.21 -19.71
CA THR A 995 -45.32 5.55 -20.84
C THR A 995 -44.93 6.60 -21.87
N HIS A 996 -43.82 6.32 -22.57
CA HIS A 996 -43.31 7.20 -23.60
C HIS A 996 -43.80 6.83 -24.99
N HIS A 997 -44.14 5.56 -25.23
CA HIS A 997 -44.66 5.14 -26.51
C HIS A 997 -46.05 5.73 -26.75
N LEU A 998 -46.34 6.05 -28.02
CA LEU A 998 -47.66 6.53 -28.37
C LEU A 998 -48.68 5.40 -28.45
N ASP A 999 -48.22 4.18 -28.76
CA ASP A 999 -49.15 3.05 -28.84
C ASP A 999 -49.76 2.73 -27.48
N GLU A 1000 -48.96 2.82 -26.41
CA GLU A 1000 -49.41 2.45 -25.08
C GLU A 1000 -50.26 3.54 -24.41
N ALA A 1001 -50.62 4.58 -25.15
CA ALA A 1001 -51.52 5.61 -24.64
C ALA A 1001 -52.95 5.40 -25.10
N GLU A 1002 -53.22 4.34 -25.85
CA GLU A 1002 -54.58 4.05 -26.30
C GLU A 1002 -55.08 2.68 -25.86
N LEU A 1003 -54.22 1.67 -25.76
CA LEU A 1003 -54.67 0.35 -25.33
C LEU A 1003 -55.14 0.36 -23.89
N LEU A 1004 -54.44 1.08 -23.01
CA LEU A 1004 -54.74 1.08 -21.59
C LEU A 1004 -55.39 2.36 -21.09
N GLY A 1005 -54.85 3.52 -21.46
CA GLY A 1005 -55.28 4.77 -20.89
C GLY A 1005 -56.72 5.16 -21.17
N ASP A 1006 -57.51 5.35 -20.11
CA ASP A 1006 -58.87 5.84 -20.27
C ASP A 1006 -58.89 7.34 -20.54
N ARG A 1007 -57.89 8.07 -20.06
CA ARG A 1007 -57.69 9.45 -20.42
C ARG A 1007 -56.20 9.67 -20.66
N VAL A 1008 -55.87 10.68 -21.46
CA VAL A 1008 -54.50 10.96 -21.84
C VAL A 1008 -54.21 12.43 -21.56
N ALA A 1009 -53.13 12.70 -20.85
CA ALA A 1009 -52.65 14.05 -20.59
C ALA A 1009 -51.33 14.24 -21.32
N VAL A 1010 -51.26 15.25 -22.17
CA VAL A 1010 -50.08 15.49 -23.00
C VAL A 1010 -49.14 16.42 -22.25
N VAL A 1011 -47.93 15.93 -21.96
CA VAL A 1011 -46.92 16.69 -21.26
C VAL A 1011 -45.70 16.83 -22.16
N ALA A 1012 -45.18 18.06 -22.27
CA ALA A 1012 -43.99 18.32 -23.06
C ALA A 1012 -43.30 19.55 -22.48
N GLY A 1013 -42.02 19.40 -22.15
CA GLY A 1013 -41.29 20.49 -21.51
C GLY A 1013 -41.82 20.84 -20.14
N GLY A 1014 -42.31 19.86 -19.39
CA GLY A 1014 -42.81 20.11 -18.04
C GLY A 1014 -44.04 20.98 -18.00
N ARG A 1015 -45.02 20.72 -18.86
CA ARG A 1015 -46.27 21.46 -18.84
C ARG A 1015 -47.37 20.60 -19.46
N LEU A 1016 -48.60 20.85 -19.02
CA LEU A 1016 -49.77 20.11 -19.49
C LEU A 1016 -50.27 20.75 -20.78
N CYS A 1017 -49.80 20.23 -21.91
CA CYS A 1017 -50.19 20.80 -23.20
C CYS A 1017 -51.65 20.49 -23.52
N CYS A 1018 -52.06 19.23 -23.36
CA CYS A 1018 -53.40 18.82 -23.78
C CYS A 1018 -53.89 17.69 -22.89
N CYS A 1019 -55.22 17.52 -22.88
CA CYS A 1019 -55.85 16.47 -22.11
C CYS A 1019 -57.15 16.07 -22.79
N GLY A 1020 -57.64 14.88 -22.47
CA GLY A 1020 -58.88 14.39 -23.02
C GLY A 1020 -58.94 12.87 -22.93
N SER A 1021 -59.83 12.31 -23.77
CA SER A 1021 -60.05 10.88 -23.90
C SER A 1021 -59.62 10.40 -25.28
N PRO A 1022 -59.20 9.14 -25.44
CA PRO A 1022 -58.75 8.68 -26.76
C PRO A 1022 -59.79 8.86 -27.85
N LEU A 1023 -61.06 8.58 -27.57
CA LEU A 1023 -62.10 8.80 -28.58
C LEU A 1023 -62.35 10.29 -28.79
N PHE A 1024 -62.40 11.07 -27.72
CA PHE A 1024 -62.66 12.50 -27.85
C PHE A 1024 -61.50 13.21 -28.51
N LEU A 1025 -60.27 12.77 -28.24
CA LEU A 1025 -59.10 13.41 -28.83
C LEU A 1025 -59.08 13.24 -30.35
N ARG A 1026 -59.44 12.04 -30.84
CA ARG A 1026 -59.38 11.78 -32.27
C ARG A 1026 -60.41 12.60 -33.04
N ARG A 1027 -61.59 12.83 -32.44
CA ARG A 1027 -62.64 13.52 -33.17
C ARG A 1027 -62.39 15.02 -33.30
N HIS A 1028 -61.49 15.59 -32.48
CA HIS A 1028 -61.28 17.03 -32.48
C HIS A 1028 -60.10 17.40 -33.38
N LEU A 1029 -60.34 17.27 -34.68
CA LEU A 1029 -59.38 17.68 -35.71
C LEU A 1029 -60.11 18.46 -36.79
N GLY A 1030 -59.36 19.33 -37.47
CA GLY A 1030 -59.93 20.05 -38.61
C GLY A 1030 -60.31 19.10 -39.73
N SER A 1031 -59.43 18.15 -40.04
CA SER A 1031 -59.74 17.13 -41.03
C SER A 1031 -60.61 16.04 -40.41
N GLY A 1032 -61.20 15.23 -41.27
CA GLY A 1032 -62.08 14.17 -40.83
C GLY A 1032 -61.57 12.78 -41.14
N TYR A 1033 -62.24 12.09 -42.06
CA TYR A 1033 -61.92 10.71 -42.41
C TYR A 1033 -61.40 10.68 -43.84
N TYR A 1034 -60.24 10.06 -44.03
CA TYR A 1034 -59.54 10.13 -45.31
C TYR A 1034 -60.01 9.04 -46.26
N LEU A 1035 -60.36 9.44 -47.48
CA LEU A 1035 -60.70 8.53 -48.57
C LEU A 1035 -59.90 8.93 -49.80
N THR A 1036 -58.80 8.20 -50.06
CA THR A 1036 -57.98 8.46 -51.22
C THR A 1036 -58.45 7.62 -52.40
N LEU A 1037 -58.43 8.21 -53.59
CA LEU A 1037 -58.85 7.56 -54.83
C LEU A 1037 -57.67 7.55 -55.79
N VAL A 1038 -57.17 6.36 -56.09
CA VAL A 1038 -56.05 6.21 -57.02
C VAL A 1038 -56.58 6.07 -58.43
N LYS A 1039 -55.70 6.32 -59.41
CA LYS A 1039 -56.03 6.19 -60.81
C LYS A 1039 -55.06 5.24 -61.49
N ALA A 1040 -55.56 4.50 -62.46
CA ALA A 1040 -54.75 3.53 -63.19
C ALA A 1040 -53.73 4.21 -64.09
N VAL A 1073 -64.67 9.30 -65.12
CA VAL A 1073 -63.40 9.98 -65.25
C VAL A 1073 -63.56 11.46 -64.96
N GLY A 1074 -62.76 11.97 -64.03
CA GLY A 1074 -62.80 13.38 -63.68
C GLY A 1074 -63.29 13.59 -62.25
N THR A 1075 -62.66 14.55 -61.58
CA THR A 1075 -63.04 14.85 -60.19
C THR A 1075 -64.49 15.32 -60.03
N PRO A 1076 -65.04 16.21 -60.87
CA PRO A 1076 -66.42 16.66 -60.61
C PRO A 1076 -67.45 15.55 -60.60
N GLN A 1077 -67.29 14.54 -61.47
CA GLN A 1077 -68.22 13.41 -61.45
C GLN A 1077 -68.10 12.63 -60.15
N LEU A 1078 -66.87 12.39 -59.69
CA LEU A 1078 -66.68 11.73 -58.39
C LEU A 1078 -67.15 12.62 -57.24
N LEU A 1079 -66.89 13.93 -57.33
CA LEU A 1079 -67.34 14.85 -56.30
C LEU A 1079 -68.86 14.87 -56.21
N ALA A 1080 -69.54 14.90 -57.37
CA ALA A 1080 -71.00 14.84 -57.36
C ALA A 1080 -71.50 13.51 -56.82
N LEU A 1081 -70.84 12.41 -57.19
CA LEU A 1081 -71.23 11.10 -56.68
C LEU A 1081 -71.06 11.02 -55.17
N VAL A 1082 -69.93 11.52 -54.66
CA VAL A 1082 -69.71 11.53 -53.22
C VAL A 1082 -70.71 12.45 -52.53
N GLN A 1083 -70.95 13.63 -53.10
CA GLN A 1083 -71.93 14.56 -52.53
C GLN A 1083 -73.33 13.99 -52.59
N HIS A 1084 -73.59 13.11 -53.56
CA HIS A 1084 -74.91 12.47 -53.66
C HIS A 1084 -75.17 11.58 -52.45
N TRP A 1085 -74.16 10.83 -52.01
CA TRP A 1085 -74.35 9.90 -50.90
C TRP A 1085 -74.13 10.55 -49.55
N VAL A 1086 -73.14 11.44 -49.43
CA VAL A 1086 -72.92 12.20 -48.21
C VAL A 1086 -72.70 13.67 -48.58
N PRO A 1087 -73.45 14.60 -47.99
CA PRO A 1087 -73.33 16.00 -48.43
C PRO A 1087 -71.95 16.60 -48.21
N GLY A 1088 -71.44 16.54 -46.98
CA GLY A 1088 -70.11 17.06 -46.70
C GLY A 1088 -69.02 16.32 -47.43
N ALA A 1089 -68.15 17.06 -48.13
CA ALA A 1089 -67.05 16.45 -48.88
C ALA A 1089 -65.93 17.47 -48.98
N ARG A 1090 -64.94 17.34 -48.10
CA ARG A 1090 -63.76 18.20 -48.13
C ARG A 1090 -62.70 17.60 -49.06
N LEU A 1091 -62.22 18.41 -49.99
CA LEU A 1091 -61.21 17.99 -50.97
C LEU A 1091 -59.90 18.71 -50.64
N VAL A 1092 -58.99 17.99 -49.99
CA VAL A 1092 -57.70 18.56 -49.61
C VAL A 1092 -56.65 18.34 -50.70
N GLU A 1093 -56.56 17.12 -51.21
CA GLU A 1093 -55.55 16.76 -52.19
C GLU A 1093 -56.20 16.55 -53.56
N GLU A 1094 -55.63 17.19 -54.58
CA GLU A 1094 -56.13 17.07 -55.95
C GLU A 1094 -55.01 16.83 -56.95
N LEU A 1095 -53.85 16.37 -56.48
CA LEU A 1095 -52.72 16.11 -57.36
C LEU A 1095 -53.04 14.93 -58.28
N PRO A 1096 -52.39 14.86 -59.44
CA PRO A 1096 -52.62 13.72 -60.35
C PRO A 1096 -52.22 12.41 -59.70
N HIS A 1097 -52.92 11.34 -60.11
CA HIS A 1097 -52.73 9.94 -59.74
C HIS A 1097 -53.28 9.60 -58.37
N GLU A 1098 -53.72 10.58 -57.58
CA GLU A 1098 -54.32 10.32 -56.27
C GLU A 1098 -55.41 11.35 -56.02
N LEU A 1099 -56.54 10.90 -55.49
CA LEU A 1099 -57.67 11.78 -55.17
C LEU A 1099 -58.09 11.50 -53.72
N VAL A 1100 -57.54 12.28 -52.79
CA VAL A 1100 -57.85 12.10 -51.38
C VAL A 1100 -59.11 12.90 -51.05
N LEU A 1101 -60.11 12.23 -50.48
CA LEU A 1101 -61.36 12.84 -50.08
C LEU A 1101 -61.49 12.77 -48.57
N VAL A 1102 -61.86 13.89 -47.96
CA VAL A 1102 -61.98 13.99 -46.50
C VAL A 1102 -63.46 13.87 -46.16
N LEU A 1103 -63.84 12.75 -45.56
CA LEU A 1103 -65.22 12.55 -45.14
C LEU A 1103 -65.52 13.44 -43.92
N PRO A 1104 -66.76 13.90 -43.79
CA PRO A 1104 -67.08 14.83 -42.70
C PRO A 1104 -67.24 14.15 -41.35
N TYR A 1105 -66.24 14.30 -40.48
CA TYR A 1105 -66.35 13.78 -39.11
C TYR A 1105 -67.50 14.46 -38.38
N THR A 1106 -67.67 15.76 -38.59
CA THR A 1106 -68.83 16.47 -38.07
C THR A 1106 -70.07 16.00 -38.82
N GLY A 1107 -70.90 15.20 -38.17
CA GLY A 1107 -72.02 14.60 -38.85
C GLY A 1107 -71.69 13.36 -39.66
N ALA A 1108 -70.53 12.75 -39.42
CA ALA A 1108 -70.22 11.48 -40.05
C ALA A 1108 -71.28 10.43 -39.69
N HIS A 1109 -71.75 9.72 -40.70
CA HIS A 1109 -72.77 8.70 -40.54
C HIS A 1109 -72.26 7.37 -41.07
N ASP A 1110 -72.58 6.28 -40.38
CA ASP A 1110 -72.21 4.96 -40.85
C ASP A 1110 -72.92 4.62 -42.16
N GLY A 1111 -74.21 4.95 -42.27
CA GLY A 1111 -74.95 4.65 -43.48
C GLY A 1111 -74.58 5.56 -44.64
N SER A 1112 -74.31 6.84 -44.36
CA SER A 1112 -74.01 7.78 -45.44
C SER A 1112 -72.74 7.39 -46.18
N PHE A 1113 -71.70 7.00 -45.44
CA PHE A 1113 -70.48 6.53 -46.10
C PHE A 1113 -70.68 5.18 -46.77
N ALA A 1114 -71.59 4.36 -46.23
CA ALA A 1114 -71.81 3.03 -46.79
C ALA A 1114 -72.32 3.10 -48.23
N THR A 1115 -73.30 3.97 -48.48
CA THR A 1115 -73.91 4.04 -49.80
C THR A 1115 -72.93 4.52 -50.86
N LEU A 1116 -71.82 5.18 -50.47
CA LEU A 1116 -70.84 5.61 -51.45
C LEU A 1116 -70.08 4.43 -52.04
N PHE A 1117 -69.64 3.49 -51.19
CA PHE A 1117 -68.93 2.32 -51.69
C PHE A 1117 -69.85 1.40 -52.48
N ARG A 1118 -71.14 1.41 -52.17
CA ARG A 1118 -72.09 0.57 -52.90
C ARG A 1118 -72.15 0.97 -54.38
N GLU A 1119 -72.19 2.26 -54.65
CA GLU A 1119 -72.25 2.74 -56.04
C GLU A 1119 -70.89 2.70 -56.72
N LEU A 1120 -69.81 2.90 -55.95
CA LEU A 1120 -68.47 2.93 -56.55
C LEU A 1120 -68.09 1.58 -57.14
N ASP A 1121 -68.47 0.48 -56.48
CA ASP A 1121 -68.10 -0.84 -56.95
C ASP A 1121 -68.71 -1.13 -58.32
N THR A 1122 -69.98 -0.76 -58.52
CA THR A 1122 -70.63 -1.02 -59.79
C THR A 1122 -70.08 -0.14 -60.90
N ARG A 1123 -69.66 1.09 -60.57
CA ARG A 1123 -69.15 2.04 -61.55
C ARG A 1123 -67.61 2.11 -61.53
N LEU A 1124 -66.96 1.12 -60.93
CA LEU A 1124 -65.50 1.14 -60.81
C LEU A 1124 -64.82 1.11 -62.17
N ALA A 1125 -65.35 0.30 -63.09
CA ALA A 1125 -64.66 0.09 -64.37
C ALA A 1125 -64.59 1.38 -65.18
N GLU A 1126 -65.73 2.04 -65.39
CA GLU A 1126 -65.75 3.24 -66.21
C GLU A 1126 -65.15 4.44 -65.50
N LEU A 1127 -65.21 4.48 -64.17
CA LEU A 1127 -64.55 5.56 -63.43
C LEU A 1127 -63.03 5.41 -63.44
N ARG A 1128 -62.53 4.24 -63.81
CA ARG A 1128 -61.09 3.96 -63.94
C ARG A 1128 -60.35 4.11 -62.63
N LEU A 1129 -61.05 4.04 -61.50
CA LEU A 1129 -60.40 4.14 -60.20
C LEU A 1129 -59.48 2.94 -59.95
N THR A 1130 -59.96 1.73 -60.29
CA THR A 1130 -59.21 0.49 -60.08
C THR A 1130 -58.74 0.36 -58.62
N GLY A 1131 -59.62 0.74 -57.69
CA GLY A 1131 -59.30 0.67 -56.29
C GLY A 1131 -59.50 1.98 -55.56
N TYR A 1132 -60.11 1.92 -54.37
CA TYR A 1132 -60.35 3.09 -53.55
C TYR A 1132 -59.73 2.88 -52.17
N GLY A 1133 -59.09 3.92 -51.65
CA GLY A 1133 -58.45 3.82 -50.36
C GLY A 1133 -59.11 4.65 -49.28
N ILE A 1134 -59.65 3.98 -48.27
CA ILE A 1134 -60.20 4.63 -47.08
C ILE A 1134 -59.13 4.63 -46.00
N SER A 1135 -58.98 5.77 -45.32
CA SER A 1135 -57.95 5.92 -44.30
C SER A 1135 -58.54 6.58 -43.06
N ASP A 1136 -58.30 5.96 -41.91
CA ASP A 1136 -58.69 6.55 -40.64
C ASP A 1136 -57.65 7.56 -40.18
N THR A 1137 -58.11 8.56 -39.44
CA THR A 1137 -57.22 9.57 -38.89
C THR A 1137 -56.37 8.93 -37.79
N SER A 1138 -55.05 8.89 -38.01
CA SER A 1138 -54.17 8.24 -37.07
C SER A 1138 -53.84 9.15 -35.90
N LEU A 1139 -53.58 8.53 -34.74
CA LEU A 1139 -53.25 9.27 -33.54
C LEU A 1139 -51.79 9.66 -33.45
N GLU A 1140 -50.92 9.16 -34.34
CA GLU A 1140 -49.51 9.51 -34.27
C GLU A 1140 -49.29 10.98 -34.62
N GLU A 1141 -49.86 11.43 -35.74
CA GLU A 1141 -49.57 12.78 -36.21
C GLU A 1141 -50.21 13.86 -35.33
N ILE A 1142 -51.39 13.58 -34.76
CA ILE A 1142 -52.04 14.58 -33.92
C ILE A 1142 -51.21 14.84 -32.67
N PHE A 1143 -50.59 13.80 -32.11
CA PHE A 1143 -49.70 14.01 -30.97
C PHE A 1143 -48.54 14.91 -31.36
N LEU A 1144 -47.93 14.67 -32.51
CA LEU A 1144 -46.90 15.56 -33.02
C LEU A 1144 -47.47 16.92 -33.39
N LYS A 1145 -48.70 16.96 -33.89
CA LYS A 1145 -49.30 18.22 -34.29
C LYS A 1145 -49.54 19.13 -33.09
N VAL A 1146 -50.19 18.61 -32.04
CA VAL A 1146 -50.53 19.45 -30.91
C VAL A 1146 -49.27 19.87 -30.16
N VAL A 1147 -48.31 18.95 -29.98
CA VAL A 1147 -47.09 19.28 -29.26
C VAL A 1147 -46.31 20.35 -30.02
N GLU A 1148 -46.19 20.21 -31.34
CA GLU A 1148 -45.54 21.25 -32.13
C GLU A 1148 -46.30 22.56 -32.05
N GLU A 1149 -47.64 22.49 -32.13
CA GLU A 1149 -48.45 23.69 -31.93
C GLU A 1149 -48.32 24.20 -30.50
N CYS A 1150 -48.30 23.29 -29.52
CA CYS A 1150 -48.10 23.71 -28.13
C CYS A 1150 -46.71 24.34 -27.95
N ALA A 1151 -45.69 23.75 -28.58
CA ALA A 1151 -44.35 24.33 -28.49
C ALA A 1151 -44.30 25.71 -29.14
N ALA A 1152 -44.99 25.87 -30.28
CA ALA A 1152 -45.03 27.17 -30.95
C ALA A 1152 -45.70 28.21 -30.07
N ASP A 1153 -46.77 27.84 -29.37
CA ASP A 1153 -47.46 28.78 -28.50
C ASP A 1153 -46.57 29.24 -27.35
N THR A 1154 -45.82 28.32 -26.76
CA THR A 1154 -44.92 28.69 -25.67
C THR A 1154 -43.82 29.63 -26.15
N ASP A 1155 -43.27 29.38 -27.33
CA ASP A 1155 -42.21 30.23 -27.88
C ASP A 1155 -42.78 31.57 -28.34
N TRP A 1214 7.24 -5.55 -50.52
CA TRP A 1214 8.03 -4.63 -49.71
C TRP A 1214 7.58 -3.19 -49.93
N ALA A 1215 7.14 -2.89 -51.16
CA ALA A 1215 6.63 -1.55 -51.45
C ALA A 1215 5.38 -1.26 -50.62
N LEU A 1216 4.51 -2.25 -50.47
CA LEU A 1216 3.35 -2.08 -49.61
C LEU A 1216 3.77 -1.87 -48.16
N THR A 1217 4.80 -2.58 -47.70
CA THR A 1217 5.23 -2.48 -46.32
C THR A 1217 5.83 -1.10 -46.03
N ARG A 1218 6.61 -0.55 -46.96
CA ARG A 1218 7.24 0.75 -46.72
C ARG A 1218 6.19 1.84 -46.54
N GLN A 1219 5.16 1.86 -47.38
CA GLN A 1219 4.03 2.77 -47.17
C GLN A 1219 3.26 2.44 -45.92
N GLN A 1220 3.37 1.19 -45.44
CA GLN A 1220 2.59 0.73 -44.29
C GLN A 1220 3.23 1.16 -42.98
N LEU A 1221 4.55 0.99 -42.84
CA LEU A 1221 5.22 1.44 -41.63
C LEU A 1221 5.19 2.96 -41.50
N GLN A 1222 5.22 3.68 -42.62
CA GLN A 1222 5.24 5.13 -42.57
C GLN A 1222 3.98 5.69 -41.93
N ALA A 1223 2.82 5.13 -42.26
CA ALA A 1223 1.57 5.65 -41.73
C ALA A 1223 1.48 5.50 -40.22
N LEU A 1224 1.90 4.34 -39.69
CA LEU A 1224 1.83 4.13 -38.25
C LEU A 1224 2.65 5.14 -37.48
N LEU A 1225 3.86 5.43 -37.97
CA LEU A 1225 4.68 6.45 -37.32
C LEU A 1225 4.03 7.83 -37.44
N LEU A 1226 3.38 8.11 -38.57
CA LEU A 1226 2.71 9.39 -38.75
C LEU A 1226 1.58 9.58 -37.74
N LYS A 1227 0.79 8.52 -37.51
CA LYS A 1227 -0.31 8.64 -36.56
C LYS A 1227 0.20 8.95 -35.16
N ARG A 1228 1.26 8.27 -34.73
CA ARG A 1228 1.82 8.53 -33.41
C ARG A 1228 2.46 9.91 -33.34
N PHE A 1229 3.10 10.35 -34.44
CA PHE A 1229 3.72 11.67 -34.46
C PHE A 1229 2.66 12.76 -34.31
N LEU A 1230 1.57 12.65 -35.08
CA LEU A 1230 0.49 13.63 -34.97
C LEU A 1230 -0.20 13.59 -33.61
N LEU A 1231 -0.12 12.46 -32.90
CA LEU A 1231 -0.64 12.40 -31.54
C LEU A 1231 0.15 13.33 -30.61
N ALA A 1232 1.47 13.35 -30.76
CA ALA A 1232 2.29 14.21 -29.91
C ALA A 1232 2.07 15.69 -30.22
N ARG A 1233 1.89 16.03 -31.50
CA ARG A 1233 1.75 17.43 -31.87
C ARG A 1233 0.49 18.06 -31.26
N ARG A 1234 -0.63 17.33 -31.30
CA ARG A 1234 -1.87 17.85 -30.73
C ARG A 1234 -1.76 18.00 -29.21
N SER A 1235 -1.16 17.01 -28.53
CA SER A 1235 -1.06 17.01 -27.08
C SER A 1235 0.42 17.19 -26.71
N ARG A 1236 0.83 18.44 -26.52
CA ARG A 1236 2.18 18.74 -26.08
C ARG A 1236 2.31 18.87 -24.58
N ARG A 1237 1.24 19.33 -23.89
CA ARG A 1237 1.27 19.40 -22.44
C ARG A 1237 1.36 18.02 -21.81
N GLY A 1238 0.62 17.05 -22.36
CA GLY A 1238 0.70 15.69 -21.86
C GLY A 1238 2.07 15.07 -22.06
N LEU A 1239 2.66 15.30 -23.24
CA LEU A 1239 3.98 14.75 -23.52
C LEU A 1239 5.04 15.33 -22.60
N PHE A 1240 4.95 16.63 -22.32
CA PHE A 1240 5.95 17.29 -21.49
C PHE A 1240 5.98 16.71 -20.08
N ALA A 1241 4.80 16.51 -19.48
CA ALA A 1241 4.75 16.03 -18.10
C ALA A 1241 5.19 14.57 -17.98
N GLN A 1242 4.78 13.73 -18.94
CA GLN A 1242 5.08 12.31 -18.84
C GLN A 1242 6.52 11.99 -19.20
N ILE A 1243 7.21 12.88 -19.91
CA ILE A 1243 8.57 12.64 -20.39
C ILE A 1243 9.58 13.56 -19.70
N VAL A 1244 9.41 14.87 -19.86
CA VAL A 1244 10.43 15.81 -19.41
C VAL A 1244 10.49 15.89 -17.89
N LEU A 1245 9.34 15.91 -17.22
CA LEU A 1245 9.31 16.12 -15.78
C LEU A 1245 10.08 15.08 -14.98
N PRO A 1246 9.97 13.76 -15.24
CA PRO A 1246 10.79 12.81 -14.48
C PRO A 1246 12.29 13.07 -14.62
N ALA A 1247 12.74 13.49 -15.80
CA ALA A 1247 14.16 13.77 -15.99
C ALA A 1247 14.61 14.94 -15.12
N LEU A 1248 13.79 16.00 -15.06
CA LEU A 1248 14.13 17.16 -14.23
C LEU A 1248 13.97 16.88 -12.75
N PHE A 1249 13.29 15.80 -12.38
CA PHE A 1249 13.11 15.47 -10.96
C PHE A 1249 14.45 15.19 -10.29
N VAL A 1250 15.28 14.35 -10.91
CA VAL A 1250 16.59 14.04 -10.34
C VAL A 1250 17.54 15.22 -10.46
N GLY A 1251 17.40 16.01 -11.54
CA GLY A 1251 18.34 17.09 -11.77
C GLY A 1251 18.37 18.11 -10.65
N LEU A 1252 17.20 18.47 -10.13
CA LEU A 1252 17.17 19.40 -9.00
C LEU A 1252 17.71 18.77 -7.73
N ALA A 1253 17.61 17.44 -7.62
CA ALA A 1253 18.08 16.76 -6.41
C ALA A 1253 19.59 16.81 -6.29
N LEU A 1254 20.32 16.82 -7.42
CA LEU A 1254 21.77 16.83 -7.37
C LEU A 1254 22.30 18.09 -6.68
N VAL A 1255 21.72 19.25 -7.01
CA VAL A 1255 22.15 20.49 -6.36
C VAL A 1255 21.75 20.48 -4.89
N PHE A 1256 20.54 20.02 -4.58
CA PHE A 1256 20.07 20.02 -3.20
C PHE A 1256 20.78 18.99 -2.33
N SER A 1257 21.42 17.99 -2.93
CA SER A 1257 22.13 16.95 -2.19
C SER A 1257 23.63 17.20 -2.16
N LEU A 1258 24.05 18.46 -2.10
CA LEU A 1258 25.47 18.82 -2.07
C LEU A 1258 25.97 19.04 -0.64
N ILE A 1259 25.34 18.39 0.33
CA ILE A 1259 25.78 18.48 1.72
C ILE A 1259 26.80 17.39 2.00
N VAL A 1260 27.53 17.53 3.09
CA VAL A 1260 28.54 16.53 3.46
C VAL A 1260 27.84 15.22 3.80
N PRO A 1261 28.27 14.09 3.24
CA PRO A 1261 27.61 12.82 3.51
C PRO A 1261 28.14 12.17 4.77
N PRO A 1262 27.31 12.04 5.81
CA PRO A 1262 27.73 11.25 6.98
C PRO A 1262 27.44 9.76 6.80
N PHE A 1263 28.49 8.94 6.77
CA PHE A 1263 28.32 7.52 6.50
C PHE A 1263 28.92 6.61 7.58
N GLY A 1264 29.77 7.13 8.46
CA GLY A 1264 30.38 6.30 9.47
C GLY A 1264 31.88 6.46 9.58
N HIS A 1265 32.42 7.52 9.00
CA HIS A 1265 33.85 7.81 9.13
C HIS A 1265 34.18 8.08 10.59
N TYR A 1266 35.45 7.85 10.95
CA TYR A 1266 35.85 7.90 12.35
C TYR A 1266 36.56 9.22 12.63
N PRO A 1267 35.94 10.16 13.34
CA PRO A 1267 36.62 11.41 13.68
C PRO A 1267 37.46 11.23 14.94
N ALA A 1268 38.07 12.32 15.38
CA ALA A 1268 38.88 12.31 16.59
C ALA A 1268 38.02 12.78 17.76
N LEU A 1269 37.94 11.96 18.80
CA LEU A 1269 37.10 12.24 19.96
C LEU A 1269 38.00 12.65 21.13
N ARG A 1270 37.73 13.83 21.69
CA ARG A 1270 38.49 14.35 22.82
C ARG A 1270 38.05 13.61 24.07
N LEU A 1271 38.75 12.51 24.37
CA LEU A 1271 38.36 11.67 25.51
C LEU A 1271 38.55 12.43 26.82
N SER A 1272 37.43 12.83 27.41
CA SER A 1272 37.41 13.59 28.65
C SER A 1272 36.13 13.21 29.40
N PRO A 1273 36.09 13.43 30.72
CA PRO A 1273 34.87 13.08 31.46
C PRO A 1273 33.72 14.06 31.26
N THR A 1274 33.98 15.28 30.81
CA THR A 1274 32.92 16.27 30.70
C THR A 1274 32.01 16.06 29.50
N MET A 1275 32.42 15.23 28.53
CA MET A 1275 31.60 15.05 27.33
C MET A 1275 30.29 14.36 27.64
N TYR A 1276 30.28 13.46 28.63
CA TYR A 1276 29.07 12.72 28.96
C TYR A 1276 27.97 13.65 29.48
N GLY A 1277 28.31 14.59 30.34
CA GLY A 1277 27.35 15.56 30.82
C GLY A 1277 27.21 15.62 32.33
N ALA A 1278 26.09 16.16 32.80
CA ALA A 1278 25.84 16.21 34.24
C ALA A 1278 25.65 14.80 34.79
N GLN A 1279 26.16 14.57 36.00
CA GLN A 1279 26.20 13.23 36.55
C GLN A 1279 26.42 13.32 38.06
N VAL A 1280 26.57 12.15 38.68
CA VAL A 1280 26.82 12.01 40.11
C VAL A 1280 28.14 11.27 40.28
N SER A 1281 29.04 11.83 41.08
CA SER A 1281 30.40 11.32 41.20
C SER A 1281 30.75 11.07 42.67
N PHE A 1282 31.67 10.13 42.88
CA PHE A 1282 32.11 9.72 44.21
C PHE A 1282 33.46 10.35 44.54
N PHE A 1283 33.63 10.69 45.81
CA PHE A 1283 34.96 11.04 46.32
C PHE A 1283 35.17 10.43 47.71
N SER A 1284 34.78 9.17 47.87
CA SER A 1284 34.98 8.47 49.13
C SER A 1284 36.46 8.36 49.46
N GLU A 1285 36.76 8.44 50.75
CA GLU A 1285 38.13 8.39 51.25
C GLU A 1285 38.25 7.31 52.32
N ASP A 1286 39.32 6.51 52.24
CA ASP A 1286 39.61 5.48 53.22
C ASP A 1286 41.01 5.69 53.76
N ALA A 1287 41.16 5.66 55.09
CA ALA A 1287 42.43 5.82 55.78
C ALA A 1287 43.09 7.14 55.39
N PRO A 1288 42.53 8.28 55.81
CA PRO A 1288 43.07 9.57 55.37
C PRO A 1288 44.19 10.08 56.25
N GLY A 1289 44.76 9.20 57.09
CA GLY A 1289 45.80 9.62 58.01
C GLY A 1289 47.16 9.81 57.35
N ASP A 1290 47.26 10.79 56.45
CA ASP A 1290 48.51 11.12 55.78
C ASP A 1290 48.40 12.49 55.13
N PRO A 1291 49.37 13.38 55.35
CA PRO A 1291 49.31 14.71 54.72
C PRO A 1291 49.35 14.65 53.20
N GLY A 1292 50.07 13.68 52.62
CA GLY A 1292 50.14 13.59 51.18
C GLY A 1292 48.81 13.27 50.53
N ARG A 1293 48.04 12.35 51.14
CA ARG A 1293 46.74 12.01 50.60
C ARG A 1293 45.79 13.19 50.60
N ALA A 1294 45.97 14.13 51.53
CA ALA A 1294 45.12 15.30 51.58
C ALA A 1294 45.25 16.14 50.31
N ARG A 1295 46.47 16.30 49.81
CA ARG A 1295 46.67 17.07 48.59
C ARG A 1295 45.92 16.44 47.41
N LEU A 1296 46.02 15.12 47.26
CA LEU A 1296 45.34 14.45 46.16
C LEU A 1296 43.82 14.56 46.30
N LEU A 1297 43.32 14.39 47.53
CA LEU A 1297 41.87 14.49 47.74
C LEU A 1297 41.37 15.90 47.42
N GLU A 1298 42.11 16.92 47.84
CA GLU A 1298 41.72 18.29 47.49
C GLU A 1298 41.80 18.52 45.99
N ALA A 1299 42.83 17.98 45.34
CA ALA A 1299 43.01 18.19 43.90
C ALA A 1299 41.86 17.57 43.11
N LEU A 1300 41.38 16.41 43.54
CA LEU A 1300 40.29 15.75 42.82
C LEU A 1300 39.06 16.66 42.71
N LEU A 1301 38.80 17.48 43.73
CA LEU A 1301 37.64 18.38 43.69
C LEU A 1301 37.90 19.59 42.79
N GLN A 1302 39.15 20.00 42.63
CA GLN A 1302 39.44 21.20 41.85
C GLN A 1302 39.01 21.04 40.40
N GLU A 1303 39.31 19.89 39.79
CA GLU A 1303 38.96 19.67 38.39
C GLU A 1303 37.45 19.58 38.19
N ALA A 1304 36.71 19.14 39.22
CA ALA A 1304 35.27 18.97 39.09
C ALA A 1304 34.52 20.29 39.02
N GLY A 1305 35.19 21.41 39.27
CA GLY A 1305 34.54 22.71 39.24
C GLY A 1305 34.04 23.20 40.58
N LEU A 1306 34.33 22.48 41.67
CA LEU A 1306 33.88 22.89 42.99
C LEU A 1306 34.68 24.10 43.46
N GLU A 1307 34.32 24.60 44.64
CA GLU A 1307 35.04 25.72 45.23
C GLU A 1307 36.45 25.28 45.61
N GLU A 1308 37.43 26.11 45.23
CA GLU A 1308 38.84 25.72 45.37
C GLU A 1308 39.26 25.42 46.80
N PRO A 1309 38.97 26.25 47.80
CA PRO A 1309 39.48 25.96 49.16
C PRO A 1309 38.94 24.65 49.70
N PRO A 1310 39.80 23.81 50.27
CA PRO A 1310 39.32 22.54 50.82
C PRO A 1310 38.33 22.69 51.95
N VAL A 1311 38.45 23.75 52.76
CA VAL A 1311 37.58 23.94 53.92
C VAL A 1311 36.20 24.44 53.53
N GLN A 1312 35.92 24.62 52.24
CA GLN A 1312 34.60 25.09 51.83
C GLN A 1312 33.51 24.08 52.20
N HIS A 1313 33.81 22.78 52.05
CA HIS A 1313 32.84 21.76 52.46
C HIS A 1313 32.59 21.83 53.96
N SER A 1314 33.65 22.04 54.75
CA SER A 1314 33.47 22.26 56.18
C SER A 1314 32.72 23.56 56.44
N SER A 1315 33.00 24.60 55.66
CA SER A 1315 32.24 25.84 55.77
C SER A 1315 30.78 25.61 55.43
N HIS A 1316 30.52 24.78 54.41
CA HIS A 1316 29.15 24.38 54.12
C HIS A 1316 28.57 23.55 55.27
N ARG A 1317 29.43 22.83 56.00
CA ARG A 1317 29.03 21.96 57.10
C ARG A 1317 28.09 20.91 56.53
N PHE A 1318 26.85 20.79 57.02
CA PHE A 1318 25.92 19.81 56.47
C PHE A 1318 25.51 20.22 55.06
N SER A 1319 25.63 19.29 54.13
CA SER A 1319 25.26 19.51 52.73
C SER A 1319 24.49 18.30 52.22
N ALA A 1320 23.55 17.81 53.03
CA ALA A 1320 22.81 16.60 52.72
C ALA A 1320 21.32 16.83 52.84
N PRO A 1321 20.53 16.12 52.04
CA PRO A 1321 19.06 16.20 52.20
C PRO A 1321 18.60 15.48 53.46
N GLU A 1322 17.39 15.86 53.90
CA GLU A 1322 16.85 15.31 55.13
C GLU A 1322 16.42 13.86 54.95
N VAL A 1323 16.57 13.09 56.03
CA VAL A 1323 16.18 11.68 56.02
C VAL A 1323 14.66 11.58 55.98
N PRO A 1324 14.08 10.71 55.16
CA PRO A 1324 12.61 10.54 55.18
C PRO A 1324 12.14 10.05 56.53
N ALA A 1325 10.96 10.56 56.95
CA ALA A 1325 10.45 10.26 58.28
C ALA A 1325 9.98 8.81 58.39
N GLU A 1326 9.31 8.30 57.36
CA GLU A 1326 8.79 6.94 57.43
C GLU A 1326 9.91 5.91 57.46
N VAL A 1327 11.06 6.22 56.85
CA VAL A 1327 12.18 5.30 56.87
C VAL A 1327 12.86 5.29 58.23
N ALA A 1328 12.67 6.33 59.04
CA ALA A 1328 13.30 6.39 60.35
C ALA A 1328 12.82 5.25 61.26
N LYS A 1329 11.53 4.94 61.21
CA LYS A 1329 11.01 3.84 62.03
C LYS A 1329 11.61 2.50 61.60
N VAL A 1330 11.74 2.29 60.29
CA VAL A 1330 12.33 1.04 59.80
C VAL A 1330 13.79 0.95 60.21
N LEU A 1331 14.52 2.07 60.13
CA LEU A 1331 15.92 2.08 60.53
C LEU A 1331 16.06 1.81 62.02
N ALA A 1332 15.16 2.37 62.84
CA ALA A 1332 15.19 2.10 64.28
C ALA A 1332 14.85 0.64 64.56
N SER A 1333 13.97 0.05 63.77
CA SER A 1333 13.64 -1.37 63.95
C SER A 1333 14.86 -2.24 63.74
N GLY A 1334 15.65 -1.96 62.70
CA GLY A 1334 16.89 -2.68 62.49
C GLY A 1334 18.05 -2.09 63.26
N ASN A 1335 19.20 -2.78 63.18
CA ASN A 1335 20.39 -2.28 63.84
C ASN A 1335 21.00 -1.10 63.09
N TRP A 1336 21.04 -1.19 61.76
CA TRP A 1336 21.60 -0.15 60.89
C TRP A 1336 23.04 0.22 61.28
N THR A 1337 23.88 -0.79 61.29
CA THR A 1337 25.32 -0.52 61.28
C THR A 1337 25.77 -0.29 59.83
N PRO A 1338 26.45 0.82 59.54
CA PRO A 1338 26.77 1.12 58.13
C PRO A 1338 27.55 0.02 57.42
N GLU A 1339 28.52 -0.61 58.09
CA GLU A 1339 29.35 -1.60 57.43
C GLU A 1339 28.58 -2.87 57.14
N SER A 1340 28.01 -3.48 58.19
CA SER A 1340 27.15 -4.63 58.01
C SER A 1340 25.89 -4.24 57.24
N PRO A 1341 25.21 -5.19 56.58
CA PRO A 1341 24.01 -4.85 55.81
C PRO A 1341 23.03 -3.97 56.56
N SER A 1342 22.89 -2.74 56.11
CA SER A 1342 22.01 -1.74 56.72
C SER A 1342 20.55 -1.90 56.29
N PRO A 1343 20.24 -1.89 54.96
CA PRO A 1343 18.83 -1.82 54.56
C PRO A 1343 18.16 -3.18 54.43
N ALA A 1344 16.90 -3.17 54.02
CA ALA A 1344 16.14 -4.40 53.80
C ALA A 1344 16.20 -4.80 52.33
N CYS A 1345 15.98 -6.09 52.09
CA CYS A 1345 16.09 -6.65 50.75
C CYS A 1345 15.02 -6.08 49.83
N GLN A 1346 15.33 -6.05 48.54
CA GLN A 1346 14.44 -5.54 47.50
C GLN A 1346 13.72 -6.69 46.80
N CYS A 1347 12.69 -6.33 46.04
CA CYS A 1347 11.87 -7.32 45.35
C CYS A 1347 12.66 -8.02 44.26
N SER A 1348 12.34 -9.29 44.04
CA SER A 1348 13.03 -10.12 43.05
C SER A 1348 12.00 -10.98 42.33
N ARG A 1349 12.51 -11.86 41.47
CA ARG A 1349 11.65 -12.77 40.73
C ARG A 1349 11.12 -13.85 41.67
N PRO A 1350 9.81 -13.98 41.84
CA PRO A 1350 9.28 -14.95 42.80
C PRO A 1350 9.02 -16.33 42.21
N GLY A 1351 9.57 -16.60 41.03
CA GLY A 1351 9.37 -17.88 40.38
C GLY A 1351 8.24 -17.90 39.39
N ALA A 1352 7.01 -17.70 39.87
CA ALA A 1352 5.84 -17.69 38.99
C ALA A 1352 5.66 -16.37 38.26
N ARG A 1353 6.38 -15.33 38.64
CA ARG A 1353 6.28 -14.01 38.03
C ARG A 1353 7.65 -13.59 37.53
N ARG A 1354 7.66 -12.57 36.66
CA ARG A 1354 8.88 -12.06 36.06
C ARG A 1354 8.93 -10.55 36.23
N LEU A 1355 10.11 -10.04 36.57
CA LEU A 1355 10.33 -8.60 36.72
C LEU A 1355 11.62 -8.22 36.00
N LEU A 1356 11.55 -7.16 35.18
CA LEU A 1356 12.77 -6.67 34.54
C LEU A 1356 13.69 -5.97 35.54
N PRO A 1357 13.28 -4.86 36.18
CA PRO A 1357 14.16 -4.26 37.20
C PRO A 1357 13.93 -4.89 38.56
N ASP A 1358 14.55 -4.34 39.60
CA ASP A 1358 14.27 -4.73 40.97
C ASP A 1358 13.68 -3.53 41.71
N CYS A 1359 12.56 -3.75 42.40
CA CYS A 1359 11.87 -2.66 43.07
C CYS A 1359 12.16 -2.68 44.56
N PRO A 1360 12.92 -1.73 45.08
CA PRO A 1360 13.20 -1.72 46.53
C PRO A 1360 12.19 -0.91 47.32
N ALA A 1361 12.34 -0.89 48.63
CA ALA A 1361 11.54 -0.02 49.48
C ALA A 1361 12.13 1.39 49.43
N ALA A 1362 11.69 2.26 50.33
CA ALA A 1362 12.25 3.60 50.41
C ALA A 1362 13.56 3.63 51.20
N ALA A 1363 14.05 2.48 51.66
CA ALA A 1363 15.28 2.39 52.44
C ALA A 1363 16.28 1.52 51.69
N GLY A 1364 17.03 2.15 50.78
CA GLY A 1364 18.25 1.57 50.25
C GLY A 1364 19.36 2.57 50.38
N GLY A 1365 20.34 2.29 51.24
CA GLY A 1365 21.26 3.32 51.69
C GLY A 1365 20.48 4.55 52.12
N PRO A 1366 19.73 4.41 53.21
CA PRO A 1366 18.58 5.30 53.45
C PRO A 1366 18.97 6.78 53.52
N PRO A 1367 19.91 7.19 54.38
CA PRO A 1367 20.20 8.62 54.48
C PRO A 1367 20.77 9.14 53.17
N PRO A 1368 20.22 10.24 52.66
CA PRO A 1368 20.79 10.85 51.45
C PRO A 1368 22.20 11.36 51.72
N PRO A 1369 23.20 10.80 51.04
CA PRO A 1369 24.57 11.25 51.26
C PRO A 1369 24.75 12.70 50.83
N GLN A 1370 25.68 13.38 51.47
CA GLN A 1370 25.88 14.80 51.25
C GLN A 1370 26.14 15.10 49.78
N ALA A 1371 25.38 16.04 49.23
CA ALA A 1371 25.45 16.38 47.82
C ALA A 1371 25.75 17.86 47.67
N VAL A 1372 26.78 18.18 46.88
CA VAL A 1372 27.15 19.56 46.58
C VAL A 1372 27.18 19.71 45.08
N THR A 1373 26.58 20.79 44.58
CA THR A 1373 26.50 21.06 43.14
C THR A 1373 27.48 22.16 42.77
N GLY A 1374 28.33 21.88 41.79
CA GLY A 1374 29.30 22.84 41.30
C GLY A 1374 28.87 23.49 40.01
N SER A 1375 29.46 23.04 38.90
CA SER A 1375 29.12 23.54 37.57
C SER A 1375 28.51 22.38 36.79
N GLY A 1376 27.20 22.21 36.95
CA GLY A 1376 26.49 21.12 36.28
C GLY A 1376 26.95 19.74 36.69
N GLU A 1377 27.30 19.56 37.96
CA GLU A 1377 27.77 18.27 38.45
C GLU A 1377 27.33 18.09 39.89
N VAL A 1378 27.27 16.83 40.32
CA VAL A 1378 26.90 16.46 41.69
C VAL A 1378 28.00 15.58 42.26
N VAL A 1379 28.49 15.96 43.44
CA VAL A 1379 29.52 15.20 44.15
C VAL A 1379 28.94 14.66 45.44
N GLN A 1380 29.21 13.40 45.73
CA GLN A 1380 28.59 12.69 46.84
C GLN A 1380 29.66 12.10 47.74
N ASN A 1381 29.57 12.38 49.04
CA ASN A 1381 30.55 11.95 50.03
C ASN A 1381 30.05 10.67 50.69
N LEU A 1382 30.61 9.52 50.31
CA LEU A 1382 30.15 8.22 50.74
C LEU A 1382 31.15 7.49 51.62
N THR A 1383 31.97 8.22 52.37
CA THR A 1383 33.03 7.60 53.14
C THR A 1383 32.48 6.67 54.21
N GLY A 1384 33.19 5.57 54.45
CA GLY A 1384 32.84 4.65 55.51
C GLY A 1384 31.49 3.97 55.35
N ARG A 1385 30.95 3.93 54.13
CA ARG A 1385 29.66 3.33 53.88
C ARG A 1385 29.81 2.14 52.95
N ASN A 1386 28.91 1.17 53.11
CA ASN A 1386 28.91 -0.03 52.28
C ASN A 1386 28.59 0.36 50.85
N LEU A 1387 29.60 0.37 49.98
CA LEU A 1387 29.43 0.87 48.62
C LEU A 1387 28.67 -0.12 47.74
N SER A 1388 28.99 -1.41 47.81
CA SER A 1388 28.37 -2.38 46.92
C SER A 1388 26.86 -2.42 47.12
N ASP A 1389 26.42 -2.54 48.37
CA ASP A 1389 24.99 -2.57 48.66
C ASP A 1389 24.32 -1.26 48.26
N PHE A 1390 24.99 -0.13 48.52
CA PHE A 1390 24.42 1.17 48.15
C PHE A 1390 24.18 1.25 46.65
N LEU A 1391 25.19 0.88 45.85
CA LEU A 1391 25.04 0.96 44.40
C LEU A 1391 23.96 0.01 43.90
N VAL A 1392 23.96 -1.23 44.39
CA VAL A 1392 22.96 -2.19 43.95
C VAL A 1392 21.55 -1.70 44.27
N LYS A 1393 21.35 -1.18 45.49
CA LYS A 1393 20.03 -0.76 45.90
C LYS A 1393 19.57 0.48 45.15
N THR A 1394 20.48 1.42 44.90
CA THR A 1394 20.08 2.72 44.35
C THR A 1394 20.09 2.74 42.83
N TYR A 1395 20.63 1.72 42.17
CA TYR A 1395 20.75 1.77 40.70
C TYR A 1395 19.41 1.96 39.98
N PRO A 1396 18.37 1.15 40.21
CA PRO A 1396 17.17 1.27 39.36
C PRO A 1396 16.45 2.60 39.45
N ARG A 1397 16.61 3.34 40.55
CA ARG A 1397 15.86 4.59 40.71
C ARG A 1397 16.33 5.66 39.74
N LEU A 1398 17.61 5.67 39.39
CA LEU A 1398 18.09 6.63 38.39
C LEU A 1398 17.67 6.23 36.98
N VAL A 1399 17.65 4.92 36.71
CA VAL A 1399 17.32 4.44 35.37
C VAL A 1399 15.84 4.64 35.07
N ARG A 1400 14.97 4.41 36.05
CA ARG A 1400 13.54 4.34 35.78
C ARG A 1400 12.96 5.65 35.23
N GLN A 1401 13.67 6.77 35.38
CA GLN A 1401 13.19 8.01 34.78
C GLN A 1401 13.16 7.92 33.26
N GLY A 1402 14.16 7.28 32.67
CA GLY A 1402 14.29 7.19 31.23
C GLY A 1402 13.89 5.87 30.61
N LEU A 1403 13.23 4.99 31.34
CA LEU A 1403 12.78 3.72 30.76
C LEU A 1403 11.51 3.85 29.93
N LYS A 1404 10.89 5.04 29.92
CA LYS A 1404 9.68 5.24 29.13
C LYS A 1404 9.95 5.06 27.65
N THR A 1405 11.01 5.70 27.14
CA THR A 1405 11.33 5.64 25.71
C THR A 1405 12.24 4.45 25.37
N LYS A 1406 13.19 4.13 26.24
CA LYS A 1406 14.04 2.95 26.11
C LYS A 1406 14.83 2.95 24.79
N LYS A 1407 15.30 4.12 24.37
CA LYS A 1407 16.13 4.22 23.17
C LYS A 1407 17.54 4.70 23.49
N TRP A 1408 17.68 5.89 24.05
CA TRP A 1408 18.99 6.44 24.44
C TRP A 1408 18.89 6.81 25.91
N VAL A 1409 19.15 5.83 26.77
CA VAL A 1409 18.98 6.00 28.21
C VAL A 1409 20.20 6.71 28.78
N ASN A 1410 19.95 7.78 29.52
CA ASN A 1410 21.01 8.57 30.14
C ASN A 1410 21.10 8.18 31.62
N GLU A 1411 21.99 7.25 31.94
CA GLU A 1411 22.26 6.96 33.34
C GLU A 1411 22.85 8.18 34.02
N VAL A 1412 22.72 8.21 35.34
CA VAL A 1412 23.17 9.38 36.10
C VAL A 1412 24.57 9.18 36.66
N ARG A 1413 24.87 8.00 37.19
CA ARG A 1413 26.20 7.71 37.72
C ARG A 1413 27.00 6.92 36.69
N TYR A 1414 28.18 7.44 36.37
CA TYR A 1414 29.06 6.81 35.38
C TYR A 1414 30.37 6.31 35.98
N GLY A 1415 31.02 7.08 36.83
CA GLY A 1415 32.28 6.68 37.42
C GLY A 1415 32.57 7.42 38.69
N GLY A 1416 33.45 6.83 39.49
CA GLY A 1416 33.77 7.40 40.79
C GLY A 1416 35.13 6.96 41.29
N PHE A 1417 35.62 7.70 42.29
CA PHE A 1417 36.94 7.47 42.88
C PHE A 1417 36.80 7.00 44.32
N SER A 1418 37.76 6.17 44.73
CA SER A 1418 37.86 5.73 46.12
C SER A 1418 39.34 5.64 46.48
N LEU A 1419 39.76 6.47 47.43
CA LEU A 1419 41.17 6.59 47.81
C LEU A 1419 41.51 5.48 48.80
N GLY A 1420 41.94 4.34 48.28
CA GLY A 1420 42.36 3.26 49.15
C GLY A 1420 43.61 3.63 49.93
N GLY A 1421 43.76 3.03 51.10
CA GLY A 1421 44.87 3.36 51.97
C GLY A 1421 45.60 2.15 52.54
N ARG A 1422 45.03 0.97 52.37
CA ARG A 1422 45.62 -0.26 52.91
C ARG A 1422 46.48 -0.93 51.84
N ASP A 1423 47.67 -1.36 52.25
CA ASP A 1423 48.56 -1.93 51.25
C ASP A 1423 48.60 -3.45 51.37
N PRO A 1424 48.64 -4.15 50.24
CA PRO A 1424 48.62 -5.62 50.30
C PRO A 1424 49.90 -6.23 50.85
N GLY A 1425 51.06 -5.75 50.41
CA GLY A 1425 52.33 -6.31 50.82
C GLY A 1425 52.72 -5.93 52.22
N LEU A 1426 53.91 -6.37 52.62
CA LEU A 1426 54.43 -6.07 53.94
C LEU A 1426 54.71 -4.57 54.06
N PRO A 1427 54.15 -3.88 55.05
CA PRO A 1427 54.35 -2.43 55.13
C PRO A 1427 55.80 -2.02 55.30
N SER A 1428 56.61 -2.81 56.00
CA SER A 1428 57.99 -2.46 56.31
C SER A 1428 58.90 -3.15 55.30
N GLY A 1429 59.44 -2.38 54.36
CA GLY A 1429 60.41 -2.90 53.41
C GLY A 1429 61.80 -2.34 53.65
N GLN A 1430 61.91 -1.47 54.65
CA GLN A 1430 63.20 -0.87 54.98
C GLN A 1430 64.20 -1.91 55.49
N GLU A 1431 63.72 -2.86 56.30
CA GLU A 1431 64.61 -3.91 56.80
C GLU A 1431 65.12 -4.80 55.67
N LEU A 1432 64.28 -5.05 54.66
CA LEU A 1432 64.75 -5.81 53.51
C LEU A 1432 65.84 -5.06 52.76
N GLY A 1433 65.68 -3.75 52.59
CA GLY A 1433 66.73 -2.96 51.95
C GLY A 1433 68.00 -2.94 52.77
N ARG A 1434 67.89 -2.86 54.09
CA ARG A 1434 69.07 -2.90 54.95
C ARG A 1434 69.79 -4.23 54.83
N SER A 1435 69.04 -5.34 54.80
CA SER A 1435 69.65 -6.65 54.63
C SER A 1435 70.33 -6.77 53.27
N VAL A 1436 69.70 -6.23 52.22
CA VAL A 1436 70.31 -6.26 50.89
C VAL A 1436 71.59 -5.45 50.88
N GLU A 1437 71.60 -4.29 51.53
CA GLU A 1437 72.81 -3.48 51.60
C GLU A 1437 73.91 -4.20 52.35
N GLU A 1438 73.56 -4.86 53.46
CA GLU A 1438 74.55 -5.62 54.22
C GLU A 1438 75.13 -6.76 53.38
N LEU A 1439 74.29 -7.45 52.62
CA LEU A 1439 74.78 -8.50 51.73
C LEU A 1439 75.68 -7.92 50.65
N TRP A 1440 75.33 -6.74 50.12
CA TRP A 1440 76.16 -6.09 49.11
C TRP A 1440 77.52 -5.73 49.66
N ALA A 1441 77.58 -5.22 50.90
CA ALA A 1441 78.85 -4.85 51.50
C ALA A 1441 79.76 -6.06 51.66
N LEU A 1442 79.19 -7.20 52.05
CA LEU A 1442 79.96 -8.43 52.24
C LEU A 1442 79.95 -9.23 50.94
N LEU A 1443 80.43 -10.48 51.02
CA LEU A 1443 80.42 -11.41 49.90
C LEU A 1443 81.22 -10.90 48.70
N SER A 1444 82.27 -10.10 48.97
CA SER A 1444 83.20 -9.61 47.96
C SER A 1444 82.47 -8.94 46.79
N PRO A 1445 81.95 -7.73 46.97
CA PRO A 1445 81.25 -7.07 45.86
C PRO A 1445 82.16 -6.90 44.65
N LEU A 1446 81.57 -7.08 43.47
CA LEU A 1446 82.36 -7.08 42.24
C LEU A 1446 82.90 -5.68 41.94
N PRO A 1447 84.18 -5.58 41.57
CA PRO A 1447 84.69 -4.28 41.11
C PRO A 1447 83.99 -3.77 39.86
N GLY A 1448 83.53 -4.68 38.99
CA GLY A 1448 82.81 -4.24 37.80
C GLY A 1448 81.50 -3.54 38.15
N GLY A 1449 80.79 -4.06 39.14
CA GLY A 1449 79.61 -3.41 39.65
C GLY A 1449 78.28 -3.88 39.09
N ALA A 1450 78.24 -4.99 38.36
CA ALA A 1450 76.96 -5.51 37.89
C ALA A 1450 76.09 -5.99 39.04
N LEU A 1451 76.68 -6.74 39.97
CA LEU A 1451 75.91 -7.19 41.13
C LEU A 1451 75.52 -6.03 42.02
N ASP A 1452 76.39 -5.03 42.15
CA ASP A 1452 76.04 -3.82 42.91
C ASP A 1452 74.88 -3.08 42.25
N ARG A 1453 74.89 -3.02 40.92
CA ARG A 1453 73.80 -2.42 40.17
C ARG A 1453 72.49 -3.14 40.45
N VAL A 1454 72.52 -4.47 40.39
CA VAL A 1454 71.32 -5.28 40.62
C VAL A 1454 70.82 -5.08 42.04
N LEU A 1455 71.73 -5.06 43.02
CA LEU A 1455 71.30 -4.89 44.40
C LEU A 1455 70.79 -3.49 44.68
N LYS A 1456 71.35 -2.47 44.02
CA LYS A 1456 70.82 -1.12 44.15
C LYS A 1456 69.40 -1.04 43.60
N ASN A 1457 69.15 -1.66 42.45
CA ASN A 1457 67.78 -1.69 41.92
C ASN A 1457 66.86 -2.54 42.80
N LEU A 1458 67.40 -3.58 43.45
CA LEU A 1458 66.60 -4.35 44.40
C LEU A 1458 66.19 -3.50 45.59
N THR A 1459 67.12 -2.67 46.10
CA THR A 1459 66.78 -1.74 47.17
C THR A 1459 65.74 -0.72 46.71
N ALA A 1460 65.86 -0.26 45.47
CA ALA A 1460 64.86 0.65 44.92
C ALA A 1460 63.48 -0.01 44.88
N TRP A 1461 63.43 -1.27 44.46
CA TRP A 1461 62.16 -2.01 44.48
C TRP A 1461 61.64 -2.18 45.90
N ALA A 1462 62.54 -2.41 46.85
CA ALA A 1462 62.11 -2.53 48.25
C ALA A 1462 61.51 -1.23 48.75
N HIS A 1463 62.09 -0.09 48.35
CA HIS A 1463 61.48 1.18 48.69
C HIS A 1463 60.12 1.34 48.04
N SER A 1464 59.98 0.89 46.79
CA SER A 1464 58.70 0.95 46.09
C SER A 1464 57.70 -0.08 46.61
N LEU A 1465 58.15 -1.04 47.43
CA LEU A 1465 57.24 -2.04 47.98
C LEU A 1465 56.22 -1.44 48.93
N ASP A 1466 56.51 -0.27 49.50
CA ASP A 1466 55.59 0.33 50.45
C ASP A 1466 54.26 0.68 49.80
N ALA A 1467 54.30 1.37 48.65
CA ALA A 1467 53.11 1.85 47.95
C ALA A 1467 52.21 2.65 48.89
N GLN A 1468 52.75 3.78 49.33
CA GLN A 1468 52.16 4.54 50.43
C GLN A 1468 50.71 4.91 50.16
N ASP A 1469 50.41 5.37 48.95
CA ASP A 1469 49.06 5.76 48.59
C ASP A 1469 48.63 5.10 47.28
N SER A 1470 47.35 4.76 47.22
CA SER A 1470 46.76 4.09 46.06
C SER A 1470 45.46 4.81 45.69
N LEU A 1471 44.80 4.32 44.65
CA LEU A 1471 43.55 4.91 44.20
C LEU A 1471 42.79 3.86 43.40
N LYS A 1472 41.47 3.86 43.54
CA LYS A 1472 40.61 2.90 42.85
C LYS A 1472 39.52 3.67 42.10
N ILE A 1473 39.18 3.17 40.91
CA ILE A 1473 38.21 3.83 40.03
C ILE A 1473 37.11 2.85 39.68
N TRP A 1474 35.87 3.23 39.99
CA TRP A 1474 34.69 2.48 39.58
C TRP A 1474 34.16 3.10 38.29
N PHE A 1475 33.81 2.25 37.32
CA PHE A 1475 33.26 2.71 36.04
C PHE A 1475 32.02 1.91 35.68
N ASN A 1476 31.13 2.55 34.92
CA ASN A 1476 29.92 1.91 34.42
C ASN A 1476 30.16 1.48 32.97
N ASN A 1477 29.97 0.19 32.70
CA ASN A 1477 30.35 -0.34 31.39
C ASN A 1477 29.37 0.06 30.29
N LYS A 1478 28.10 0.33 30.64
CA LYS A 1478 27.14 0.72 29.61
C LYS A 1478 27.55 2.01 28.91
N GLY A 1479 28.33 2.84 29.58
CA GLY A 1479 29.01 3.93 28.91
C GLY A 1479 30.32 3.43 28.33
N TRP A 1480 30.47 3.51 27.00
CA TRP A 1480 31.61 2.88 26.35
C TRP A 1480 32.93 3.57 26.70
N HIS A 1481 32.96 4.90 26.63
CA HIS A 1481 34.17 5.66 26.87
C HIS A 1481 34.25 6.20 28.29
N SER A 1482 33.67 5.48 29.26
CA SER A 1482 33.73 5.90 30.65
C SER A 1482 35.08 5.60 31.28
N MET A 1483 35.68 4.46 30.94
CA MET A 1483 36.94 4.05 31.54
C MET A 1483 38.05 5.07 31.26
N VAL A 1484 38.24 5.41 29.99
CA VAL A 1484 39.37 6.24 29.60
C VAL A 1484 39.21 7.66 30.12
N ALA A 1485 37.99 8.18 30.12
CA ALA A 1485 37.78 9.55 30.59
C ALA A 1485 38.18 9.69 32.05
N PHE A 1486 37.79 8.73 32.88
CA PHE A 1486 38.13 8.84 34.30
C PHE A 1486 39.58 8.48 34.58
N VAL A 1487 40.21 7.61 33.77
CA VAL A 1487 41.65 7.42 33.93
C VAL A 1487 42.39 8.72 33.61
N ASN A 1488 41.97 9.42 32.56
CA ASN A 1488 42.54 10.71 32.23
C ASN A 1488 42.31 11.71 33.36
N ARG A 1489 41.10 11.74 33.92
CA ARG A 1489 40.84 12.63 35.04
C ARG A 1489 41.74 12.33 36.23
N ALA A 1490 41.94 11.05 36.55
CA ALA A 1490 42.80 10.70 37.67
C ALA A 1490 44.25 11.13 37.44
N SER A 1491 44.77 10.89 36.23
CA SER A 1491 46.14 11.29 35.94
C SER A 1491 46.30 12.81 35.99
N ASN A 1492 45.35 13.55 35.43
CA ASN A 1492 45.40 15.00 35.50
C ASN A 1492 45.34 15.47 36.94
N ALA A 1493 44.52 14.81 37.77
CA ALA A 1493 44.43 15.18 39.17
C ALA A 1493 45.74 14.96 39.90
N ILE A 1494 46.43 13.85 39.59
CA ILE A 1494 47.73 13.60 40.21
C ILE A 1494 48.72 14.67 39.80
N LEU A 1495 48.73 15.04 38.51
CA LEU A 1495 49.62 16.10 38.05
C LEU A 1495 49.34 17.41 38.77
N ARG A 1496 48.06 17.76 38.93
CA ARG A 1496 47.73 18.98 39.66
C ARG A 1496 48.16 18.90 41.12
N ALA A 1497 47.99 17.72 41.73
CA ALA A 1497 48.32 17.58 43.16
C ALA A 1497 49.81 17.75 43.41
N HIS A 1498 50.65 17.11 42.59
CA HIS A 1498 52.08 17.21 42.81
C HIS A 1498 52.66 18.55 42.39
N LEU A 1499 51.91 19.35 41.65
CA LEU A 1499 52.34 20.70 41.27
C LEU A 1499 52.01 21.68 42.39
N PRO A 1500 52.94 22.55 42.77
CA PRO A 1500 52.69 23.46 43.88
C PRO A 1500 51.61 24.46 43.54
N PRO A 1501 50.90 24.99 44.54
CA PRO A 1501 49.79 25.91 44.27
C PRO A 1501 50.25 27.22 43.65
N GLY A 1502 49.35 27.83 42.89
CA GLY A 1502 49.61 29.11 42.26
C GLY A 1502 49.10 29.14 40.83
N PRO A 1503 49.51 30.15 40.08
CA PRO A 1503 49.13 30.20 38.65
C PRO A 1503 49.72 29.07 37.83
N ALA A 1504 50.75 28.39 38.34
CA ALA A 1504 51.34 27.27 37.60
C ALA A 1504 50.36 26.13 37.42
N ARG A 1505 49.37 26.02 38.31
CA ARG A 1505 48.37 24.96 38.18
C ARG A 1505 47.55 25.13 36.90
N HIS A 1506 47.22 26.37 36.55
CA HIS A 1506 46.45 26.62 35.34
C HIS A 1506 47.29 26.47 34.08
N ALA A 1507 48.61 26.60 34.18
CA ALA A 1507 49.46 26.53 32.99
C ALA A 1507 49.64 25.09 32.51
N HIS A 1508 49.78 24.15 33.42
CA HIS A 1508 50.07 22.77 33.07
C HIS A 1508 48.80 21.94 32.99
N SER A 1509 48.66 21.21 31.88
CA SER A 1509 47.51 20.33 31.69
C SER A 1509 47.88 19.29 30.64
N ILE A 1510 47.12 18.20 30.62
CA ILE A 1510 47.32 17.10 29.67
C ILE A 1510 45.99 16.81 29.00
N THR A 1511 46.02 16.66 27.67
CA THR A 1511 44.85 16.34 26.88
C THR A 1511 45.09 15.08 26.08
N THR A 1512 44.12 14.16 26.09
CA THR A 1512 44.22 12.90 25.38
C THR A 1512 43.08 12.77 24.38
N LEU A 1513 43.36 12.14 23.25
CA LEU A 1513 42.35 11.95 22.21
C LEU A 1513 42.27 10.49 21.77
N ASN A 1514 41.47 10.23 20.73
CA ASN A 1514 41.35 8.89 20.17
C ASN A 1514 41.02 9.02 18.69
N HIS A 1515 41.83 8.40 17.84
CA HIS A 1515 41.64 8.45 16.40
C HIS A 1515 42.13 7.15 15.79
N PRO A 1516 41.25 6.35 15.18
CA PRO A 1516 41.70 5.09 14.57
C PRO A 1516 42.46 5.34 13.26
N LEU A 1517 43.21 4.33 12.87
CA LEU A 1517 44.04 4.42 11.67
C LEU A 1517 43.17 4.31 10.41
N ASN A 1518 43.81 4.50 9.26
CA ASN A 1518 43.13 4.33 7.99
C ASN A 1518 42.86 2.84 7.74
N LEU A 1519 41.88 2.57 6.89
CA LEU A 1519 41.52 1.20 6.58
C LEU A 1519 42.61 0.54 5.73
N THR A 1520 43.00 -0.66 6.11
CA THR A 1520 43.96 -1.42 5.30
C THR A 1520 43.27 -1.94 4.04
N LYS A 1521 44.08 -2.35 3.06
CA LYS A 1521 43.54 -2.77 1.77
C LYS A 1521 42.57 -3.93 1.93
N GLU A 1522 42.96 -4.96 2.69
CA GLU A 1522 42.06 -6.06 2.96
C GLU A 1522 40.83 -5.57 3.73
N GLN A 1523 41.04 -4.66 4.69
CA GLN A 1523 39.91 -4.06 5.40
C GLN A 1523 39.17 -3.04 4.54
N LEU A 1524 39.86 -2.42 3.56
CA LEU A 1524 39.15 -1.59 2.58
C LEU A 1524 38.16 -2.44 1.79
N SER A 1525 38.54 -3.67 1.45
CA SER A 1525 37.66 -4.53 0.66
C SER A 1525 36.32 -4.78 1.35
N GLU A 1526 36.26 -4.61 2.67
CA GLU A 1526 35.02 -4.75 3.43
C GLU A 1526 34.40 -3.40 3.80
N GLY A 1527 35.23 -2.40 4.10
CA GLY A 1527 34.72 -1.10 4.50
C GLY A 1527 34.20 -0.24 3.36
N ALA A 1528 34.54 -0.61 2.12
CA ALA A 1528 33.97 0.11 0.96
C ALA A 1528 32.44 0.11 1.04
N LEU A 1529 31.87 -0.90 1.71
CA LEU A 1529 30.39 -1.00 1.85
C LEU A 1529 29.88 0.22 2.63
N MET A 1530 30.59 0.60 3.70
CA MET A 1530 30.24 1.80 4.49
C MET A 1530 30.41 3.04 3.60
N ALA A 1531 31.36 3.01 2.67
CA ALA A 1531 31.68 4.18 1.81
C ALA A 1531 30.53 4.54 0.86
N SER A 1532 29.53 3.66 0.67
CA SER A 1532 28.47 3.96 -0.34
C SER A 1532 27.80 5.29 0.03
N SER A 1533 27.43 5.49 1.31
CA SER A 1533 26.94 6.82 1.75
C SER A 1533 25.75 7.36 0.95
N VAL A 1534 25.87 8.57 0.41
CA VAL A 1534 24.76 9.28 -0.31
C VAL A 1534 24.42 8.60 -1.65
N ASP A 1535 25.25 7.68 -2.13
CA ASP A 1535 25.02 7.07 -3.47
C ASP A 1535 23.63 6.43 -3.50
N VAL A 1536 23.22 5.79 -2.39
CA VAL A 1536 21.91 5.08 -2.34
C VAL A 1536 20.79 6.09 -2.58
N LEU A 1537 20.91 7.30 -2.02
CA LEU A 1537 19.83 8.31 -2.14
C LEU A 1537 19.62 8.71 -3.61
N VAL A 1538 20.70 8.90 -4.36
CA VAL A 1538 20.56 9.36 -5.78
C VAL A 1538 20.02 8.21 -6.63
N SER A 1539 20.50 6.99 -6.40
CA SER A 1539 20.08 5.83 -7.17
C SER A 1539 18.57 5.62 -7.07
N ILE A 1540 18.01 5.79 -5.87
CA ILE A 1540 16.57 5.64 -5.69
C ILE A 1540 15.81 6.69 -6.50
N CYS A 1541 16.31 7.93 -6.50
CA CYS A 1541 15.67 8.98 -7.27
C CYS A 1541 15.72 8.67 -8.78
N VAL A 1542 16.86 8.14 -9.25
CA VAL A 1542 16.97 7.80 -10.66
C VAL A 1542 15.97 6.71 -11.04
N VAL A 1543 15.87 5.67 -10.20
CA VAL A 1543 14.92 4.59 -10.49
C VAL A 1543 13.49 5.10 -10.47
N PHE A 1544 13.16 5.94 -9.47
CA PHE A 1544 11.82 6.49 -9.36
C PHE A 1544 11.48 7.34 -10.58
N ALA A 1545 12.41 8.17 -11.03
CA ALA A 1545 12.17 9.02 -12.20
C ALA A 1545 11.99 8.18 -13.46
N MET A 1546 12.80 7.14 -13.63
CA MET A 1546 12.76 6.37 -14.86
C MET A 1546 11.67 5.31 -14.87
N SER A 1547 11.00 5.07 -13.74
CA SER A 1547 9.93 4.07 -13.67
C SER A 1547 8.56 4.61 -14.09
N PHE A 1548 8.51 5.75 -14.80
CA PHE A 1548 7.24 6.38 -15.15
C PHE A 1548 6.80 6.10 -16.59
N VAL A 1549 7.75 6.17 -17.54
CA VAL A 1549 7.37 6.32 -18.95
C VAL A 1549 6.59 5.14 -19.52
N PRO A 1550 6.99 3.88 -19.30
CA PRO A 1550 6.30 2.78 -20.01
C PRO A 1550 4.80 2.70 -19.74
N ALA A 1551 4.35 3.15 -18.57
CA ALA A 1551 2.91 3.20 -18.34
C ALA A 1551 2.25 4.20 -19.27
N SER A 1552 2.89 5.36 -19.49
CA SER A 1552 2.39 6.29 -20.49
C SER A 1552 2.46 5.69 -21.89
N PHE A 1553 3.45 4.84 -22.16
CA PHE A 1553 3.50 4.14 -23.44
C PHE A 1553 2.27 3.25 -23.63
N THR A 1554 1.89 2.53 -22.58
CA THR A 1554 0.78 1.58 -22.65
C THR A 1554 -0.58 2.27 -22.56
N LEU A 1555 -0.62 3.52 -22.10
CA LEU A 1555 -1.89 4.26 -22.04
C LEU A 1555 -2.60 4.30 -23.38
N VAL A 1556 -1.89 4.70 -24.44
CA VAL A 1556 -2.54 4.88 -25.73
C VAL A 1556 -2.98 3.54 -26.30
N LEU A 1557 -2.19 2.49 -26.08
CA LEU A 1557 -2.57 1.16 -26.55
C LEU A 1557 -3.83 0.68 -25.85
N ILE A 1558 -3.94 0.93 -24.54
CA ILE A 1558 -5.16 0.57 -23.82
C ILE A 1558 -6.35 1.35 -24.37
N GLU A 1559 -6.16 2.64 -24.62
CA GLU A 1559 -7.24 3.45 -25.18
C GLU A 1559 -7.69 2.92 -26.54
N GLU A 1560 -6.74 2.54 -27.40
CA GLU A 1560 -7.09 2.01 -28.71
C GLU A 1560 -7.82 0.67 -28.58
N ARG A 1561 -7.38 -0.19 -27.67
CA ARG A 1561 -8.02 -1.51 -27.56
C ARG A 1561 -9.41 -1.41 -26.96
N VAL A 1562 -9.65 -0.44 -26.07
CA VAL A 1562 -10.97 -0.27 -25.48
C VAL A 1562 -12.00 0.03 -26.57
N THR A 1563 -11.70 1.01 -27.42
CA THR A 1563 -12.52 1.26 -28.60
C THR A 1563 -12.26 0.17 -29.63
N ARG A 1564 -13.10 0.12 -30.66
CA ARG A 1564 -12.97 -0.89 -31.70
C ARG A 1564 -12.03 -0.45 -32.82
N ALA A 1565 -11.41 0.73 -32.69
CA ALA A 1565 -10.54 1.24 -33.75
C ALA A 1565 -9.36 0.31 -34.02
N LYS A 1566 -8.88 -0.39 -32.99
CA LYS A 1566 -7.83 -1.38 -33.20
C LYS A 1566 -8.29 -2.46 -34.17
N HIS A 1567 -9.53 -2.93 -34.00
CA HIS A 1567 -10.07 -3.91 -34.93
C HIS A 1567 -10.26 -3.30 -36.31
N LEU A 1568 -10.54 -2.00 -36.39
CA LEU A 1568 -10.61 -1.34 -37.70
C LEU A 1568 -9.26 -1.37 -38.40
N GLN A 1569 -8.18 -1.07 -37.67
CA GLN A 1569 -6.85 -1.16 -38.25
C GLN A 1569 -6.52 -2.59 -38.67
N LEU A 1570 -6.94 -3.56 -37.86
CA LEU A 1570 -6.71 -4.96 -38.24
C LEU A 1570 -7.49 -5.33 -39.50
N MET A 1571 -8.73 -4.86 -39.61
CA MET A 1571 -9.55 -5.13 -40.80
C MET A 1571 -8.95 -4.47 -42.03
N GLY A 1572 -8.29 -3.32 -41.85
CA GLY A 1572 -7.58 -2.69 -42.94
C GLY A 1572 -6.39 -3.52 -43.39
N GLY A 1573 -5.55 -2.95 -44.25
CA GLY A 1573 -4.38 -3.66 -44.73
C GLY A 1573 -3.37 -3.98 -43.64
N LEU A 1574 -3.47 -3.34 -42.48
CA LEU A 1574 -2.52 -3.55 -41.40
C LEU A 1574 -2.65 -4.94 -40.80
N SER A 1575 -1.51 -5.57 -40.56
CA SER A 1575 -1.33 -6.82 -39.83
C SER A 1575 -0.92 -6.53 -38.40
N PRO A 1576 -1.40 -7.30 -37.42
CA PRO A 1576 -1.11 -6.97 -36.02
C PRO A 1576 0.36 -7.02 -35.66
N THR A 1577 1.14 -7.94 -36.25
CA THR A 1577 2.56 -8.03 -35.93
C THR A 1577 3.29 -6.76 -36.35
N LEU A 1578 3.01 -6.28 -37.55
CA LEU A 1578 3.62 -5.04 -38.02
C LEU A 1578 3.16 -3.85 -37.20
N TYR A 1579 1.92 -3.87 -36.73
CA TYR A 1579 1.44 -2.83 -35.84
C TYR A 1579 2.21 -2.81 -34.53
N TRP A 1580 2.46 -3.99 -33.95
CA TRP A 1580 3.25 -4.08 -32.73
C TRP A 1580 4.67 -3.58 -32.97
N LEU A 1581 5.26 -3.95 -34.11
CA LEU A 1581 6.61 -3.50 -34.41
C LEU A 1581 6.67 -1.98 -34.57
N GLY A 1582 5.69 -1.40 -35.25
CA GLY A 1582 5.64 0.05 -35.38
C GLY A 1582 5.52 0.74 -34.04
N ASN A 1583 4.67 0.19 -33.15
CA ASN A 1583 4.58 0.71 -31.79
C ASN A 1583 5.93 0.65 -31.09
N PHE A 1584 6.65 -0.46 -31.26
CA PHE A 1584 7.95 -0.63 -30.61
C PHE A 1584 8.94 0.42 -31.10
N LEU A 1585 9.05 0.60 -32.42
CA LEU A 1585 9.96 1.62 -32.93
C LEU A 1585 9.57 3.01 -32.45
N TRP A 1586 8.27 3.33 -32.47
CA TRP A 1586 7.84 4.65 -32.04
C TRP A 1586 8.19 4.91 -30.58
N ASP A 1587 7.89 3.96 -29.70
CA ASP A 1587 8.10 4.27 -28.29
C ASP A 1587 9.57 4.14 -27.88
N MET A 1588 10.40 3.39 -28.61
CA MET A 1588 11.84 3.58 -28.43
C MET A 1588 12.29 4.97 -28.86
N CYS A 1589 11.79 5.45 -30.00
CA CYS A 1589 12.14 6.81 -30.41
C CYS A 1589 11.69 7.83 -29.37
N ASN A 1590 10.60 7.55 -28.68
CA ASN A 1590 10.14 8.43 -27.60
C ASN A 1590 11.06 8.33 -26.38
N TYR A 1591 11.45 7.11 -26.00
CA TYR A 1591 12.22 6.94 -24.77
C TYR A 1591 13.66 7.40 -24.91
N LEU A 1592 14.21 7.46 -26.12
CA LEU A 1592 15.63 7.79 -26.26
C LEU A 1592 15.97 9.16 -25.66
N VAL A 1593 15.04 10.12 -25.77
CA VAL A 1593 15.35 11.48 -25.32
C VAL A 1593 15.61 11.58 -23.81
N PRO A 1594 14.76 11.01 -22.94
CA PRO A 1594 15.05 11.11 -21.50
C PRO A 1594 16.40 10.55 -21.09
N ALA A 1595 16.87 9.48 -21.74
CA ALA A 1595 18.18 8.93 -21.41
C ALA A 1595 19.28 9.94 -21.69
N CYS A 1596 19.21 10.60 -22.85
CA CYS A 1596 20.20 11.63 -23.18
C CYS A 1596 20.10 12.80 -22.21
N ILE A 1597 18.88 13.17 -21.81
CA ILE A 1597 18.72 14.26 -20.86
C ILE A 1597 19.37 13.90 -19.52
N VAL A 1598 19.15 12.68 -19.05
CA VAL A 1598 19.76 12.25 -17.79
C VAL A 1598 21.28 12.24 -17.90
N VAL A 1599 21.80 11.75 -19.02
CA VAL A 1599 23.25 11.70 -19.20
C VAL A 1599 23.84 13.11 -19.18
N LEU A 1600 23.22 14.05 -19.89
CA LEU A 1600 23.75 15.41 -19.91
C LEU A 1600 23.61 16.09 -18.55
N ILE A 1601 22.55 15.77 -17.79
CA ILE A 1601 22.40 16.32 -16.45
C ILE A 1601 23.52 15.83 -15.55
N PHE A 1602 23.82 14.53 -15.60
CA PHE A 1602 24.92 14.00 -14.80
C PHE A 1602 26.26 14.61 -15.23
N LEU A 1603 26.48 14.75 -16.54
CA LEU A 1603 27.75 15.30 -17.01
C LEU A 1603 27.89 16.77 -16.64
N ALA A 1604 26.78 17.51 -16.55
CA ALA A 1604 26.85 18.95 -16.28
C ALA A 1604 27.37 19.23 -14.88
N PHE A 1605 26.95 18.44 -13.89
CA PHE A 1605 27.31 18.70 -12.50
C PHE A 1605 28.57 17.95 -12.06
N GLN A 1606 29.21 17.21 -12.96
CA GLN A 1606 30.56 16.66 -12.73
C GLN A 1606 30.58 15.65 -11.58
N GLN A 1607 29.71 14.66 -11.66
CA GLN A 1607 29.79 13.52 -10.74
C GLN A 1607 30.97 12.63 -11.14
N ARG A 1608 31.90 12.44 -10.20
CA ARG A 1608 33.14 11.72 -10.52
C ARG A 1608 32.86 10.29 -10.97
N ALA A 1609 31.90 9.63 -10.34
CA ALA A 1609 31.56 8.27 -10.76
C ALA A 1609 31.01 8.23 -12.17
N TYR A 1610 30.24 9.25 -12.55
CA TYR A 1610 29.59 9.27 -13.86
C TYR A 1610 30.49 9.81 -14.97
N VAL A 1611 31.34 10.81 -14.68
CA VAL A 1611 32.10 11.47 -15.74
C VAL A 1611 33.34 10.69 -16.16
N ALA A 1612 33.63 9.58 -15.50
CA ALA A 1612 34.81 8.79 -15.86
C ALA A 1612 34.68 8.28 -17.28
N PRO A 1613 35.73 8.39 -18.11
CA PRO A 1613 35.61 7.90 -19.50
C PRO A 1613 35.31 6.42 -19.60
N ALA A 1614 35.75 5.62 -18.64
CA ALA A 1614 35.42 4.20 -18.65
C ALA A 1614 33.99 3.94 -18.19
N ASN A 1615 33.50 4.73 -17.24
CA ASN A 1615 32.17 4.48 -16.67
C ASN A 1615 31.05 4.93 -17.60
N LEU A 1616 31.27 5.99 -18.38
CA LEU A 1616 30.19 6.56 -19.19
C LEU A 1616 29.58 5.57 -20.18
N PRO A 1617 30.35 4.80 -20.96
CA PRO A 1617 29.70 3.82 -21.85
C PRO A 1617 28.85 2.81 -21.13
N ALA A 1618 29.27 2.37 -19.93
CA ALA A 1618 28.46 1.44 -19.15
C ALA A 1618 27.13 2.06 -18.77
N LEU A 1619 27.14 3.32 -18.33
CA LEU A 1619 25.90 3.99 -17.96
C LEU A 1619 24.98 4.17 -19.16
N LEU A 1620 25.54 4.58 -20.31
CA LEU A 1620 24.73 4.74 -21.51
C LEU A 1620 24.11 3.42 -21.95
N LEU A 1621 24.91 2.35 -21.94
CA LEU A 1621 24.37 1.03 -22.30
C LEU A 1621 23.27 0.62 -21.33
N LEU A 1622 23.50 0.85 -20.02
CA LEU A 1622 22.50 0.50 -19.03
C LEU A 1622 21.18 1.21 -19.30
N LEU A 1623 21.23 2.53 -19.50
CA LEU A 1623 20.00 3.29 -19.72
C LEU A 1623 19.30 2.85 -21.01
N LEU A 1624 20.05 2.78 -22.12
CA LEU A 1624 19.43 2.45 -23.40
C LEU A 1624 18.82 1.06 -23.38
N LEU A 1625 19.55 0.07 -22.84
CA LEU A 1625 19.01 -1.28 -22.81
C LEU A 1625 17.83 -1.39 -21.85
N TYR A 1626 17.90 -0.70 -20.70
CA TYR A 1626 16.78 -0.73 -19.76
C TYR A 1626 15.52 -0.21 -20.42
N GLY A 1627 15.64 0.86 -21.19
CA GLY A 1627 14.50 1.30 -21.99
C GLY A 1627 14.09 0.28 -23.03
N TRP A 1628 15.08 -0.41 -23.61
CA TRP A 1628 14.79 -1.26 -24.77
C TRP A 1628 14.07 -2.54 -24.39
N SER A 1629 14.27 -3.05 -23.17
CA SER A 1629 13.65 -4.32 -22.81
C SER A 1629 12.43 -4.19 -21.91
N ILE A 1630 12.29 -3.09 -21.16
CA ILE A 1630 11.21 -2.99 -20.20
C ILE A 1630 9.87 -2.79 -20.90
N THR A 1631 9.88 -2.19 -22.08
CA THR A 1631 8.62 -1.86 -22.77
C THR A 1631 7.79 -3.09 -23.11
N PRO A 1632 8.32 -4.16 -23.71
CA PRO A 1632 7.47 -5.32 -24.03
C PRO A 1632 6.92 -6.05 -22.80
N LEU A 1633 7.31 -5.66 -21.58
CA LEU A 1633 6.69 -6.25 -20.40
C LEU A 1633 5.22 -5.92 -20.31
N MET A 1634 4.86 -4.67 -20.62
CA MET A 1634 3.54 -4.14 -20.26
C MET A 1634 2.57 -4.07 -21.44
N TYR A 1635 3.02 -4.32 -22.66
CA TYR A 1635 2.06 -4.50 -23.75
C TYR A 1635 1.05 -5.61 -23.49
N PRO A 1636 1.42 -6.79 -22.96
CA PRO A 1636 0.38 -7.76 -22.58
C PRO A 1636 -0.57 -7.26 -21.51
N ALA A 1637 -0.18 -6.26 -20.72
CA ALA A 1637 -1.07 -5.70 -19.71
C ALA A 1637 -2.19 -4.86 -20.30
N SER A 1638 -2.11 -4.51 -21.59
CA SER A 1638 -3.19 -3.75 -22.21
C SER A 1638 -4.48 -4.55 -22.27
N PHE A 1639 -4.38 -5.85 -22.54
CA PHE A 1639 -5.57 -6.70 -22.60
C PHE A 1639 -6.23 -6.81 -21.23
N PHE A 1640 -5.44 -6.92 -20.17
CA PHE A 1640 -6.01 -7.13 -18.84
C PHE A 1640 -6.79 -5.91 -18.36
N PHE A 1641 -6.18 -4.73 -18.44
CA PHE A 1641 -6.83 -3.51 -17.96
C PHE A 1641 -7.73 -2.93 -19.04
N SER A 1642 -8.96 -2.60 -18.66
CA SER A 1642 -9.93 -1.99 -19.56
C SER A 1642 -10.08 -0.49 -19.33
N VAL A 1643 -9.27 0.09 -18.44
CA VAL A 1643 -9.31 1.53 -18.17
C VAL A 1643 -7.88 2.07 -18.21
N PRO A 1644 -7.66 3.21 -18.89
CA PRO A 1644 -6.29 3.71 -19.04
C PRO A 1644 -5.65 4.23 -17.75
N SER A 1645 -6.34 5.14 -17.06
CA SER A 1645 -5.71 5.88 -15.96
C SER A 1645 -5.34 4.96 -14.81
N THR A 1646 -6.21 4.01 -14.47
CA THR A 1646 -5.92 3.12 -13.34
C THR A 1646 -4.71 2.24 -13.62
N ALA A 1647 -4.60 1.73 -14.85
CA ALA A 1647 -3.46 0.89 -15.21
C ALA A 1647 -2.14 1.66 -15.09
N TYR A 1648 -2.16 2.94 -15.46
CA TYR A 1648 -0.97 3.78 -15.31
C TYR A 1648 -0.46 3.77 -13.89
N VAL A 1649 -1.34 4.07 -12.93
CA VAL A 1649 -0.94 4.16 -11.53
C VAL A 1649 -0.54 2.78 -11.01
N VAL A 1650 -1.32 1.74 -11.35
CA VAL A 1650 -1.03 0.41 -10.84
C VAL A 1650 0.35 -0.06 -11.31
N LEU A 1651 0.64 0.11 -12.60
CA LEU A 1651 1.92 -0.37 -13.13
C LEU A 1651 3.08 0.48 -12.63
N THR A 1652 2.88 1.80 -12.47
CA THR A 1652 3.94 2.62 -11.90
C THR A 1652 4.26 2.19 -10.47
N CYS A 1653 3.21 1.93 -9.68
CA CYS A 1653 3.43 1.48 -8.30
C CYS A 1653 4.09 0.11 -8.27
N ILE A 1654 3.73 -0.78 -9.19
CA ILE A 1654 4.35 -2.10 -9.24
C ILE A 1654 5.84 -1.98 -9.56
N ASN A 1655 6.18 -1.13 -10.54
CA ASN A 1655 7.58 -0.92 -10.88
C ASN A 1655 8.36 -0.36 -9.69
N LEU A 1656 7.79 0.65 -9.03
CA LEU A 1656 8.44 1.22 -7.86
C LEU A 1656 8.64 0.17 -6.78
N PHE A 1657 7.59 -0.60 -6.49
CA PHE A 1657 7.68 -1.69 -5.53
C PHE A 1657 8.85 -2.60 -5.84
N ILE A 1658 8.82 -3.22 -7.03
CA ILE A 1658 9.83 -4.22 -7.35
C ILE A 1658 11.23 -3.61 -7.27
N GLY A 1659 11.45 -2.48 -7.94
CA GLY A 1659 12.77 -1.90 -7.99
C GLY A 1659 13.31 -1.47 -6.63
N ILE A 1660 12.58 -0.61 -5.94
CA ILE A 1660 13.07 -0.09 -4.66
C ILE A 1660 13.21 -1.22 -3.64
N ASN A 1661 12.22 -2.11 -3.56
CA ASN A 1661 12.30 -3.18 -2.58
C ASN A 1661 13.48 -4.10 -2.84
N GLY A 1662 13.67 -4.53 -4.09
CA GLY A 1662 14.79 -5.41 -4.39
C GLY A 1662 16.12 -4.74 -4.10
N SER A 1663 16.28 -3.49 -4.57
CA SER A 1663 17.55 -2.79 -4.39
C SER A 1663 17.86 -2.60 -2.91
N MET A 1664 16.89 -2.09 -2.14
CA MET A 1664 17.12 -1.85 -0.72
C MET A 1664 17.37 -3.15 0.03
N ALA A 1665 16.62 -4.20 -0.28
CA ALA A 1665 16.80 -5.48 0.40
C ALA A 1665 18.21 -6.03 0.15
N THR A 1666 18.65 -6.03 -1.11
CA THR A 1666 19.99 -6.55 -1.40
C THR A 1666 21.06 -5.69 -0.74
N PHE A 1667 20.91 -4.37 -0.81
CA PHE A 1667 21.92 -3.47 -0.26
C PHE A 1667 22.03 -3.61 1.25
N VAL A 1668 20.90 -3.74 1.93
CA VAL A 1668 20.92 -3.92 3.39
C VAL A 1668 21.46 -5.29 3.75
N LEU A 1669 21.07 -6.33 3.01
CA LEU A 1669 21.55 -7.68 3.32
C LEU A 1669 23.07 -7.76 3.17
N GLU A 1670 23.62 -7.10 2.15
CA GLU A 1670 25.06 -7.14 1.97
C GLU A 1670 25.79 -6.39 3.08
N LEU A 1671 25.24 -5.26 3.53
CA LEU A 1671 25.90 -4.46 4.57
C LEU A 1671 26.03 -5.22 5.87
N PHE A 1672 24.96 -5.88 6.31
CA PHE A 1672 24.87 -6.44 7.65
C PHE A 1672 25.18 -7.93 7.67
N SER A 1673 26.13 -8.36 6.84
CA SER A 1673 26.53 -9.77 6.78
C SER A 1673 27.48 -10.12 7.94
N ASP A 1674 26.99 -9.85 9.16
CA ASP A 1674 27.73 -10.29 10.34
C ASP A 1674 27.80 -11.81 10.38
N GLN A 1675 26.70 -12.49 10.06
CA GLN A 1675 26.67 -13.93 9.91
C GLN A 1675 26.77 -14.27 8.44
N LYS A 1676 27.70 -15.17 8.10
CA LYS A 1676 27.93 -15.54 6.70
C LYS A 1676 26.73 -16.26 6.09
N LEU A 1677 25.77 -16.71 6.89
CA LEU A 1677 24.60 -17.39 6.35
C LEU A 1677 23.77 -16.44 5.46
N GLN A 1678 23.78 -15.15 5.78
CA GLN A 1678 23.06 -14.17 4.97
C GLN A 1678 23.87 -13.67 3.77
N GLU A 1679 25.15 -14.01 3.69
CA GLU A 1679 25.97 -13.62 2.55
C GLU A 1679 25.68 -14.48 1.31
N VAL A 1680 25.09 -15.66 1.50
CA VAL A 1680 24.83 -16.60 0.41
C VAL A 1680 23.77 -16.04 -0.52
N SER A 1681 23.25 -14.85 -0.21
CA SER A 1681 22.22 -14.21 -1.01
C SER A 1681 22.71 -13.82 -2.41
N ARG A 1682 24.00 -14.09 -2.69
CA ARG A 1682 24.50 -13.87 -4.05
C ARG A 1682 23.80 -14.77 -5.05
N ILE A 1683 23.48 -16.01 -4.65
CA ILE A 1683 22.71 -16.88 -5.53
C ILE A 1683 21.28 -16.35 -5.69
N LEU A 1684 20.72 -15.73 -4.65
CA LEU A 1684 19.41 -15.11 -4.79
C LEU A 1684 19.46 -13.94 -5.78
N LYS A 1685 20.54 -13.16 -5.75
CA LYS A 1685 20.71 -12.10 -6.74
C LYS A 1685 20.85 -12.69 -8.15
N GLN A 1686 21.60 -13.79 -8.28
CA GLN A 1686 21.70 -14.46 -9.58
C GLN A 1686 20.36 -15.04 -10.03
N VAL A 1687 19.44 -15.31 -9.10
CA VAL A 1687 18.06 -15.58 -9.49
C VAL A 1687 17.38 -14.29 -9.93
N PHE A 1688 17.62 -13.19 -9.22
CA PHE A 1688 16.98 -11.91 -9.51
C PHE A 1688 17.41 -11.32 -10.85
N LEU A 1689 18.52 -11.77 -11.42
CA LEU A 1689 18.90 -11.29 -12.75
C LEU A 1689 17.88 -11.69 -13.81
N ILE A 1690 17.00 -12.66 -13.50
CA ILE A 1690 15.90 -13.00 -14.40
C ILE A 1690 14.85 -11.90 -14.41
N PHE A 1691 14.85 -11.01 -13.43
CA PHE A 1691 13.94 -9.86 -13.47
C PHE A 1691 14.64 -8.64 -14.05
N PRO A 1692 13.98 -7.91 -14.96
CA PRO A 1692 14.69 -6.84 -15.69
C PRO A 1692 14.77 -5.52 -14.94
N HIS A 1693 13.79 -5.20 -14.11
CA HIS A 1693 13.79 -3.90 -13.44
C HIS A 1693 14.77 -3.81 -12.29
N PHE A 1694 15.13 -4.95 -11.68
CA PHE A 1694 16.11 -4.94 -10.60
C PHE A 1694 17.52 -4.71 -11.12
N CYS A 1695 17.78 -5.01 -12.40
CA CYS A 1695 19.11 -4.86 -12.96
C CYS A 1695 19.57 -3.40 -12.95
N LEU A 1696 18.67 -2.48 -13.31
CA LEU A 1696 19.05 -1.07 -13.38
C LEU A 1696 19.36 -0.50 -12.00
N GLY A 1697 18.56 -0.85 -11.00
CA GLY A 1697 18.72 -0.29 -9.67
C GLY A 1697 20.05 -0.62 -9.02
N ARG A 1698 20.29 -1.90 -8.74
CA ARG A 1698 21.53 -2.30 -8.07
C ARG A 1698 22.74 -2.07 -8.97
N GLY A 1699 22.54 -2.08 -10.30
CA GLY A 1699 23.66 -1.90 -11.21
C GLY A 1699 24.36 -0.56 -11.03
N LEU A 1700 23.57 0.49 -10.79
CA LEU A 1700 24.17 1.81 -10.55
C LEU A 1700 24.88 1.87 -9.21
N ILE A 1701 24.40 1.11 -8.21
CA ILE A 1701 25.06 1.10 -6.91
C ILE A 1701 26.48 0.54 -7.03
N ASP A 1702 26.64 -0.54 -7.79
CA ASP A 1702 27.95 -1.14 -7.96
C ASP A 1702 28.89 -0.26 -8.77
N MET A 1703 28.35 0.67 -9.57
CA MET A 1703 29.20 1.49 -10.43
C MET A 1703 29.97 2.53 -9.60
N VAL A 1704 29.29 3.19 -8.66
CA VAL A 1704 29.93 4.25 -7.89
C VAL A 1704 31.00 3.68 -6.97
N ARG A 1705 30.72 2.54 -6.33
CA ARG A 1705 31.68 1.98 -5.38
C ARG A 1705 32.95 1.52 -6.09
N ASN A 1706 32.83 0.98 -7.31
CA ASN A 1706 34.00 0.46 -8.00
C ASN A 1706 35.02 1.55 -8.29
N GLN A 1707 34.55 2.74 -8.69
CA GLN A 1707 35.46 3.86 -8.87
C GLN A 1707 35.94 4.40 -7.52
N ALA A 1708 35.09 4.30 -6.48
CA ALA A 1708 35.51 4.76 -5.16
C ALA A 1708 36.69 3.95 -4.62
N MET A 1709 36.65 2.63 -4.78
CA MET A 1709 37.77 1.81 -4.35
C MET A 1709 39.02 2.12 -5.16
N ALA A 1710 38.89 2.23 -6.48
CA ALA A 1710 40.03 2.52 -7.32
C ALA A 1710 40.61 3.90 -7.04
N ASP A 1711 39.77 4.84 -6.59
CA ASP A 1711 40.26 6.16 -6.23
C ASP A 1711 41.14 6.14 -4.99
N ALA A 1712 41.03 5.10 -4.16
CA ALA A 1712 41.84 4.99 -2.95
C ALA A 1712 42.74 3.76 -2.91
N PHE A 1713 42.46 2.73 -3.71
CA PHE A 1713 43.28 1.52 -3.66
C PHE A 1713 44.67 1.76 -4.24
N GLU A 1714 44.76 2.57 -5.30
CA GLU A 1714 46.02 2.82 -5.98
C GLU A 1714 46.49 4.26 -5.87
N ARG A 1715 45.57 5.23 -5.97
CA ARG A 1715 45.97 6.63 -5.86
C ARG A 1715 46.52 6.95 -4.49
N LEU A 1716 45.89 6.43 -3.44
CA LEU A 1716 46.34 6.67 -2.07
C LEU A 1716 46.86 5.38 -1.44
N GLN A 1722 37.45 -3.22 -11.56
CA GLN A 1722 38.33 -2.27 -12.22
C GLN A 1722 37.53 -1.19 -12.95
N SER A 1723 36.82 -1.59 -14.00
CA SER A 1723 36.00 -0.67 -14.77
C SER A 1723 34.60 -1.25 -14.96
N PRO A 1724 33.57 -0.41 -14.92
CA PRO A 1724 32.21 -0.92 -15.16
C PRO A 1724 32.01 -1.47 -16.56
N LEU A 1725 32.85 -1.09 -17.52
CA LEU A 1725 32.70 -1.61 -18.88
C LEU A 1725 32.97 -3.11 -18.94
N ARG A 1726 33.80 -3.63 -18.05
CA ARG A 1726 34.06 -5.05 -18.01
C ARG A 1726 32.81 -5.80 -17.57
N TRP A 1727 32.61 -7.00 -18.13
CA TRP A 1727 31.35 -7.71 -18.00
C TRP A 1727 31.23 -8.51 -16.71
N GLU A 1728 31.48 -7.88 -15.57
CA GLU A 1728 31.19 -8.51 -14.28
C GLU A 1728 30.37 -7.62 -13.35
N VAL A 1729 30.58 -6.30 -13.40
CA VAL A 1729 29.84 -5.39 -12.52
C VAL A 1729 28.42 -5.20 -13.02
N VAL A 1730 28.27 -4.76 -14.26
CA VAL A 1730 26.97 -4.62 -14.91
C VAL A 1730 26.84 -5.49 -16.15
N GLY A 1731 27.88 -6.23 -16.51
CA GLY A 1731 27.82 -7.06 -17.71
C GLY A 1731 26.83 -8.20 -17.60
N LYS A 1732 26.75 -8.82 -16.42
CA LYS A 1732 25.76 -9.88 -16.21
C LYS A 1732 24.35 -9.32 -16.39
N ASN A 1733 24.09 -8.17 -15.78
CA ASN A 1733 22.79 -7.52 -15.93
C ASN A 1733 22.49 -7.24 -17.39
N LEU A 1734 23.45 -6.65 -18.11
CA LEU A 1734 23.25 -6.30 -19.51
C LEU A 1734 22.92 -7.53 -20.35
N LEU A 1735 23.73 -8.59 -20.20
CA LEU A 1735 23.53 -9.79 -21.01
C LEU A 1735 22.18 -10.42 -20.72
N ALA A 1736 21.87 -10.65 -19.44
CA ALA A 1736 20.62 -11.30 -19.08
C ALA A 1736 19.41 -10.48 -19.52
N MET A 1737 19.50 -9.16 -19.40
CA MET A 1737 18.36 -8.30 -19.72
C MET A 1737 18.17 -8.14 -21.22
N VAL A 1738 19.26 -8.13 -22.00
CA VAL A 1738 19.13 -8.21 -23.45
C VAL A 1738 18.49 -9.54 -23.85
N ILE A 1739 18.85 -10.62 -23.15
CA ILE A 1739 18.18 -11.90 -23.39
C ILE A 1739 16.69 -11.78 -23.11
N GLN A 1740 16.33 -11.11 -22.01
CA GLN A 1740 14.93 -10.92 -21.65
C GLN A 1740 14.16 -10.13 -22.70
N GLY A 1741 14.82 -9.16 -23.34
CA GLY A 1741 14.17 -8.24 -24.24
C GLY A 1741 13.16 -8.80 -25.22
N PRO A 1742 13.60 -9.61 -26.18
CA PRO A 1742 12.70 -10.02 -27.26
C PRO A 1742 11.65 -11.05 -26.88
N LEU A 1743 11.86 -11.81 -25.80
CA LEU A 1743 10.93 -12.88 -25.46
C LEU A 1743 9.56 -12.32 -25.06
N PHE A 1744 9.54 -11.14 -24.43
CA PHE A 1744 8.27 -10.54 -24.04
C PHE A 1744 7.50 -10.04 -25.25
N LEU A 1745 8.20 -9.47 -26.23
CA LEU A 1745 7.55 -9.12 -27.50
C LEU A 1745 7.00 -10.34 -28.20
N LEU A 1746 7.76 -11.44 -28.19
CA LEU A 1746 7.26 -12.68 -28.75
C LEU A 1746 6.01 -13.16 -28.00
N PHE A 1747 6.02 -13.05 -26.67
CA PHE A 1747 4.88 -13.49 -25.87
C PHE A 1747 3.63 -12.68 -26.19
N THR A 1748 3.76 -11.36 -26.27
CA THR A 1748 2.58 -10.55 -26.58
C THR A 1748 2.12 -10.77 -28.02
N LEU A 1749 3.05 -11.00 -28.95
CA LEU A 1749 2.65 -11.30 -30.33
C LEU A 1749 1.89 -12.61 -30.39
N LEU A 1750 2.32 -13.62 -29.64
CA LEU A 1750 1.57 -14.87 -29.57
C LEU A 1750 0.21 -14.66 -28.92
N LEU A 1751 0.15 -13.80 -27.89
CA LEU A 1751 -1.12 -13.51 -27.24
C LEU A 1751 -2.10 -12.86 -28.21
N GLN A 1752 -1.59 -12.04 -29.14
CA GLN A 1752 -2.47 -11.44 -30.14
C GLN A 1752 -3.10 -12.50 -31.02
N HIS A 1753 -2.33 -13.52 -31.41
CA HIS A 1753 -2.83 -14.63 -32.23
C HIS A 1753 -3.15 -15.87 -31.41
N ARG A 1754 -3.49 -15.69 -30.12
CA ARG A 1754 -3.81 -16.84 -29.28
C ARG A 1754 -5.06 -17.57 -29.79
N SER A 1755 -6.06 -16.82 -30.21
CA SER A 1755 -7.29 -17.43 -30.71
C SER A 1755 -7.01 -18.19 -32.00
N GLN A 1756 -7.57 -19.38 -32.10
CA GLN A 1756 -7.39 -20.22 -33.29
C GLN A 1756 -8.72 -20.79 -33.77
N GLU A 1774 -42.87 -19.45 -47.86
CA GLU A 1774 -42.34 -20.32 -48.91
C GLU A 1774 -41.17 -19.65 -49.62
N ASP A 1775 -41.12 -18.32 -49.54
CA ASP A 1775 -40.03 -17.58 -50.18
C ASP A 1775 -38.69 -17.91 -49.53
N VAL A 1776 -38.67 -18.08 -48.21
CA VAL A 1776 -37.44 -18.47 -47.52
C VAL A 1776 -36.97 -19.84 -47.98
N ALA A 1777 -37.91 -20.79 -48.10
CA ALA A 1777 -37.55 -22.16 -48.44
C ALA A 1777 -36.94 -22.23 -49.85
N ARG A 1778 -37.48 -21.45 -50.79
CA ARG A 1778 -36.98 -21.49 -52.15
C ARG A 1778 -35.52 -21.02 -52.21
N GLU A 1779 -35.21 -19.91 -51.55
CA GLU A 1779 -33.84 -19.41 -51.55
C GLU A 1779 -32.90 -20.32 -50.77
N ARG A 1780 -33.40 -20.95 -49.70
CA ARG A 1780 -32.57 -21.86 -48.93
C ARG A 1780 -32.14 -23.06 -49.77
N GLU A 1781 -33.05 -23.60 -50.58
CA GLU A 1781 -32.70 -24.73 -51.44
C GLU A 1781 -31.81 -24.30 -52.60
N ARG A 1782 -32.00 -23.08 -53.10
CA ARG A 1782 -31.23 -22.63 -54.27
C ARG A 1782 -29.74 -22.58 -53.96
N VAL A 1783 -29.36 -22.04 -52.80
CA VAL A 1783 -27.95 -21.95 -52.44
C VAL A 1783 -27.37 -23.35 -52.24
N VAL A 1784 -28.11 -24.23 -51.56
CA VAL A 1784 -27.63 -25.58 -51.32
C VAL A 1784 -27.46 -26.34 -52.62
N GLN A 1785 -28.45 -26.24 -53.52
CA GLN A 1785 -28.38 -26.97 -54.78
C GLN A 1785 -27.24 -26.46 -55.66
N GLY A 1786 -27.05 -25.14 -55.73
CA GLY A 1786 -26.00 -24.59 -56.55
C GLY A 1786 -25.54 -23.24 -56.03
N ALA A 1787 -24.33 -22.87 -56.44
CA ALA A 1787 -23.71 -21.61 -56.04
C ALA A 1787 -23.72 -20.65 -57.22
N THR A 1788 -24.14 -19.41 -56.96
CA THR A 1788 -24.20 -18.38 -58.00
C THR A 1788 -22.91 -17.57 -57.96
N GLN A 1789 -22.21 -17.53 -59.10
CA GLN A 1789 -20.96 -16.77 -59.16
C GLN A 1789 -21.20 -15.27 -59.04
N GLY A 1790 -22.39 -14.81 -59.44
CA GLY A 1790 -22.71 -13.39 -59.29
C GLY A 1790 -22.89 -12.96 -57.85
N ASP A 1791 -23.20 -13.90 -56.95
CA ASP A 1791 -23.42 -13.55 -55.55
C ASP A 1791 -22.10 -13.19 -54.89
N VAL A 1792 -22.02 -11.94 -54.41
CA VAL A 1792 -20.80 -11.49 -53.73
C VAL A 1792 -20.65 -12.18 -52.39
N LEU A 1793 -21.72 -12.24 -51.61
CA LEU A 1793 -21.71 -12.85 -50.28
C LEU A 1793 -22.64 -14.05 -50.27
N VAL A 1794 -22.12 -15.19 -49.82
CA VAL A 1794 -22.87 -16.45 -49.83
C VAL A 1794 -22.73 -17.07 -48.43
N LEU A 1795 -23.76 -16.91 -47.61
CA LEU A 1795 -23.81 -17.61 -46.33
C LEU A 1795 -24.29 -19.04 -46.54
N ARG A 1796 -23.71 -19.97 -45.79
CA ARG A 1796 -24.04 -21.39 -45.94
C ARG A 1796 -24.06 -22.04 -44.56
N ASN A 1797 -25.27 -22.27 -44.04
CA ASN A 1797 -25.48 -22.97 -42.76
C ASN A 1797 -24.72 -22.29 -41.62
N LEU A 1798 -24.75 -20.95 -41.60
CA LEU A 1798 -24.11 -20.22 -40.53
C LEU A 1798 -24.88 -20.38 -39.23
N THR A 1799 -24.15 -20.50 -38.12
CA THR A 1799 -24.74 -20.71 -36.81
C THR A 1799 -23.78 -20.19 -35.74
N LYS A 1800 -24.34 -19.59 -34.70
CA LYS A 1800 -23.55 -19.07 -33.58
C LYS A 1800 -24.16 -19.55 -32.27
N VAL A 1801 -23.31 -19.97 -31.33
CA VAL A 1801 -23.75 -20.44 -30.02
C VAL A 1801 -22.93 -19.73 -28.96
N TYR A 1802 -23.58 -18.83 -28.21
CA TYR A 1802 -22.98 -18.32 -27.00
C TYR A 1802 -22.94 -19.41 -25.92
N ARG A 1803 -21.95 -19.32 -25.04
CA ARG A 1803 -21.82 -20.30 -23.97
C ARG A 1803 -22.84 -20.04 -22.87
N GLY A 1804 -23.58 -21.09 -22.51
CA GLY A 1804 -24.53 -21.02 -21.41
C GLY A 1804 -25.95 -20.65 -21.78
N GLN A 1805 -26.17 -20.07 -22.97
CA GLN A 1805 -27.53 -19.68 -23.35
C GLN A 1805 -28.36 -20.88 -23.80
N ARG A 1806 -27.73 -21.91 -24.36
CA ARG A 1806 -28.34 -23.15 -24.83
C ARG A 1806 -29.26 -22.94 -26.03
N MET A 1807 -29.38 -21.73 -26.55
CA MET A 1807 -30.13 -21.46 -27.77
C MET A 1807 -29.30 -20.60 -28.70
N PRO A 1808 -29.28 -20.91 -29.99
CA PRO A 1808 -28.45 -20.14 -30.91
C PRO A 1808 -28.98 -18.73 -31.11
N ALA A 1809 -28.07 -17.75 -31.09
CA ALA A 1809 -28.44 -16.39 -31.46
C ALA A 1809 -28.86 -16.32 -32.91
N VAL A 1810 -28.12 -16.98 -33.79
CA VAL A 1810 -28.47 -17.13 -35.20
C VAL A 1810 -28.22 -18.57 -35.58
N ASP A 1811 -29.23 -19.22 -36.17
CA ASP A 1811 -29.16 -20.65 -36.46
C ASP A 1811 -29.57 -20.91 -37.91
N ARG A 1812 -28.79 -21.75 -38.59
CA ARG A 1812 -29.11 -22.23 -39.94
C ARG A 1812 -29.40 -21.07 -40.89
N LEU A 1813 -28.47 -20.12 -40.95
CA LEU A 1813 -28.62 -18.93 -41.77
C LEU A 1813 -27.90 -19.10 -43.10
N CYS A 1814 -28.61 -18.85 -44.20
CA CYS A 1814 -28.04 -18.91 -45.54
C CYS A 1814 -28.72 -17.86 -46.41
N LEU A 1815 -27.96 -17.31 -47.36
CA LEU A 1815 -28.48 -16.21 -48.16
C LEU A 1815 -27.68 -16.09 -49.45
N GLY A 1816 -28.34 -15.62 -50.50
CA GLY A 1816 -27.71 -15.34 -51.77
C GLY A 1816 -28.01 -13.94 -52.24
N ILE A 1817 -26.98 -13.10 -52.33
CA ILE A 1817 -27.13 -11.67 -52.56
C ILE A 1817 -26.58 -11.34 -53.94
N PRO A 1818 -27.37 -10.77 -54.85
CA PRO A 1818 -26.83 -10.30 -56.13
C PRO A 1818 -26.01 -9.04 -55.96
N PRO A 1819 -25.06 -8.79 -56.89
CA PRO A 1819 -24.06 -7.75 -56.63
C PRO A 1819 -24.59 -6.33 -56.72
N GLY A 1820 -25.39 -6.02 -57.73
CA GLY A 1820 -25.75 -4.66 -58.04
C GLY A 1820 -26.86 -4.03 -57.23
N GLU A 1821 -27.32 -4.68 -56.16
CA GLU A 1821 -28.46 -4.20 -55.40
C GLU A 1821 -28.05 -3.89 -53.96
N CYS A 1822 -28.96 -3.23 -53.24
CA CYS A 1822 -28.77 -2.85 -51.85
C CYS A 1822 -29.71 -3.66 -50.96
N PHE A 1823 -29.14 -4.37 -49.99
CA PHE A 1823 -29.88 -5.29 -49.14
C PHE A 1823 -30.38 -4.60 -47.89
N GLY A 1824 -31.32 -5.26 -47.20
CA GLY A 1824 -31.79 -4.77 -45.91
C GLY A 1824 -32.16 -5.89 -44.96
N LEU A 1825 -31.73 -5.77 -43.69
CA LEU A 1825 -32.02 -6.73 -42.66
C LEU A 1825 -32.77 -6.05 -41.52
N LEU A 1826 -33.80 -6.72 -41.01
CA LEU A 1826 -34.65 -6.16 -39.97
C LEU A 1826 -34.89 -7.18 -38.86
N GLY A 1827 -35.05 -6.65 -37.65
CA GLY A 1827 -35.36 -7.47 -36.50
C GLY A 1827 -35.43 -6.61 -35.28
N VAL A 1828 -36.11 -7.13 -34.26
CA VAL A 1828 -36.20 -6.42 -32.99
C VAL A 1828 -34.88 -6.55 -32.23
N ASN A 1829 -34.65 -5.63 -31.29
CA ASN A 1829 -33.44 -5.66 -30.49
C ASN A 1829 -33.33 -6.99 -29.75
N GLY A 1830 -32.28 -7.73 -30.04
CA GLY A 1830 -32.12 -9.08 -29.53
C GLY A 1830 -32.41 -10.18 -30.53
N ALA A 1831 -32.65 -9.84 -31.79
CA ALA A 1831 -32.92 -10.87 -32.80
C ALA A 1831 -31.64 -11.56 -33.26
N GLY A 1832 -30.52 -10.85 -33.31
CA GLY A 1832 -29.26 -11.44 -33.75
C GLY A 1832 -28.60 -10.72 -34.91
N LYS A 1833 -28.89 -9.43 -35.06
CA LYS A 1833 -28.28 -8.66 -36.15
C LYS A 1833 -26.78 -8.48 -35.91
N THR A 1834 -26.39 -8.04 -34.71
CA THR A 1834 -25.00 -7.73 -34.43
C THR A 1834 -24.13 -8.98 -34.46
N SER A 1835 -24.65 -10.11 -33.97
CA SER A 1835 -23.90 -11.36 -34.05
C SER A 1835 -23.64 -11.75 -35.50
N THR A 1836 -24.66 -11.63 -36.34
CA THR A 1836 -24.50 -11.95 -37.76
C THR A 1836 -23.45 -11.05 -38.40
N PHE A 1837 -23.51 -9.75 -38.10
CA PHE A 1837 -22.53 -8.83 -38.66
C PHE A 1837 -21.12 -9.13 -38.18
N ARG A 1838 -20.97 -9.50 -36.91
CA ARG A 1838 -19.63 -9.78 -36.39
C ARG A 1838 -19.06 -11.06 -36.99
N MET A 1839 -19.87 -12.11 -37.15
CA MET A 1839 -19.32 -13.32 -37.76
C MET A 1839 -19.03 -13.12 -39.24
N VAL A 1840 -19.90 -12.42 -39.97
CA VAL A 1840 -19.66 -12.18 -41.39
C VAL A 1840 -18.42 -11.31 -41.57
N THR A 1841 -18.33 -10.23 -40.78
CA THR A 1841 -17.17 -9.34 -40.84
C THR A 1841 -15.90 -10.03 -40.38
N GLY A 1842 -16.00 -10.86 -39.34
CA GLY A 1842 -14.86 -11.61 -38.84
C GLY A 1842 -14.40 -11.24 -37.44
N ASP A 1843 -15.10 -10.32 -36.76
CA ASP A 1843 -14.70 -9.95 -35.41
C ASP A 1843 -14.87 -11.12 -34.44
N THR A 1844 -15.95 -11.89 -34.58
CA THR A 1844 -16.23 -13.01 -33.70
C THR A 1844 -16.09 -14.32 -34.47
N LEU A 1845 -15.60 -15.34 -33.76
CA LEU A 1845 -15.45 -16.66 -34.37
C LEU A 1845 -16.82 -17.27 -34.66
N ALA A 1846 -16.90 -18.05 -35.74
CA ALA A 1846 -18.13 -18.71 -36.14
C ALA A 1846 -18.12 -20.15 -35.66
N SER A 1847 -19.16 -20.53 -34.92
CA SER A 1847 -19.24 -21.89 -34.40
C SER A 1847 -19.42 -22.91 -35.52
N ARG A 1848 -20.30 -22.63 -36.48
CA ARG A 1848 -20.57 -23.54 -37.58
C ARG A 1848 -20.87 -22.75 -38.83
N GLY A 1849 -20.31 -23.19 -39.96
CA GLY A 1849 -20.53 -22.54 -41.23
C GLY A 1849 -19.45 -21.54 -41.58
N GLU A 1850 -19.45 -21.14 -42.85
CA GLU A 1850 -18.47 -20.21 -43.38
C GLU A 1850 -19.13 -19.30 -44.39
N ALA A 1851 -18.50 -18.15 -44.64
CA ALA A 1851 -18.97 -17.17 -45.60
C ALA A 1851 -17.85 -16.85 -46.59
N VAL A 1852 -18.22 -16.64 -47.85
CA VAL A 1852 -17.27 -16.33 -48.91
C VAL A 1852 -17.58 -14.93 -49.44
N LEU A 1853 -16.53 -14.15 -49.64
CA LEU A 1853 -16.64 -12.78 -50.12
C LEU A 1853 -15.80 -12.61 -51.36
N ALA A 1854 -16.45 -12.29 -52.49
CA ALA A 1854 -15.78 -12.08 -53.77
C ALA A 1854 -14.92 -13.28 -54.15
N GLY A 1855 -15.44 -14.48 -53.89
CA GLY A 1855 -14.71 -15.69 -54.19
C GLY A 1855 -13.53 -15.96 -53.29
N HIS A 1856 -13.51 -15.36 -52.09
CA HIS A 1856 -12.42 -15.55 -51.14
C HIS A 1856 -12.98 -16.13 -49.86
N SER A 1857 -12.48 -17.30 -49.47
CA SER A 1857 -12.92 -17.95 -48.24
C SER A 1857 -12.30 -17.27 -47.04
N VAL A 1858 -13.08 -17.12 -45.96
CA VAL A 1858 -12.59 -16.47 -44.75
C VAL A 1858 -11.51 -17.32 -44.09
N ALA A 1859 -11.77 -18.62 -43.92
CA ALA A 1859 -10.80 -19.49 -43.26
C ALA A 1859 -9.55 -19.67 -44.11
N ARG A 1860 -9.71 -19.85 -45.42
CA ARG A 1860 -8.57 -20.15 -46.28
C ARG A 1860 -7.62 -18.96 -46.37
N GLU A 1861 -8.15 -17.76 -46.63
CA GLU A 1861 -7.34 -16.56 -46.75
C GLU A 1861 -8.17 -15.37 -46.31
N PRO A 1862 -8.16 -15.05 -45.01
CA PRO A 1862 -8.87 -13.85 -44.55
C PRO A 1862 -8.34 -12.56 -45.16
N SER A 1863 -7.03 -12.47 -45.40
CA SER A 1863 -6.42 -11.20 -45.81
C SER A 1863 -6.97 -10.71 -47.14
N ALA A 1864 -7.15 -11.62 -48.10
CA ALA A 1864 -7.72 -11.22 -49.39
C ALA A 1864 -9.14 -10.70 -49.23
N ALA A 1865 -9.92 -11.35 -48.36
CA ALA A 1865 -11.28 -10.87 -48.09
C ALA A 1865 -11.26 -9.50 -47.43
N HIS A 1866 -10.24 -9.22 -46.62
CA HIS A 1866 -10.16 -7.96 -45.91
C HIS A 1866 -9.96 -6.78 -46.86
N LEU A 1867 -9.54 -7.04 -48.11
CA LEU A 1867 -9.14 -5.96 -49.00
C LEU A 1867 -10.34 -5.18 -49.53
N SER A 1868 -11.41 -5.88 -49.90
CA SER A 1868 -12.53 -5.28 -50.62
C SER A 1868 -13.80 -5.21 -49.77
N MET A 1869 -13.67 -4.84 -48.51
CA MET A 1869 -14.82 -4.74 -47.62
C MET A 1869 -14.67 -3.48 -46.77
N GLY A 1870 -15.77 -2.76 -46.57
CA GLY A 1870 -15.76 -1.58 -45.73
C GLY A 1870 -16.80 -1.62 -44.64
N TYR A 1871 -16.38 -1.68 -43.38
CA TYR A 1871 -17.27 -1.97 -42.26
C TYR A 1871 -17.51 -0.72 -41.43
N CYS A 1872 -18.78 -0.46 -41.11
CA CYS A 1872 -19.17 0.65 -40.25
C CYS A 1872 -20.19 0.17 -39.23
N PRO A 1873 -19.75 -0.13 -38.00
CA PRO A 1873 -20.67 -0.62 -36.98
C PRO A 1873 -21.42 0.53 -36.31
N GLN A 1874 -22.28 0.16 -35.36
CA GLN A 1874 -22.91 1.17 -34.51
C GLN A 1874 -21.86 1.89 -33.67
N SER A 1875 -20.88 1.15 -33.15
CA SER A 1875 -19.81 1.78 -32.38
C SER A 1875 -18.96 2.66 -33.28
N ASP A 1876 -18.64 3.84 -32.78
CA ASP A 1876 -17.93 4.85 -33.58
C ASP A 1876 -16.45 4.73 -33.26
N ALA A 1877 -15.77 3.85 -33.99
CA ALA A 1877 -14.36 3.53 -33.76
C ALA A 1877 -13.49 4.57 -34.45
N ILE A 1878 -13.20 5.65 -33.73
CA ILE A 1878 -12.33 6.70 -34.23
C ILE A 1878 -11.34 7.08 -33.12
N PHE A 1879 -10.27 7.75 -33.53
CA PHE A 1879 -9.26 8.25 -32.59
C PHE A 1879 -9.62 9.68 -32.21
N GLU A 1880 -9.89 9.90 -30.93
CA GLU A 1880 -10.44 11.18 -30.48
C GLU A 1880 -9.48 12.33 -30.74
N LEU A 1881 -8.19 12.14 -30.44
CA LEU A 1881 -7.24 13.25 -30.53
C LEU A 1881 -7.08 13.74 -31.97
N LEU A 1882 -7.02 12.82 -32.92
CA LEU A 1882 -6.85 13.20 -34.32
C LEU A 1882 -8.13 13.82 -34.86
N THR A 1883 -7.98 14.67 -35.87
CA THR A 1883 -9.14 15.21 -36.57
C THR A 1883 -9.60 14.23 -37.63
N GLY A 1884 -10.85 14.40 -38.08
CA GLY A 1884 -11.42 13.47 -39.05
C GLY A 1884 -10.64 13.44 -40.35
N ARG A 1885 -10.16 14.59 -40.80
CA ARG A 1885 -9.39 14.63 -42.04
C ARG A 1885 -8.14 13.75 -41.93
N GLU A 1886 -7.31 13.97 -40.90
CA GLU A 1886 -6.15 13.09 -40.68
C GLU A 1886 -6.54 11.62 -40.69
N HIS A 1887 -7.69 11.28 -40.09
CA HIS A 1887 -8.18 9.91 -40.19
C HIS A 1887 -8.31 9.50 -41.65
N LEU A 1888 -8.86 10.39 -42.48
CA LEU A 1888 -9.13 10.00 -43.86
C LEU A 1888 -7.84 9.86 -44.65
N GLU A 1889 -6.88 10.80 -44.50
CA GLU A 1889 -5.62 10.63 -45.21
C GLU A 1889 -4.87 9.39 -44.72
N LEU A 1890 -4.95 9.09 -43.42
CA LEU A 1890 -4.28 7.91 -42.90
C LEU A 1890 -4.86 6.64 -43.53
N LEU A 1891 -6.18 6.52 -43.55
CA LEU A 1891 -6.80 5.33 -44.14
C LEU A 1891 -6.57 5.27 -45.64
N ALA A 1892 -6.52 6.42 -46.32
CA ALA A 1892 -6.21 6.42 -47.75
C ALA A 1892 -4.78 5.95 -48.00
N ARG A 1893 -3.84 6.37 -47.16
CA ARG A 1893 -2.47 5.90 -47.30
C ARG A 1893 -2.38 4.41 -47.04
N LEU A 1894 -3.15 3.91 -46.07
CA LEU A 1894 -3.30 2.45 -45.95
C LEU A 1894 -3.97 1.87 -47.18
N ARG A 1895 -4.97 2.57 -47.73
CA ARG A 1895 -5.64 2.09 -48.94
C ARG A 1895 -4.69 2.07 -50.13
N GLY A 1896 -3.88 3.11 -50.29
CA GLY A 1896 -2.94 3.17 -51.39
C GLY A 1896 -3.20 4.27 -52.39
N VAL A 1897 -3.87 5.33 -51.95
CA VAL A 1897 -4.14 6.47 -52.83
C VAL A 1897 -2.81 7.13 -53.20
N PRO A 1898 -2.59 7.52 -54.46
CA PRO A 1898 -1.35 8.23 -54.80
C PRO A 1898 -1.22 9.52 -54.00
N GLU A 1899 0.02 9.82 -53.60
CA GLU A 1899 0.27 10.89 -52.65
C GLU A 1899 -0.20 12.25 -53.17
N ALA A 1900 -0.09 12.49 -54.47
CA ALA A 1900 -0.50 13.78 -55.02
C ALA A 1900 -2.00 14.01 -54.86
N GLN A 1901 -2.79 12.96 -55.05
CA GLN A 1901 -4.25 13.07 -55.04
C GLN A 1901 -4.86 12.82 -53.66
N VAL A 1902 -4.04 12.63 -52.62
CA VAL A 1902 -4.58 12.31 -51.31
C VAL A 1902 -5.41 13.47 -50.77
N ALA A 1903 -4.91 14.71 -50.93
CA ALA A 1903 -5.65 15.86 -50.42
C ALA A 1903 -6.99 16.03 -51.13
N GLN A 1904 -7.00 15.87 -52.46
CA GLN A 1904 -8.25 15.97 -53.20
C GLN A 1904 -9.22 14.86 -52.83
N THR A 1905 -8.70 13.64 -52.63
CA THR A 1905 -9.55 12.54 -52.18
C THR A 1905 -10.15 12.84 -50.82
N ALA A 1906 -9.36 13.41 -49.91
CA ALA A 1906 -9.87 13.78 -48.60
C ALA A 1906 -10.96 14.84 -48.72
N GLY A 1907 -10.74 15.85 -49.55
CA GLY A 1907 -11.74 16.89 -49.74
C GLY A 1907 -13.04 16.34 -50.27
N SER A 1908 -12.96 15.47 -51.28
CA SER A 1908 -14.16 14.86 -51.84
C SER A 1908 -14.86 13.97 -50.81
N GLY A 1909 -14.10 13.16 -50.09
CA GLY A 1909 -14.70 12.26 -49.10
C GLY A 1909 -15.41 13.01 -48.00
N LEU A 1910 -14.82 14.12 -47.53
CA LEU A 1910 -15.50 14.91 -46.51
C LEU A 1910 -16.71 15.62 -47.10
N ALA A 1911 -16.57 16.21 -48.30
CA ALA A 1911 -17.67 16.97 -48.89
C ALA A 1911 -18.88 16.09 -49.20
N ARG A 1912 -18.66 14.80 -49.45
CA ARG A 1912 -19.78 13.90 -49.67
C ARG A 1912 -20.71 13.84 -48.47
N LEU A 1913 -20.17 13.95 -47.26
CA LEU A 1913 -20.94 13.85 -46.02
C LEU A 1913 -20.68 15.08 -45.14
N GLY A 1914 -20.70 16.26 -45.74
CA GLY A 1914 -20.54 17.50 -44.99
C GLY A 1914 -19.17 17.67 -44.38
N LEU A 1915 -19.12 17.74 -43.05
CA LEU A 1915 -17.87 17.77 -42.27
C LEU A 1915 -16.96 18.93 -42.65
N SER A 1916 -17.44 19.89 -43.43
CA SER A 1916 -16.60 20.99 -43.86
C SER A 1916 -16.17 21.87 -42.67
N TRP A 1917 -17.11 22.17 -41.78
CA TRP A 1917 -16.78 22.98 -40.61
C TRP A 1917 -16.05 22.17 -39.54
N TYR A 1918 -16.30 20.86 -39.49
CA TYR A 1918 -15.66 19.98 -38.51
C TYR A 1918 -14.42 19.29 -39.06
N ALA A 1919 -13.96 19.66 -40.25
CA ALA A 1919 -12.82 18.99 -40.86
C ALA A 1919 -11.56 19.15 -40.01
N ASP A 1920 -11.29 20.38 -39.56
CA ASP A 1920 -10.09 20.67 -38.78
C ASP A 1920 -10.28 20.48 -37.28
N ARG A 1921 -11.48 20.09 -36.84
CA ARG A 1921 -11.74 19.87 -35.43
C ARG A 1921 -11.43 18.42 -35.05
N PRO A 1922 -10.81 18.20 -33.88
CA PRO A 1922 -10.49 16.84 -33.47
C PRO A 1922 -11.73 15.97 -33.32
N ALA A 1923 -11.56 14.67 -33.55
CA ALA A 1923 -12.67 13.73 -33.45
C ALA A 1923 -13.20 13.62 -32.03
N GLY A 1924 -12.40 13.98 -31.02
CA GLY A 1924 -12.88 13.96 -29.65
C GLY A 1924 -13.98 14.98 -29.41
N THR A 1925 -13.83 16.18 -29.96
CA THR A 1925 -14.81 17.24 -29.78
C THR A 1925 -15.78 17.30 -30.96
N TYR A 1926 -16.54 16.22 -31.11
CA TYR A 1926 -17.56 16.11 -32.14
C TYR A 1926 -18.92 15.85 -31.50
N SER A 1927 -19.98 16.24 -32.21
CA SER A 1927 -21.34 15.99 -31.76
C SER A 1927 -21.71 14.53 -32.02
N GLY A 1928 -22.96 14.18 -31.72
CA GLY A 1928 -23.39 12.80 -31.88
C GLY A 1928 -23.34 12.34 -33.33
N GLY A 1929 -24.07 13.02 -34.21
CA GLY A 1929 -24.17 12.57 -35.59
C GLY A 1929 -22.87 12.71 -36.36
N ASN A 1930 -22.02 13.67 -35.97
CA ASN A 1930 -20.77 13.89 -36.68
C ASN A 1930 -19.88 12.65 -36.62
N LYS A 1931 -19.79 12.01 -35.46
CA LYS A 1931 -18.97 10.81 -35.33
C LYS A 1931 -19.49 9.68 -36.20
N ARG A 1932 -20.81 9.48 -36.24
CA ARG A 1932 -21.38 8.44 -37.09
C ARG A 1932 -21.10 8.71 -38.57
N LYS A 1933 -21.28 9.95 -39.02
CA LYS A 1933 -21.05 10.22 -40.44
C LYS A 1933 -19.56 10.13 -40.77
N LEU A 1934 -18.69 10.50 -39.83
CA LEU A 1934 -17.25 10.32 -40.05
C LEU A 1934 -16.89 8.85 -40.17
N ALA A 1935 -17.46 8.00 -39.31
CA ALA A 1935 -17.20 6.57 -39.41
C ALA A 1935 -17.73 6.00 -40.72
N THR A 1936 -18.92 6.45 -41.14
CA THR A 1936 -19.47 6.00 -42.42
C THR A 1936 -18.57 6.41 -43.58
N ALA A 1937 -18.06 7.64 -43.55
CA ALA A 1937 -17.13 8.09 -44.59
C ALA A 1937 -15.85 7.26 -44.58
N LEU A 1938 -15.34 6.96 -43.39
CA LEU A 1938 -14.13 6.13 -43.30
C LEU A 1938 -14.36 4.75 -43.88
N ALA A 1939 -15.53 4.17 -43.63
CA ALA A 1939 -15.86 2.89 -44.25
C ALA A 1939 -15.97 3.03 -45.76
N LEU A 1940 -16.49 4.16 -46.24
CA LEU A 1940 -16.66 4.38 -47.67
C LEU A 1940 -15.35 4.69 -48.38
N VAL A 1941 -14.41 5.34 -47.69
CA VAL A 1941 -13.15 5.74 -48.31
C VAL A 1941 -12.37 4.51 -48.74
N GLY A 1942 -11.83 4.55 -49.96
CA GLY A 1942 -11.14 3.43 -50.54
C GLY A 1942 -11.97 2.62 -51.52
N ASP A 1943 -13.27 2.89 -51.60
CA ASP A 1943 -14.20 2.22 -52.49
C ASP A 1943 -14.18 0.70 -52.33
N PRO A 1944 -14.60 0.17 -51.18
CA PRO A 1944 -14.67 -1.30 -51.05
C PRO A 1944 -15.74 -1.88 -51.95
N ALA A 1945 -15.56 -3.16 -52.29
CA ALA A 1945 -16.54 -3.85 -53.12
C ALA A 1945 -17.89 -3.96 -52.42
N VAL A 1946 -17.89 -4.29 -51.14
CA VAL A 1946 -19.11 -4.42 -50.34
C VAL A 1946 -18.95 -3.59 -49.08
N VAL A 1947 -19.99 -2.85 -48.71
CA VAL A 1947 -19.94 -1.95 -47.57
C VAL A 1947 -21.03 -2.36 -46.58
N PHE A 1948 -20.62 -2.68 -45.35
CA PHE A 1948 -21.51 -3.08 -44.27
C PHE A 1948 -21.82 -1.89 -43.36
N LEU A 1949 -23.09 -1.73 -43.00
CA LEU A 1949 -23.54 -0.65 -42.12
C LEU A 1949 -24.49 -1.21 -41.08
N ASP A 1950 -24.08 -1.12 -39.81
CA ASP A 1950 -24.91 -1.53 -38.69
C ASP A 1950 -25.49 -0.27 -38.04
N GLU A 1951 -26.80 -0.09 -38.16
CA GLU A 1951 -27.51 1.06 -37.62
C GLU A 1951 -26.84 2.39 -38.01
N PRO A 1952 -26.78 2.71 -39.30
CA PRO A 1952 -26.15 3.98 -39.70
C PRO A 1952 -26.83 5.21 -39.14
N THR A 1953 -28.16 5.17 -38.99
CA THR A 1953 -28.93 6.31 -38.52
C THR A 1953 -29.43 6.03 -37.09
N THR A 1954 -28.92 6.80 -36.14
CA THR A 1954 -29.36 6.73 -34.75
C THR A 1954 -29.33 8.16 -34.20
N GLY A 1955 -30.48 8.83 -34.21
CA GLY A 1955 -30.56 10.21 -33.77
C GLY A 1955 -29.73 11.15 -34.64
N MET A 1956 -29.87 11.02 -35.95
CA MET A 1956 -29.14 11.82 -36.91
C MET A 1956 -30.08 12.83 -37.58
N ASP A 1957 -29.52 13.99 -37.94
CA ASP A 1957 -30.29 15.02 -38.60
C ASP A 1957 -30.79 14.52 -39.96
N PRO A 1958 -32.01 14.93 -40.36
CA PRO A 1958 -32.54 14.45 -41.66
C PRO A 1958 -31.67 14.82 -42.85
N SER A 1959 -30.98 15.96 -42.82
CA SER A 1959 -30.12 16.33 -43.94
C SER A 1959 -28.97 15.34 -44.10
N ALA A 1960 -28.33 14.97 -42.99
CA ALA A 1960 -27.22 14.02 -43.05
C ALA A 1960 -27.70 12.64 -43.51
N ARG A 1961 -28.86 12.20 -43.03
CA ARG A 1961 -29.37 10.92 -43.50
C ARG A 1961 -29.73 10.98 -44.99
N ARG A 1962 -30.23 12.13 -45.45
CA ARG A 1962 -30.49 12.28 -46.88
C ARG A 1962 -29.19 12.20 -47.68
N PHE A 1963 -28.12 12.79 -47.15
CA PHE A 1963 -26.81 12.63 -47.78
C PHE A 1963 -26.39 11.16 -47.81
N LEU A 1964 -26.70 10.41 -46.75
CA LEU A 1964 -26.40 8.99 -46.74
C LEU A 1964 -27.18 8.25 -47.82
N TRP A 1965 -28.48 8.55 -47.95
CA TRP A 1965 -29.27 8.03 -49.07
C TRP A 1965 -28.62 8.31 -50.41
N ASN A 1966 -28.22 9.57 -50.64
CA ASN A 1966 -27.64 9.94 -51.93
C ASN A 1966 -26.34 9.19 -52.19
N SER A 1967 -25.48 9.10 -51.17
CA SER A 1967 -24.20 8.41 -51.34
C SER A 1967 -24.41 6.92 -51.62
N LEU A 1968 -25.34 6.28 -50.90
CA LEU A 1968 -25.59 4.87 -51.14
C LEU A 1968 -26.24 4.63 -52.49
N LEU A 1969 -27.10 5.56 -52.92
CA LEU A 1969 -27.68 5.46 -54.26
C LEU A 1969 -26.60 5.56 -55.33
N ALA A 1970 -25.64 6.48 -55.15
CA ALA A 1970 -24.54 6.57 -56.11
C ALA A 1970 -23.70 5.29 -56.10
N VAL A 1971 -23.44 4.75 -54.91
CA VAL A 1971 -22.63 3.54 -54.80
C VAL A 1971 -23.32 2.37 -55.52
N VAL A 1972 -24.61 2.20 -55.28
CA VAL A 1972 -25.33 1.11 -55.93
C VAL A 1972 -25.49 1.36 -57.43
N ARG A 1973 -25.50 2.63 -57.85
CA ARG A 1973 -25.42 2.93 -59.27
C ARG A 1973 -24.11 2.45 -59.88
N GLU A 1974 -23.01 2.65 -59.15
CA GLU A 1974 -21.71 2.18 -59.63
C GLU A 1974 -21.68 0.67 -59.77
N GLY A 1975 -22.46 -0.05 -58.96
CA GLY A 1975 -22.49 -1.49 -58.97
C GLY A 1975 -21.89 -2.15 -57.74
N ARG A 1976 -21.82 -1.45 -56.61
CA ARG A 1976 -21.22 -1.96 -55.39
C ARG A 1976 -22.31 -2.20 -54.36
N SER A 1977 -22.26 -3.37 -53.72
CA SER A 1977 -23.30 -3.77 -52.78
C SER A 1977 -23.11 -3.09 -51.43
N VAL A 1978 -24.22 -2.63 -50.87
CA VAL A 1978 -24.26 -2.00 -49.55
C VAL A 1978 -25.26 -2.77 -48.71
N MET A 1979 -24.78 -3.49 -47.71
CA MET A 1979 -25.64 -4.11 -46.72
C MET A 1979 -25.88 -3.11 -45.60
N LEU A 1980 -27.15 -2.87 -45.28
CA LEU A 1980 -27.53 -1.85 -44.31
C LEU A 1980 -28.59 -2.42 -43.40
N THR A 1981 -28.46 -2.15 -42.09
CA THR A 1981 -29.49 -2.54 -41.13
C THR A 1981 -29.85 -1.35 -40.25
N SER A 1982 -31.16 -1.09 -40.14
CA SER A 1982 -31.65 -0.01 -39.29
C SER A 1982 -33.10 -0.31 -38.94
N HIS A 1983 -33.61 0.39 -37.92
CA HIS A 1983 -34.98 0.24 -37.47
C HIS A 1983 -35.95 1.22 -38.15
N SER A 1984 -35.45 2.17 -38.93
CA SER A 1984 -36.30 3.12 -39.63
C SER A 1984 -36.93 2.40 -40.81
N MET A 1985 -38.20 2.00 -40.66
CA MET A 1985 -38.86 1.21 -41.69
C MET A 1985 -39.09 1.99 -42.97
N GLU A 1986 -39.33 3.30 -42.87
CA GLU A 1986 -39.56 4.10 -44.07
C GLU A 1986 -38.33 4.17 -44.96
N GLU A 1987 -37.12 4.00 -44.40
CA GLU A 1987 -35.92 4.04 -45.22
C GLU A 1987 -35.82 2.81 -46.12
N CYS A 1988 -36.10 1.64 -45.56
CA CYS A 1988 -35.92 0.40 -46.31
C CYS A 1988 -36.84 0.32 -47.52
N GLU A 1989 -38.09 0.75 -47.37
CA GLU A 1989 -39.04 0.67 -48.47
C GLU A 1989 -38.59 1.50 -49.67
N ALA A 1990 -37.93 2.63 -49.42
CA ALA A 1990 -37.60 3.56 -50.49
C ALA A 1990 -36.41 3.08 -51.33
N LEU A 1991 -35.38 2.52 -50.70
CA LEU A 1991 -34.11 2.33 -51.40
C LEU A 1991 -33.70 0.88 -51.59
N CYS A 1992 -33.79 0.04 -50.56
CA CYS A 1992 -33.21 -1.30 -50.66
C CYS A 1992 -34.08 -2.20 -51.53
N SER A 1993 -33.42 -3.03 -52.34
CA SER A 1993 -34.13 -3.89 -53.28
C SER A 1993 -34.76 -5.09 -52.59
N ARG A 1994 -34.10 -5.64 -51.57
CA ARG A 1994 -34.61 -6.81 -50.88
C ARG A 1994 -34.55 -6.59 -49.38
N LEU A 1995 -35.55 -7.11 -48.67
CA LEU A 1995 -35.67 -6.99 -47.23
C LEU A 1995 -35.85 -8.38 -46.62
N ALA A 1996 -35.14 -8.63 -45.53
CA ALA A 1996 -35.29 -9.88 -44.80
C ALA A 1996 -35.48 -9.58 -43.33
N ILE A 1997 -36.54 -10.13 -42.75
CA ILE A 1997 -36.85 -9.95 -41.33
C ILE A 1997 -36.52 -11.25 -40.60
N MET A 1998 -35.92 -11.12 -39.42
CA MET A 1998 -35.39 -12.26 -38.69
C MET A 1998 -35.89 -12.24 -37.26
N VAL A 1999 -36.33 -13.39 -36.77
CA VAL A 1999 -36.71 -13.59 -35.38
C VAL A 1999 -36.04 -14.85 -34.87
N ASN A 2000 -35.48 -14.79 -33.67
CA ASN A 2000 -34.78 -15.92 -33.04
C ASN A 2000 -33.69 -16.48 -33.95
N GLY A 2001 -33.08 -15.61 -34.75
CA GLY A 2001 -32.02 -16.03 -35.64
C GLY A 2001 -32.47 -16.71 -36.91
N ARG A 2002 -33.75 -16.64 -37.27
CA ARG A 2002 -34.26 -17.27 -38.47
C ARG A 2002 -35.07 -16.27 -39.28
N PHE A 2003 -34.89 -16.30 -40.60
CA PHE A 2003 -35.67 -15.45 -41.49
C PHE A 2003 -37.13 -15.85 -41.49
N ARG A 2004 -37.98 -14.89 -41.84
CA ARG A 2004 -39.42 -15.12 -41.93
C ARG A 2004 -39.95 -14.96 -43.35
N CYS A 2005 -39.64 -13.86 -44.02
CA CYS A 2005 -40.21 -13.56 -45.33
C CYS A 2005 -39.22 -13.78 -46.46
N LEU A 2006 -38.08 -13.12 -46.45
CA LEU A 2006 -37.05 -13.22 -47.49
C LEU A 2006 -37.65 -12.96 -48.88
N GLY A 2007 -38.12 -11.73 -49.06
CA GLY A 2007 -38.70 -11.33 -50.33
C GLY A 2007 -38.54 -9.84 -50.55
N SER A 2008 -38.79 -9.43 -51.79
CA SER A 2008 -38.73 -8.01 -52.13
C SER A 2008 -39.86 -7.26 -51.44
N PRO A 2009 -39.67 -5.97 -51.14
CA PRO A 2009 -40.72 -5.22 -50.44
C PRO A 2009 -42.04 -5.17 -51.20
N GLN A 2010 -42.00 -5.08 -52.54
CA GLN A 2010 -43.23 -5.04 -53.30
C GLN A 2010 -43.95 -6.38 -53.27
N HIS A 2011 -43.19 -7.48 -53.30
CA HIS A 2011 -43.81 -8.80 -53.17
C HIS A 2011 -44.47 -8.98 -51.82
N LEU A 2012 -43.82 -8.50 -50.75
CA LEU A 2012 -44.41 -8.60 -49.41
C LEU A 2012 -45.66 -7.73 -49.30
N LYS A 2013 -45.65 -6.55 -49.90
CA LYS A 2013 -46.78 -5.63 -49.82
C LYS A 2013 -48.02 -6.18 -50.52
N GLY A 2014 -47.88 -7.20 -51.34
CA GLY A 2014 -49.02 -7.77 -52.05
C GLY A 2014 -49.36 -9.19 -51.63
N ARG A 2015 -48.35 -9.95 -51.18
CA ARG A 2015 -48.60 -11.34 -50.83
C ARG A 2015 -49.49 -11.46 -49.59
N PHE A 2016 -49.15 -10.73 -48.53
CA PHE A 2016 -49.95 -10.74 -47.31
C PHE A 2016 -50.39 -9.36 -46.85
N ALA A 2017 -49.61 -8.31 -47.10
CA ALA A 2017 -49.96 -6.97 -46.62
C ALA A 2017 -50.99 -6.31 -47.52
N ALA A 2018 -52.11 -6.98 -47.75
CA ALA A 2018 -53.19 -6.44 -48.57
C ALA A 2018 -54.51 -6.89 -47.99
N GLY A 2019 -55.51 -6.02 -48.05
CA GLY A 2019 -56.82 -6.31 -47.50
C GLY A 2019 -57.28 -5.25 -46.52
N HIS A 2020 -58.17 -5.63 -45.60
CA HIS A 2020 -58.58 -4.69 -44.55
C HIS A 2020 -58.93 -5.47 -43.29
N THR A 2021 -58.68 -4.84 -42.14
CA THR A 2021 -58.85 -5.46 -40.83
C THR A 2021 -59.84 -4.64 -40.02
N LEU A 2022 -60.94 -5.28 -39.62
CA LEU A 2022 -61.94 -4.61 -38.80
C LEU A 2022 -61.44 -4.52 -37.36
N THR A 2023 -61.59 -3.34 -36.76
CA THR A 2023 -61.21 -3.09 -35.38
C THR A 2023 -62.46 -2.87 -34.55
N LEU A 2024 -62.59 -3.62 -33.47
CA LEU A 2024 -63.80 -3.59 -32.64
C LEU A 2024 -63.44 -3.30 -31.20
N ARG A 2025 -64.29 -2.51 -30.54
CA ARG A 2025 -64.15 -2.17 -29.13
C ARG A 2025 -65.30 -2.82 -28.37
N VAL A 2026 -64.98 -3.67 -27.40
CA VAL A 2026 -66.00 -4.38 -26.64
C VAL A 2026 -65.77 -4.18 -25.14
N PRO A 2027 -66.79 -3.74 -24.39
CA PRO A 2027 -66.63 -3.63 -22.94
C PRO A 2027 -67.07 -4.90 -22.22
N ALA A 2028 -67.79 -5.76 -22.93
CA ALA A 2028 -68.36 -6.96 -22.31
C ALA A 2028 -67.30 -7.98 -21.93
N ALA A 2029 -66.10 -7.88 -22.51
CA ALA A 2029 -65.01 -8.82 -22.23
C ALA A 2029 -65.40 -10.27 -22.55
N ARG A 2030 -66.35 -10.44 -23.47
CA ARG A 2030 -66.79 -11.75 -23.90
C ARG A 2030 -66.39 -11.95 -25.36
N SER A 2031 -65.55 -12.95 -25.61
CA SER A 2031 -65.04 -13.17 -26.96
C SER A 2031 -66.08 -13.82 -27.88
N GLN A 2032 -66.97 -14.64 -27.32
CA GLN A 2032 -67.94 -15.36 -28.15
C GLN A 2032 -68.89 -14.44 -28.89
N PRO A 2033 -69.54 -13.44 -28.27
CA PRO A 2033 -70.46 -12.58 -29.05
C PRO A 2033 -69.78 -11.86 -30.20
N ALA A 2034 -68.54 -11.41 -30.02
CA ALA A 2034 -67.85 -10.68 -31.08
C ALA A 2034 -67.37 -11.63 -32.17
N ALA A 2035 -66.86 -12.80 -31.81
CA ALA A 2035 -66.30 -13.71 -32.81
C ALA A 2035 -67.39 -14.42 -33.61
N ALA A 2036 -68.56 -14.63 -33.00
CA ALA A 2036 -69.60 -15.42 -33.67
C ALA A 2036 -70.12 -14.74 -34.93
N PHE A 2037 -70.45 -13.45 -34.83
CA PHE A 2037 -71.06 -12.77 -35.97
C PHE A 2037 -70.05 -12.43 -37.05
N VAL A 2038 -68.81 -12.14 -36.69
CA VAL A 2038 -67.78 -11.88 -37.70
C VAL A 2038 -67.50 -13.14 -38.51
N ALA A 2039 -67.38 -14.29 -37.84
CA ALA A 2039 -67.11 -15.54 -38.54
C ALA A 2039 -68.25 -15.91 -39.47
N ALA A 2040 -69.50 -15.71 -39.02
CA ALA A 2040 -70.64 -16.03 -39.88
C ALA A 2040 -70.72 -15.08 -41.06
N GLU A 2041 -70.52 -13.78 -40.83
CA GLU A 2041 -70.64 -12.80 -41.91
C GLU A 2041 -69.49 -12.93 -42.91
N PHE A 2042 -68.26 -13.02 -42.42
CA PHE A 2042 -67.08 -13.11 -43.26
C PHE A 2042 -66.40 -14.45 -43.05
N PRO A 2043 -66.08 -15.18 -44.13
CA PRO A 2043 -65.52 -16.53 -43.97
C PRO A 2043 -64.24 -16.57 -43.15
N GLY A 2044 -63.37 -15.58 -43.28
CA GLY A 2044 -62.14 -15.55 -42.52
C GLY A 2044 -62.34 -15.13 -41.08
N ALA A 2045 -61.97 -16.00 -40.14
CA ALA A 2045 -62.16 -15.75 -38.72
C ALA A 2045 -60.83 -15.82 -37.97
N GLU A 2046 -59.77 -15.29 -38.57
CA GLU A 2046 -58.47 -15.25 -37.91
C GLU A 2046 -58.41 -14.08 -36.94
N LEU A 2047 -57.79 -14.30 -35.79
CA LEU A 2047 -57.72 -13.31 -34.72
C LEU A 2047 -56.31 -12.71 -34.66
N ARG A 2048 -56.23 -11.39 -34.73
CA ARG A 2048 -54.97 -10.67 -34.60
C ARG A 2048 -55.09 -9.66 -33.46
N GLU A 2049 -54.10 -9.63 -32.58
CA GLU A 2049 -53.99 -8.66 -31.50
C GLU A 2049 -55.25 -8.65 -30.64
N ALA A 2050 -55.47 -9.78 -29.96
CA ALA A 2050 -56.66 -9.99 -29.15
C ALA A 2050 -56.39 -9.49 -27.74
N HIS A 2051 -57.11 -8.44 -27.34
CA HIS A 2051 -57.02 -7.90 -25.99
C HIS A 2051 -58.39 -7.38 -25.56
N GLY A 2052 -58.57 -7.29 -24.24
CA GLY A 2052 -59.84 -6.81 -23.71
C GLY A 2052 -60.11 -5.36 -24.05
N GLY A 2053 -59.07 -4.53 -24.06
CA GLY A 2053 -59.26 -3.12 -24.35
C GLY A 2053 -59.71 -2.86 -25.78
N ARG A 2054 -59.19 -3.63 -26.72
CA ARG A 2054 -59.52 -3.46 -28.13
C ARG A 2054 -59.23 -4.76 -28.86
N LEU A 2055 -60.09 -5.11 -29.81
CA LEU A 2055 -60.00 -6.35 -30.57
C LEU A 2055 -59.86 -6.06 -32.06
N ARG A 2056 -58.94 -6.77 -32.70
CA ARG A 2056 -58.69 -6.64 -34.13
C ARG A 2056 -58.99 -7.96 -34.82
N PHE A 2057 -59.44 -7.89 -36.07
CA PHE A 2057 -59.91 -9.06 -36.79
C PHE A 2057 -59.20 -9.19 -38.14
N GLN A 2058 -59.17 -10.42 -38.64
CA GLN A 2058 -58.64 -10.74 -39.96
C GLN A 2058 -59.73 -11.37 -40.80
N LEU A 2059 -59.83 -10.92 -42.05
CA LEU A 2059 -60.84 -11.39 -43.00
C LEU A 2059 -60.17 -11.56 -44.35
N PRO A 2060 -60.77 -12.36 -45.24
CA PRO A 2060 -60.12 -12.65 -46.53
C PRO A 2060 -59.81 -11.38 -47.30
N PRO A 2061 -58.60 -11.27 -47.85
CA PRO A 2061 -58.23 -10.06 -48.58
C PRO A 2061 -58.80 -10.04 -49.99
N GLY A 2062 -58.90 -8.84 -50.54
CA GLY A 2062 -59.34 -8.67 -51.92
C GLY A 2062 -60.75 -9.15 -52.17
N GLY A 2063 -61.68 -8.83 -51.27
CA GLY A 2063 -63.07 -9.23 -51.43
C GLY A 2063 -63.69 -8.68 -52.70
N ARG A 2064 -64.31 -9.57 -53.49
CA ARG A 2064 -64.93 -9.14 -54.74
C ARG A 2064 -66.13 -8.23 -54.49
N CYS A 2065 -66.90 -8.51 -53.44
CA CYS A 2065 -68.04 -7.68 -53.11
C CYS A 2065 -67.58 -6.31 -52.61
N ALA A 2066 -68.49 -5.35 -52.64
CA ALA A 2066 -68.17 -3.99 -52.24
C ALA A 2066 -67.87 -3.91 -50.76
N LEU A 2067 -67.01 -2.96 -50.39
CA LEU A 2067 -66.68 -2.72 -48.99
C LEU A 2067 -67.89 -2.19 -48.21
N ALA A 2068 -68.93 -1.73 -48.92
CA ALA A 2068 -70.10 -1.19 -48.26
C ALA A 2068 -70.86 -2.22 -47.44
N ARG A 2069 -70.58 -3.50 -47.63
CA ARG A 2069 -71.33 -4.54 -46.92
C ARG A 2069 -71.12 -4.44 -45.41
N VAL A 2070 -69.89 -4.13 -44.98
CA VAL A 2070 -69.57 -4.19 -43.56
C VAL A 2070 -70.20 -3.03 -42.80
N PHE A 2071 -70.31 -1.85 -43.43
CA PHE A 2071 -70.76 -0.66 -42.70
C PHE A 2071 -72.17 -0.83 -42.18
N GLY A 2072 -73.11 -1.22 -43.05
CA GLY A 2072 -74.45 -1.51 -42.58
C GLY A 2072 -74.50 -2.74 -41.70
N GLU A 2073 -73.71 -3.75 -42.05
CA GLU A 2073 -73.58 -4.93 -41.20
C GLU A 2073 -73.06 -4.56 -39.82
N LEU A 2074 -72.06 -3.66 -39.77
CA LEU A 2074 -71.57 -3.18 -38.48
C LEU A 2074 -72.66 -2.46 -37.70
N ALA A 2075 -73.46 -1.64 -38.40
CA ALA A 2075 -74.52 -0.90 -37.72
C ALA A 2075 -75.55 -1.84 -37.11
N VAL A 2076 -75.97 -2.86 -37.84
CA VAL A 2076 -76.95 -3.80 -37.31
C VAL A 2076 -76.34 -4.68 -36.21
N HIS A 2077 -75.10 -5.13 -36.41
CA HIS A 2077 -74.51 -6.04 -35.45
C HIS A 2077 -74.01 -5.35 -34.19
N GLY A 2078 -73.86 -4.02 -34.21
CA GLY A 2078 -73.63 -3.31 -32.96
C GLY A 2078 -74.80 -3.43 -32.01
N ALA A 2079 -76.02 -3.45 -32.55
CA ALA A 2079 -77.19 -3.75 -31.73
C ALA A 2079 -77.31 -5.25 -31.46
N GLU A 2080 -76.92 -6.08 -32.44
CA GLU A 2080 -77.02 -7.54 -32.26
C GLU A 2080 -76.13 -8.00 -31.10
N HIS A 2081 -74.90 -7.51 -31.03
CA HIS A 2081 -73.94 -7.89 -30.01
C HIS A 2081 -73.27 -6.63 -29.48
N GLY A 2082 -72.94 -6.64 -28.18
CA GLY A 2082 -72.44 -5.45 -27.53
C GLY A 2082 -71.12 -4.93 -28.07
N VAL A 2083 -71.19 -3.81 -28.81
CA VAL A 2083 -70.01 -3.13 -29.35
C VAL A 2083 -70.32 -1.64 -29.40
N GLU A 2084 -69.46 -0.82 -28.80
CA GLU A 2084 -69.71 0.62 -28.80
C GLU A 2084 -69.40 1.24 -30.15
N ASP A 2085 -68.14 1.17 -30.58
CA ASP A 2085 -67.69 1.84 -31.78
C ASP A 2085 -66.78 0.90 -32.57
N PHE A 2086 -66.32 1.37 -33.72
CA PHE A 2086 -65.50 0.54 -34.61
C PHE A 2086 -64.67 1.45 -35.51
N SER A 2087 -63.67 0.87 -36.14
CA SER A 2087 -62.88 1.54 -37.15
C SER A 2087 -62.38 0.51 -38.14
N VAL A 2088 -62.13 0.96 -39.37
CA VAL A 2088 -61.70 0.08 -40.46
C VAL A 2088 -60.28 0.44 -40.86
N SER A 2089 -59.47 -0.58 -41.15
CA SER A 2089 -58.07 -0.42 -41.52
C SER A 2089 -57.87 -1.05 -42.90
N GLN A 2090 -58.07 -0.26 -43.95
CA GLN A 2090 -58.04 -0.74 -45.33
C GLN A 2090 -56.91 -0.05 -46.08
N THR A 2091 -55.85 -0.81 -46.36
CA THR A 2091 -54.72 -0.35 -47.17
C THR A 2091 -54.19 1.00 -46.66
N MET A 2092 -53.89 1.03 -45.37
CA MET A 2092 -53.28 2.21 -44.77
C MET A 2092 -51.79 2.25 -45.05
N LEU A 2093 -51.19 3.42 -44.82
CA LEU A 2093 -49.75 3.49 -44.77
C LEU A 2093 -49.19 2.66 -43.62
N GLU A 2094 -49.99 2.47 -42.58
CA GLU A 2094 -49.60 1.65 -41.43
C GLU A 2094 -49.82 0.15 -41.68
N GLU A 2095 -50.40 -0.23 -42.81
CA GLU A 2095 -50.56 -1.65 -43.10
C GLU A 2095 -49.21 -2.34 -43.24
N VAL A 2096 -48.24 -1.68 -43.87
CA VAL A 2096 -46.89 -2.23 -43.93
C VAL A 2096 -46.26 -2.28 -42.54
N PHE A 2097 -46.56 -1.29 -41.69
CA PHE A 2097 -46.05 -1.32 -40.33
C PHE A 2097 -46.71 -2.42 -39.51
N LEU A 2098 -48.03 -2.57 -39.64
CA LEU A 2098 -48.72 -3.67 -38.97
C LEU A 2098 -48.20 -5.02 -39.42
N TYR A 2099 -47.76 -5.11 -40.69
CA TYR A 2099 -47.13 -6.34 -41.17
C TYR A 2099 -45.83 -6.61 -40.41
N PHE A 2100 -45.06 -5.57 -40.13
CA PHE A 2100 -43.77 -5.73 -39.47
C PHE A 2100 -43.95 -6.29 -38.06
N SER A 2101 -44.90 -5.76 -37.31
CA SER A 2101 -45.01 -6.10 -35.89
C SER A 2101 -45.38 -7.58 -35.70
N LYS A 2102 -46.33 -8.08 -36.48
CA LYS A 2102 -46.82 -9.44 -36.24
C LYS A 2102 -45.80 -10.49 -36.64
N ASP A 2103 -45.10 -10.28 -37.75
CA ASP A 2103 -44.09 -11.24 -38.19
C ASP A 2103 -42.69 -10.63 -38.18
#